data_2OT8
#
_entry.id   2OT8
#
_cell.length_a   153.197
_cell.length_b   155.001
_cell.length_c   141.528
_cell.angle_alpha   90.00
_cell.angle_beta   92.57
_cell.angle_gamma   90.00
#
_symmetry.space_group_name_H-M   'C 1 2 1'
#
loop_
_entity.id
_entity.type
_entity.pdbx_description
1 polymer Transportin-1
2 polymer 'Heterogeneous nuclear ribonucleoprotein M'
#
loop_
_entity_poly.entity_id
_entity_poly.type
_entity_poly.pdbx_seq_one_letter_code
_entity_poly.pdbx_strand_id
1 'polypeptide(L)'
;MEYEWKPDEQGLQQILQLLKESQSPDTTIQRTVQQKLEQLNQYPDFNNYLIFVLTKLKSEDEPTRSLSGLILKNNVKAHF
QNFPNGVTDFIKSECLNNIGDSSPLIRATVGILITTIASKGELQNWPDLLPKLCSLLDSEDYNTCEGAFGALQKICEDSA
EILDSDVLDRPLNIMIPKFLQFFKHSSPKIRSHAVACVNQFIISRTQALMLHIDSFIENLFALAGDEEPEVRKNVCRALV
MLLEVRMDRLLPHMHNIVEYMLQRTQDQDENVALEACEFWLTLAEQPICKDVLVRHLPKLIPVLVNGMKYSDIDIILLKG
DVEGGSGGDDTISDWNLRKCSAAALDVLANVYRDELLPHILPLLKELLFHHEWVVKESGILVLGAIAEGCMQGMIPYLPE
LIPHLIQCLSDKKALVRSITCWTLSRYAHWVVSQPPDTYLKPLMTELLKRILDSNKRVQEAACSAFATLEEEACTELVPY
LAYILDTLVFAFSKYQHKNLLILYDAIGTLADSVGHHLNKPEYIQMLMPPLIQKWNMLKDEDKDLFPLLECLSSVATALQ
SGFLPYCEPVYQRCVNLVQKTLAQAMLNNAQPDQYEAPDKDFMIVALDLLSGLAEGLGGNIEQLVARSNILTLMYQCMQD
KMPEVRQSSFALLGDLTKACFQHVKPCIADFMPILGTNLNPEFISVCNNATWAIGEISIQMGIEMQPYIPMVLHQLVEII
NRPNTPKTLLENTAITIGRLGYVCPQEVAPMLQQFIRPWCTSLRNIRDNEEKDSAFRGICTMISVNPSGVIQDFIFFCDA
VASWINPKDDLRDMFCKILHGFKNQVGDENWRRFSDQFPLPLKERLAAFYGV
;
A,B
2 'polypeptide(L)' ERPAQNEKRKEKNIKRGGNRFEPYANPTKR C,D
#
# COMPACT_ATOMS: atom_id res chain seq x y z
N GLN A 10 25.84 24.91 48.00
CA GLN A 10 26.05 24.96 46.52
C GLN A 10 24.75 25.29 45.80
N GLY A 11 24.55 24.69 44.62
CA GLY A 11 23.29 24.77 43.90
C GLY A 11 22.29 23.73 44.42
N LEU A 12 22.74 22.95 45.40
CA LEU A 12 21.87 22.02 46.12
C LEU A 12 20.93 22.81 47.02
N GLN A 13 21.42 23.94 47.54
CA GLN A 13 20.61 24.87 48.33
C GLN A 13 19.49 25.49 47.49
N GLN A 14 19.72 25.60 46.18
CA GLN A 14 18.70 26.04 45.22
C GLN A 14 17.71 24.93 44.91
N ILE A 15 18.16 23.68 45.07
CA ILE A 15 17.28 22.51 44.94
C ILE A 15 16.47 22.29 46.23
N LEU A 16 17.13 22.50 47.38
CA LEU A 16 16.50 22.34 48.70
C LEU A 16 15.39 23.35 48.98
N GLN A 17 15.24 24.33 48.10
CA GLN A 17 14.15 25.30 48.19
C GLN A 17 12.97 24.91 47.31
N LEU A 18 13.27 24.21 46.20
CA LEU A 18 12.24 23.73 45.27
C LEU A 18 11.44 22.54 45.83
N LEU A 19 12.12 21.71 46.63
CA LEU A 19 11.49 20.56 47.29
C LEU A 19 10.71 21.01 48.53
N LYS A 20 11.28 21.96 49.28
CA LYS A 20 10.65 22.51 50.49
C LYS A 20 9.56 23.57 50.19
N GLU A 21 9.23 23.72 48.91
CA GLU A 21 8.11 24.56 48.48
C GLU A 21 6.98 23.70 47.92
N SER A 22 7.35 22.56 47.34
CA SER A 22 6.38 21.58 46.85
C SER A 22 5.62 20.95 48.02
N GLN A 23 6.30 20.80 49.15
CA GLN A 23 5.71 20.25 50.37
C GLN A 23 4.92 21.32 51.13
N THR A 27 -1.93 25.79 46.85
CA THR A 27 -2.53 25.04 45.74
C THR A 27 -2.11 25.61 44.39
N THR A 28 -1.84 26.91 44.37
CA THR A 28 -1.40 27.60 43.16
C THR A 28 0.12 27.47 43.01
N ILE A 29 0.84 27.66 44.11
CA ILE A 29 2.30 27.54 44.13
C ILE A 29 2.77 26.13 43.78
N GLN A 30 1.90 25.14 43.97
CA GLN A 30 2.23 23.73 43.71
C GLN A 30 2.52 23.48 42.24
N ARG A 31 1.58 23.85 41.37
CA ARG A 31 1.75 23.70 39.92
C ARG A 31 2.93 24.50 39.38
N THR A 32 3.41 25.47 40.16
CA THR A 32 4.54 26.33 39.77
C THR A 32 5.90 25.66 39.99
N VAL A 33 6.06 24.98 41.13
CA VAL A 33 7.28 24.24 41.44
C VAL A 33 7.27 22.88 40.76
N GLN A 34 6.07 22.36 40.47
CA GLN A 34 5.92 21.05 39.82
C GLN A 34 6.38 21.06 38.36
N GLN A 35 6.12 22.16 37.67
CA GLN A 35 6.57 22.35 36.29
C GLN A 35 7.99 22.92 36.26
N LYS A 36 8.45 23.41 37.40
CA LYS A 36 9.82 23.92 37.55
C LYS A 36 10.82 22.80 37.84
N LEU A 37 10.35 21.74 38.52
CA LEU A 37 11.18 20.60 38.88
C LEU A 37 11.24 19.55 37.76
N GLU A 38 10.09 19.22 37.18
CA GLU A 38 10.01 18.25 36.08
C GLU A 38 10.78 18.70 34.84
N GLN A 39 10.96 20.02 34.71
CA GLN A 39 11.70 20.62 33.59
C GLN A 39 13.22 20.72 33.85
N LEU A 40 13.60 20.84 35.12
CA LEU A 40 15.03 20.93 35.49
C LEU A 40 15.76 19.58 35.40
N ASN A 41 15.09 18.59 34.81
CA ASN A 41 15.64 17.25 34.58
C ASN A 41 16.69 17.20 33.46
N GLN A 42 16.64 18.18 32.56
CA GLN A 42 17.63 18.31 31.48
C GLN A 42 19.04 18.57 32.02
N TYR A 43 19.15 19.52 32.97
CA TYR A 43 20.42 19.89 33.60
C TYR A 43 20.97 18.77 34.48
N PHE A 46 21.14 15.89 36.93
CA PHE A 46 20.07 16.49 37.73
C PHE A 46 19.68 15.60 38.91
N ASN A 47 19.32 14.35 38.63
CA ASN A 47 18.83 13.42 39.64
C ASN A 47 19.92 12.95 40.62
N ASN A 48 21.17 13.35 40.36
CA ASN A 48 22.27 13.13 41.31
C ASN A 48 22.02 13.89 42.61
N TYR A 49 21.27 14.99 42.50
CA TYR A 49 20.86 15.77 43.66
C TYR A 49 19.66 15.11 44.36
N LEU A 50 18.78 14.49 43.58
CA LEU A 50 17.57 13.85 44.11
C LEU A 50 17.85 12.75 45.15
N ILE A 51 18.58 11.71 44.77
CA ILE A 51 18.94 10.63 45.70
C ILE A 51 19.94 11.08 46.77
N PHE A 52 20.64 12.17 46.48
CA PHE A 52 21.58 12.77 47.44
C PHE A 52 20.84 13.30 48.66
N VAL A 53 19.70 13.95 48.41
CA VAL A 53 18.87 14.51 49.47
C VAL A 53 18.21 13.43 50.33
N LEU A 54 17.73 12.37 49.69
CA LEU A 54 17.09 11.26 50.39
C LEU A 54 18.07 10.52 51.29
N THR A 55 19.24 10.18 50.73
CA THR A 55 20.23 9.35 51.42
C THR A 55 21.22 10.12 52.30
N LYS A 56 21.37 11.43 52.05
CA LYS A 56 22.19 12.31 52.89
C LYS A 56 21.68 13.75 52.87
N GLU A 62 12.46 14.77 57.35
CA GLU A 62 12.08 13.46 56.79
C GLU A 62 11.12 13.55 55.61
N PRO A 63 9.99 14.27 55.76
CA PRO A 63 9.03 14.34 54.66
C PRO A 63 9.57 15.20 53.53
N THR A 64 10.51 16.06 53.88
CA THR A 64 11.23 16.93 52.96
C THR A 64 12.10 16.10 52.02
N ARG A 65 12.82 15.13 52.60
CA ARG A 65 13.73 14.26 51.86
C ARG A 65 13.09 12.95 51.36
N SER A 66 11.99 12.55 51.97
CA SER A 66 11.18 11.44 51.45
C SER A 66 10.51 11.81 50.14
N LEU A 67 10.18 13.10 49.99
CA LEU A 67 9.55 13.59 48.77
C LEU A 67 10.48 13.53 47.57
N SER A 68 11.74 13.92 47.79
CA SER A 68 12.76 13.95 46.73
C SER A 68 12.95 12.58 46.09
N GLY A 69 13.02 11.55 46.93
CA GLY A 69 13.09 10.16 46.48
C GLY A 69 11.91 9.74 45.60
N LEU A 70 10.74 10.31 45.88
CA LEU A 70 9.53 10.01 45.11
C LEU A 70 9.42 10.88 43.86
N ILE A 71 10.05 12.05 43.92
CA ILE A 71 10.19 12.94 42.76
C ILE A 71 11.09 12.24 41.74
N LEU A 72 12.22 11.76 42.23
CA LEU A 72 13.16 10.91 41.48
C LEU A 72 12.47 9.67 40.88
N LYS A 73 11.67 8.98 41.69
CA LYS A 73 10.88 7.82 41.24
C LYS A 73 10.06 8.16 39.99
N ASN A 74 9.52 9.36 39.94
CA ASN A 74 8.67 9.78 38.83
C ASN A 74 9.47 10.28 37.63
N ASN A 75 10.72 10.66 37.87
CA ASN A 75 11.67 10.96 36.81
C ASN A 75 12.09 9.67 36.09
N VAL A 76 12.37 8.64 36.87
CA VAL A 76 12.69 7.32 36.34
C VAL A 76 11.53 6.81 35.48
N LYS A 77 10.33 6.83 36.03
CA LYS A 77 9.15 6.29 35.36
C LYS A 77 8.82 7.02 34.04
N ALA A 78 9.17 8.31 33.96
CA ALA A 78 8.80 9.15 32.83
C ALA A 78 9.87 9.29 31.75
N HIS A 79 11.15 9.22 32.15
CA HIS A 79 12.27 9.29 31.20
C HIS A 79 13.57 8.69 31.76
N PHE A 80 13.76 7.38 31.53
CA PHE A 80 14.91 6.65 32.08
C PHE A 80 16.06 6.48 31.07
N GLN A 81 15.72 6.42 29.78
CA GLN A 81 16.71 6.29 28.71
C GLN A 81 17.60 7.53 28.60
N ASN A 82 17.12 8.64 29.14
CA ASN A 82 17.88 9.88 29.22
C ASN A 82 18.78 9.95 30.46
N PHE A 83 18.88 8.83 31.18
CA PHE A 83 19.62 8.78 32.46
C PHE A 83 21.14 8.45 32.40
N PRO A 84 21.55 7.41 31.63
CA PRO A 84 22.76 6.57 31.77
C PRO A 84 23.80 6.77 32.90
N ASN A 85 24.83 5.91 32.85
CA ASN A 85 25.63 5.47 34.00
C ASN A 85 26.09 6.44 35.10
N GLY A 86 26.24 7.72 34.76
CA GLY A 86 26.72 8.73 35.72
C GLY A 86 25.90 8.76 37.00
N VAL A 87 24.61 9.08 36.84
CA VAL A 87 23.65 9.08 37.94
C VAL A 87 23.16 7.66 38.25
N THR A 88 22.68 6.94 37.23
CA THR A 88 22.06 5.62 37.38
C THR A 88 22.78 4.72 38.39
N ASP A 89 24.11 4.64 38.27
CA ASP A 89 24.90 3.76 39.13
C ASP A 89 25.04 4.30 40.56
N PHE A 90 25.02 5.62 40.70
CA PHE A 90 25.09 6.24 42.02
C PHE A 90 23.76 6.14 42.77
N ILE A 91 22.65 6.31 42.04
CA ILE A 91 21.31 6.10 42.58
C ILE A 91 21.27 4.72 43.22
N LYS A 92 21.54 3.69 42.41
CA LYS A 92 21.48 2.28 42.80
C LYS A 92 22.31 1.92 44.03
N SER A 93 23.60 2.24 43.99
CA SER A 93 24.52 1.93 45.08
C SER A 93 24.12 2.61 46.39
N GLU A 94 23.50 3.78 46.25
CA GLU A 94 23.14 4.64 47.38
C GLU A 94 21.95 4.09 48.18
N CYS A 95 20.89 3.70 47.50
CA CYS A 95 19.70 3.20 48.17
C CYS A 95 19.77 1.72 48.54
N LEU A 96 20.72 1.00 47.96
CA LEU A 96 20.92 -0.41 48.32
C LEU A 96 21.68 -0.53 49.64
N ASN A 97 22.41 0.54 50.00
CA ASN A 97 23.05 0.62 51.31
C ASN A 97 22.09 1.10 52.39
N ASN A 98 20.99 1.71 51.94
CA ASN A 98 19.96 2.25 52.84
C ASN A 98 18.67 1.44 52.80
N ILE A 99 18.75 0.22 52.26
CA ILE A 99 17.59 -0.63 52.07
C ILE A 99 16.91 -0.97 53.40
N GLY A 100 17.68 -0.84 54.49
CA GLY A 100 17.20 -1.14 55.84
C GLY A 100 17.26 0.02 56.81
N ASP A 101 17.10 1.24 56.31
CA ASP A 101 17.05 2.43 57.15
C ASP A 101 15.94 2.30 58.17
N SER A 102 16.22 2.65 59.42
CA SER A 102 15.28 2.42 60.51
C SER A 102 14.11 3.43 60.62
N SER A 103 14.18 4.53 59.86
CA SER A 103 13.03 5.44 59.70
C SER A 103 12.05 4.88 58.64
N PRO A 104 10.89 4.35 59.08
CA PRO A 104 10.03 3.53 58.23
C PRO A 104 9.54 4.22 56.96
N LEU A 105 9.52 5.55 56.96
CA LEU A 105 9.14 6.30 55.76
C LEU A 105 10.26 6.29 54.72
N ILE A 106 11.51 6.48 55.17
CA ILE A 106 12.68 6.40 54.28
C ILE A 106 12.81 5.00 53.66
N ARG A 107 12.78 3.97 54.49
CA ARG A 107 12.87 2.59 54.02
C ARG A 107 11.82 2.33 52.94
N ALA A 108 10.63 2.90 53.14
CA ALA A 108 9.50 2.79 52.22
C ALA A 108 9.76 3.52 50.92
N THR A 109 10.45 4.65 51.01
CA THR A 109 10.81 5.48 49.86
C THR A 109 11.86 4.76 49.01
N VAL A 110 12.89 4.22 49.67
CA VAL A 110 13.96 3.44 49.05
C VAL A 110 13.38 2.22 48.34
N GLY A 111 12.61 1.43 49.07
CA GLY A 111 11.95 0.25 48.53
C GLY A 111 11.11 0.50 47.28
N ILE A 112 10.30 1.56 47.28
CA ILE A 112 9.48 1.91 46.11
C ILE A 112 10.37 2.24 44.94
N LEU A 113 11.50 2.87 45.24
CA LEU A 113 12.51 3.24 44.26
C LEU A 113 13.17 1.99 43.68
N ILE A 114 13.89 1.24 44.52
CA ILE A 114 14.50 -0.03 44.12
C ILE A 114 13.66 -0.72 43.05
N THR A 115 12.39 -0.98 43.35
CA THR A 115 11.54 -1.76 42.47
C THR A 115 11.13 -1.04 41.18
N THR A 116 11.15 0.31 41.19
CA THR A 116 10.76 1.08 40.01
C THR A 116 11.91 1.12 39.00
N ILE A 117 13.15 1.24 39.52
CA ILE A 117 14.34 1.14 38.68
C ILE A 117 14.41 -0.25 38.03
N ALA A 118 14.04 -1.26 38.81
CA ALA A 118 14.17 -2.66 38.43
C ALA A 118 13.08 -3.22 37.52
N SER A 119 12.12 -2.39 37.08
CA SER A 119 11.13 -2.83 36.07
C SER A 119 11.22 -2.03 34.78
N LYS A 120 11.87 -0.87 34.87
CA LYS A 120 12.08 0.03 33.73
C LYS A 120 13.34 -0.39 33.01
N GLY A 121 14.46 -0.41 33.73
CA GLY A 121 15.75 -0.79 33.16
C GLY A 121 16.04 -2.29 33.14
N GLU A 122 14.99 -3.11 33.06
CA GLU A 122 15.09 -4.59 33.03
C GLU A 122 16.01 -5.18 34.13
N LEU A 123 16.33 -6.47 34.00
CA LEU A 123 17.19 -7.13 34.98
C LEU A 123 18.63 -7.22 34.52
N GLN A 124 18.82 -7.24 33.20
CA GLN A 124 20.15 -7.24 32.58
C GLN A 124 20.97 -5.99 32.99
N ASN A 125 20.31 -4.83 33.00
CA ASN A 125 20.94 -3.55 33.38
C ASN A 125 21.28 -3.44 34.89
N TRP A 126 20.75 -4.35 35.71
CA TRP A 126 21.07 -4.37 37.15
C TRP A 126 21.19 -5.80 37.71
N PRO A 127 22.27 -6.51 37.32
CA PRO A 127 22.45 -7.92 37.69
C PRO A 127 22.93 -8.09 39.12
N ASP A 128 23.59 -7.06 39.64
CA ASP A 128 24.07 -7.05 41.00
C ASP A 128 22.93 -7.12 42.02
N LEU A 129 21.76 -6.62 41.63
CA LEU A 129 20.58 -6.48 42.51
C LEU A 129 20.13 -7.76 43.23
N LEU A 130 19.36 -8.62 42.54
CA LEU A 130 18.77 -9.81 43.15
C LEU A 130 19.64 -10.63 44.11
N PRO A 131 20.91 -10.91 43.73
CA PRO A 131 21.82 -11.64 44.64
C PRO A 131 22.15 -10.90 45.95
N LYS A 132 22.11 -9.56 45.93
CA LYS A 132 22.29 -8.79 47.16
C LYS A 132 21.03 -8.83 48.02
N LEU A 133 19.87 -8.80 47.36
CA LEU A 133 18.57 -8.95 48.03
C LEU A 133 18.41 -10.34 48.65
N CYS A 134 18.73 -11.38 47.89
CA CYS A 134 18.68 -12.75 48.41
C CYS A 134 19.67 -12.95 49.53
N SER A 135 20.71 -12.12 49.53
CA SER A 135 21.75 -12.21 50.55
C SER A 135 21.27 -11.55 51.83
N LEU A 136 20.63 -10.38 51.68
CA LEU A 136 20.22 -9.55 52.80
C LEU A 136 19.05 -10.12 53.61
N LEU A 137 18.35 -11.10 53.06
CA LEU A 137 17.31 -11.82 53.80
C LEU A 137 17.88 -12.42 55.07
N ASP A 138 19.18 -12.71 55.06
CA ASP A 138 19.85 -13.29 56.22
C ASP A 138 20.53 -12.22 57.08
N SER A 139 20.03 -10.99 57.01
CA SER A 139 20.57 -9.92 57.85
C SER A 139 20.08 -10.15 59.27
N GLU A 140 20.97 -9.92 60.24
CA GLU A 140 20.59 -9.96 61.64
C GLU A 140 19.69 -8.76 61.99
N ASP A 141 19.99 -7.62 61.38
CA ASP A 141 19.15 -6.43 61.51
C ASP A 141 17.83 -6.64 60.78
N TYR A 142 16.75 -6.71 61.56
CA TYR A 142 15.41 -6.98 61.06
C TYR A 142 14.96 -6.03 59.94
N ASN A 143 15.28 -4.75 60.09
CA ASN A 143 14.88 -3.76 59.10
C ASN A 143 15.42 -4.03 57.69
N THR A 144 16.64 -4.55 57.61
CA THR A 144 17.23 -4.92 56.33
C THR A 144 16.60 -6.20 55.80
N CYS A 145 16.33 -7.14 56.69
CA CYS A 145 15.61 -8.36 56.30
C CYS A 145 14.25 -8.02 55.69
N GLU A 146 13.44 -7.25 56.43
CA GLU A 146 12.09 -6.85 56.02
C GLU A 146 12.09 -5.97 54.77
N GLY A 147 13.11 -5.11 54.64
CA GLY A 147 13.25 -4.26 53.48
C GLY A 147 13.54 -5.05 52.22
N ALA A 148 14.52 -5.95 52.33
CA ALA A 148 14.97 -6.81 51.22
C ALA A 148 13.86 -7.75 50.77
N PHE A 149 13.26 -8.45 51.74
CA PHE A 149 12.18 -9.39 51.47
C PHE A 149 11.02 -8.71 50.78
N GLY A 150 10.75 -7.46 51.16
CA GLY A 150 9.68 -6.65 50.56
C GLY A 150 9.90 -6.38 49.08
N ALA A 151 11.08 -5.86 48.74
CA ALA A 151 11.45 -5.58 47.35
C ALA A 151 11.57 -6.86 46.53
N LEU A 152 12.10 -7.93 47.15
CA LEU A 152 12.19 -9.22 46.49
C LEU A 152 10.82 -9.76 46.07
N GLN A 153 9.82 -9.57 46.91
CA GLN A 153 8.43 -9.92 46.58
C GLN A 153 7.90 -9.08 45.42
N LYS A 154 8.18 -7.79 45.45
CA LYS A 154 7.71 -6.88 44.40
C LYS A 154 8.32 -7.24 43.06
N ILE A 155 9.59 -7.63 43.05
CA ILE A 155 10.27 -8.01 41.82
C ILE A 155 9.75 -9.35 41.22
N CYS A 156 9.72 -10.40 42.02
CA CYS A 156 9.10 -11.69 41.64
C CYS A 156 7.72 -11.53 40.99
N GLU A 157 6.86 -10.78 41.68
CA GLU A 157 5.48 -10.59 41.26
C GLU A 157 5.37 -9.70 40.03
N ASP A 158 6.09 -8.57 40.04
CA ASP A 158 6.05 -7.62 38.91
C ASP A 158 6.98 -8.06 37.78
N SER A 159 7.03 -9.38 37.58
CA SER A 159 7.89 -10.00 36.59
C SER A 159 7.08 -11.18 36.05
N ALA A 160 6.57 -11.01 34.83
CA ALA A 160 5.76 -12.03 34.14
C ALA A 160 6.62 -13.26 33.81
N GLU A 161 7.83 -12.99 33.33
CA GLU A 161 8.89 -13.99 33.27
C GLU A 161 9.28 -14.27 34.73
N ILE A 162 9.60 -15.52 35.05
CA ILE A 162 9.87 -15.92 36.46
C ILE A 162 11.27 -15.46 36.95
N LEU A 163 11.99 -16.31 37.67
CA LEU A 163 13.36 -16.01 38.14
C LEU A 163 14.13 -17.32 38.34
N ASP A 164 15.34 -17.39 37.81
CA ASP A 164 16.13 -18.61 37.90
C ASP A 164 17.54 -18.36 38.43
N SER A 165 18.37 -19.42 38.43
CA SER A 165 19.70 -19.40 39.05
C SER A 165 20.67 -18.39 38.44
N ASP A 166 20.40 -18.00 37.19
CA ASP A 166 21.20 -17.02 36.45
C ASP A 166 21.23 -15.69 37.19
N VAL A 167 20.03 -15.13 37.38
CA VAL A 167 19.86 -13.82 38.00
C VAL A 167 20.04 -13.84 39.52
N LEU A 168 19.74 -14.99 40.14
CA LEU A 168 19.76 -15.12 41.61
C LEU A 168 21.15 -15.26 42.25
N ASP A 169 22.03 -16.00 41.58
CA ASP A 169 23.37 -16.31 42.09
C ASP A 169 23.29 -17.34 43.23
N ARG A 170 22.23 -18.12 43.21
CA ARG A 170 22.00 -19.28 44.07
C ARG A 170 21.14 -20.23 43.26
N PRO A 171 21.28 -21.55 43.50
CA PRO A 171 20.32 -22.45 42.87
C PRO A 171 18.97 -22.31 43.57
N LEU A 172 17.89 -22.43 42.80
CA LEU A 172 16.56 -22.49 43.41
C LEU A 172 16.48 -23.67 44.39
N ASN A 173 17.40 -24.63 44.24
CA ASN A 173 17.52 -25.72 45.18
C ASN A 173 17.95 -25.24 46.55
N ILE A 174 18.64 -24.10 46.61
CA ILE A 174 19.00 -23.52 47.90
C ILE A 174 18.01 -22.42 48.27
N MET A 175 17.49 -21.73 47.26
CA MET A 175 16.66 -20.54 47.50
C MET A 175 15.23 -20.83 47.94
N ILE A 176 14.60 -21.83 47.33
CA ILE A 176 13.24 -22.24 47.71
C ILE A 176 13.15 -22.67 49.18
N PRO A 177 14.01 -23.62 49.63
CA PRO A 177 13.85 -24.09 51.01
C PRO A 177 14.13 -22.97 52.01
N LYS A 178 14.88 -21.97 51.57
CA LYS A 178 15.24 -20.82 52.40
C LYS A 178 14.04 -19.90 52.61
N PHE A 179 13.20 -19.77 51.58
CA PHE A 179 11.94 -19.06 51.73
C PHE A 179 11.09 -19.82 52.72
N LEU A 180 10.88 -21.12 52.45
CA LEU A 180 10.06 -21.97 53.31
C LEU A 180 10.50 -21.90 54.78
N GLN A 181 11.81 -21.72 54.98
CA GLN A 181 12.38 -21.56 56.31
C GLN A 181 11.71 -20.36 57.01
N PHE A 182 11.65 -19.21 56.32
CA PHE A 182 11.06 -17.99 56.86
C PHE A 182 9.55 -18.04 57.13
N PHE A 183 8.88 -19.13 56.75
CA PHE A 183 7.48 -19.31 57.12
C PHE A 183 7.36 -19.33 58.65
N LYS A 184 8.49 -19.61 59.31
CA LYS A 184 8.54 -19.76 60.77
C LYS A 184 9.04 -18.50 61.46
N HIS A 185 9.31 -17.45 60.70
CA HIS A 185 9.74 -16.18 61.28
C HIS A 185 8.65 -15.68 62.22
N SER A 186 9.04 -15.10 63.35
CA SER A 186 8.04 -14.58 64.28
C SER A 186 7.25 -13.48 63.58
N SER A 187 7.94 -12.42 63.18
CA SER A 187 7.32 -11.30 62.47
C SER A 187 6.34 -11.74 61.36
N PRO A 188 5.05 -11.36 61.49
CA PRO A 188 4.02 -11.63 60.49
C PRO A 188 4.34 -11.03 59.13
N LYS A 189 4.94 -9.85 59.12
CA LYS A 189 5.24 -9.14 57.89
C LYS A 189 6.14 -9.95 56.98
N ILE A 190 7.06 -10.69 57.59
CA ILE A 190 8.03 -11.52 56.86
C ILE A 190 7.44 -12.82 56.32
N ARG A 191 6.72 -13.56 57.18
CA ARG A 191 6.08 -14.81 56.76
C ARG A 191 5.27 -14.61 55.50
N SER A 192 4.54 -13.48 55.45
CA SER A 192 3.77 -13.12 54.26
C SER A 192 4.73 -12.98 53.09
N HIS A 193 5.71 -12.09 53.23
CA HIS A 193 6.75 -11.88 52.23
C HIS A 193 7.28 -13.23 51.77
N ALA A 194 7.49 -14.14 52.73
CA ALA A 194 7.95 -15.48 52.41
C ALA A 194 6.98 -16.26 51.54
N VAL A 195 5.73 -16.38 51.98
CA VAL A 195 4.71 -17.16 51.24
C VAL A 195 4.48 -16.61 49.82
N ALA A 196 4.49 -15.29 49.70
CA ALA A 196 4.31 -14.61 48.43
C ALA A 196 5.41 -14.96 47.47
N CYS A 197 6.66 -14.93 47.94
CA CYS A 197 7.81 -15.28 47.12
C CYS A 197 7.73 -16.71 46.59
N VAL A 198 7.50 -17.67 47.47
CA VAL A 198 7.35 -19.07 47.06
C VAL A 198 6.18 -19.24 46.10
N ASN A 199 5.14 -18.42 46.30
CA ASN A 199 3.92 -18.51 45.49
C ASN A 199 4.16 -18.21 44.02
N GLN A 200 5.15 -17.37 43.80
CA GLN A 200 5.53 -16.93 42.46
C GLN A 200 6.29 -18.02 41.69
N PHE A 201 6.23 -19.26 42.19
CA PHE A 201 6.94 -20.39 41.56
C PHE A 201 6.02 -21.58 41.32
N ILE A 202 4.76 -21.48 41.72
CA ILE A 202 3.83 -22.60 41.57
C ILE A 202 3.38 -22.78 40.12
N ILE A 203 3.21 -21.68 39.39
CA ILE A 203 2.71 -21.74 38.01
C ILE A 203 3.75 -22.37 37.09
N SER A 204 4.98 -21.85 37.14
CA SER A 204 6.07 -22.37 36.29
C SER A 204 6.31 -23.87 36.52
N ARG A 205 5.73 -24.40 37.59
CA ARG A 205 5.92 -25.78 38.01
C ARG A 205 7.42 -26.08 38.12
N THR A 206 8.20 -25.05 38.47
CA THR A 206 9.65 -25.16 38.56
C THR A 206 10.07 -26.33 39.42
N GLN A 207 11.12 -27.01 38.99
CA GLN A 207 11.53 -28.25 39.64
C GLN A 207 11.88 -28.11 41.13
N ALA A 208 12.72 -27.12 41.47
CA ALA A 208 13.14 -26.92 42.86
C ALA A 208 11.98 -26.94 43.84
N LEU A 209 10.84 -26.39 43.42
CA LEU A 209 9.63 -26.38 44.23
C LEU A 209 8.90 -27.73 44.18
N MET A 210 8.86 -28.33 43.00
CA MET A 210 8.20 -29.62 42.82
C MET A 210 8.82 -30.71 43.68
N LEU A 211 10.09 -30.52 44.03
CA LEU A 211 10.86 -31.49 44.82
C LEU A 211 10.78 -31.19 46.30
N HIS A 212 10.72 -29.90 46.63
CA HIS A 212 10.46 -29.44 48.00
C HIS A 212 8.96 -29.28 48.27
N ILE A 213 8.13 -29.97 47.47
CA ILE A 213 6.67 -29.84 47.50
C ILE A 213 6.00 -30.19 48.84
N ASP A 214 6.25 -31.40 49.35
CA ASP A 214 5.68 -31.85 50.64
C ASP A 214 6.05 -30.97 51.83
N SER A 215 7.12 -30.20 51.68
CA SER A 215 7.58 -29.26 52.68
C SER A 215 6.73 -27.99 52.61
N PHE A 216 6.51 -27.52 51.38
CA PHE A 216 5.63 -26.39 51.10
C PHE A 216 4.23 -26.64 51.67
N ILE A 217 3.59 -27.72 51.22
CA ILE A 217 2.29 -28.14 51.75
C ILE A 217 2.33 -28.13 53.27
N GLU A 218 3.09 -29.05 53.86
CA GLU A 218 3.21 -29.12 55.32
C GLU A 218 3.39 -27.74 55.95
N ASN A 219 4.22 -26.90 55.33
CA ASN A 219 4.43 -25.54 55.83
C ASN A 219 3.22 -24.63 55.73
N LEU A 220 2.49 -24.71 54.61
CA LEU A 220 1.28 -23.91 54.44
C LEU A 220 0.28 -24.24 55.52
N PHE A 221 -0.07 -25.54 55.61
CA PHE A 221 -0.93 -26.07 56.66
C PHE A 221 -0.63 -25.54 58.06
N ALA A 222 0.65 -25.35 58.37
CA ALA A 222 1.08 -24.76 59.64
C ALA A 222 0.68 -23.31 59.72
N LEU A 223 0.73 -22.61 58.59
CA LEU A 223 0.39 -21.19 58.55
C LEU A 223 -1.11 -20.92 58.36
N ALA A 224 -1.89 -21.99 58.17
CA ALA A 224 -3.33 -21.85 57.93
C ALA A 224 -4.03 -20.97 58.96
N GLY A 225 -3.84 -21.29 60.25
CA GLY A 225 -4.54 -20.61 61.34
C GLY A 225 -3.93 -19.31 61.84
N ASP A 226 -3.11 -18.69 60.99
CA ASP A 226 -2.46 -17.42 61.31
C ASP A 226 -3.49 -16.37 61.71
N GLU A 227 -3.10 -15.31 62.22
CA GLU A 227 -3.95 -14.19 62.59
C GLU A 227 -3.87 -13.07 61.56
N GLU A 228 -2.65 -12.67 61.22
CA GLU A 228 -2.43 -11.67 60.19
C GLU A 228 -3.11 -12.04 58.88
N PRO A 229 -4.01 -11.15 58.39
CA PRO A 229 -4.84 -11.42 57.22
C PRO A 229 -4.05 -11.69 55.94
N GLU A 230 -2.99 -10.92 55.71
CA GLU A 230 -2.09 -11.08 54.55
C GLU A 230 -1.54 -12.51 54.39
N VAL A 231 -1.06 -13.09 55.48
CA VAL A 231 -0.57 -14.46 55.46
C VAL A 231 -1.69 -15.41 55.01
N ARG A 232 -2.88 -15.27 55.58
CA ARG A 232 -4.02 -16.11 55.22
C ARG A 232 -4.45 -15.97 53.74
N LYS A 233 -4.33 -14.77 53.19
CA LYS A 233 -4.64 -14.54 51.78
C LYS A 233 -3.65 -15.32 50.94
N ASN A 234 -2.37 -15.16 51.27
CA ASN A 234 -1.28 -15.82 50.58
C ASN A 234 -1.34 -17.34 50.66
N VAL A 235 -1.87 -17.87 51.76
CA VAL A 235 -2.05 -19.31 51.92
C VAL A 235 -3.21 -19.80 51.05
N CYS A 236 -4.25 -18.98 50.97
CA CYS A 236 -5.41 -19.31 50.15
C CYS A 236 -4.99 -19.28 48.70
N ARG A 237 -4.43 -18.13 48.29
CA ARG A 237 -3.89 -17.91 46.95
C ARG A 237 -2.94 -19.04 46.53
N ALA A 238 -2.19 -19.58 47.50
CA ALA A 238 -1.34 -20.75 47.27
C ALA A 238 -2.18 -21.99 47.00
N LEU A 239 -3.02 -22.37 47.97
CA LEU A 239 -3.83 -23.60 47.85
C LEU A 239 -4.70 -23.60 46.59
N VAL A 240 -5.06 -22.39 46.15
CA VAL A 240 -5.85 -22.23 44.92
C VAL A 240 -4.99 -22.62 43.73
N MET A 241 -3.75 -22.12 43.70
CA MET A 241 -2.84 -22.38 42.58
C MET A 241 -2.48 -23.86 42.52
N LEU A 242 -1.96 -24.37 43.62
CA LEU A 242 -1.57 -25.77 43.71
C LEU A 242 -2.64 -26.70 43.17
N LEU A 243 -3.90 -26.30 43.26
CA LEU A 243 -5.02 -27.14 42.87
C LEU A 243 -4.94 -27.59 41.41
N GLU A 244 -4.61 -26.65 40.52
CA GLU A 244 -4.41 -26.97 39.11
C GLU A 244 -3.10 -27.72 38.92
N VAL A 245 -2.01 -26.99 39.14
CA VAL A 245 -0.64 -27.46 38.96
C VAL A 245 -0.35 -28.85 39.56
N ARG A 246 -0.75 -29.07 40.80
CA ARG A 246 -0.32 -30.27 41.52
C ARG A 246 -1.41 -30.95 42.35
N MET A 247 -2.48 -31.36 41.67
CA MET A 247 -3.64 -31.96 42.31
C MET A 247 -3.34 -33.23 43.12
N ASP A 248 -2.34 -33.99 42.68
CA ASP A 248 -2.03 -35.31 43.26
C ASP A 248 -1.67 -35.29 44.75
N ARG A 249 -0.97 -34.24 45.15
CA ARG A 249 -0.56 -34.06 46.55
C ARG A 249 -1.70 -33.59 47.46
N LEU A 250 -2.51 -32.64 46.98
CA LEU A 250 -3.62 -32.08 47.75
C LEU A 250 -4.74 -33.08 47.97
N LEU A 251 -5.02 -33.90 46.96
CA LEU A 251 -6.16 -34.81 47.00
C LEU A 251 -6.31 -35.63 48.30
N PRO A 252 -5.22 -36.28 48.77
CA PRO A 252 -5.29 -36.95 50.07
C PRO A 252 -5.77 -36.08 51.25
N HIS A 253 -5.66 -34.75 51.13
CA HIS A 253 -6.10 -33.84 52.18
C HIS A 253 -7.37 -33.04 51.83
N MET A 254 -7.99 -33.35 50.70
CA MET A 254 -9.08 -32.55 50.13
C MET A 254 -10.19 -32.13 51.11
N HIS A 255 -10.84 -33.11 51.73
CA HIS A 255 -12.00 -32.85 52.59
C HIS A 255 -11.67 -31.99 53.79
N ASN A 256 -10.49 -32.20 54.35
CA ASN A 256 -10.08 -31.49 55.55
C ASN A 256 -9.61 -30.10 55.19
N ILE A 257 -9.40 -29.88 53.89
CA ILE A 257 -8.91 -28.60 53.38
C ILE A 257 -10.01 -27.81 52.67
N VAL A 258 -11.05 -28.52 52.24
CA VAL A 258 -12.29 -27.91 51.79
C VAL A 258 -12.90 -27.11 52.95
N GLU A 259 -13.05 -27.76 54.10
CA GLU A 259 -13.64 -27.14 55.28
C GLU A 259 -12.88 -25.89 55.72
N TYR A 260 -11.56 -25.89 55.54
CA TYR A 260 -10.76 -24.70 55.78
C TYR A 260 -11.25 -23.58 54.85
N MET A 261 -11.17 -23.80 53.55
CA MET A 261 -11.58 -22.81 52.54
C MET A 261 -13.01 -22.33 52.78
N LEU A 262 -13.86 -23.25 53.24
CA LEU A 262 -15.23 -22.96 53.59
C LEU A 262 -15.32 -21.95 54.73
N GLN A 263 -14.47 -22.10 55.75
CA GLN A 263 -14.38 -21.11 56.82
C GLN A 263 -13.71 -19.83 56.32
N ARG A 264 -12.98 -19.93 55.21
CA ARG A 264 -12.20 -18.83 54.68
C ARG A 264 -13.04 -17.87 53.87
N THR A 265 -14.18 -18.35 53.39
CA THR A 265 -15.09 -17.52 52.64
C THR A 265 -15.93 -16.67 53.59
N GLN A 266 -16.42 -17.28 54.66
CA GLN A 266 -17.17 -16.57 55.72
C GLN A 266 -16.23 -15.65 56.49
N ASP A 267 -14.93 -15.89 56.36
CA ASP A 267 -13.91 -15.17 57.08
C ASP A 267 -14.12 -13.67 56.95
N GLN A 268 -13.98 -12.95 58.05
CA GLN A 268 -14.04 -11.49 57.98
C GLN A 268 -12.75 -10.96 57.38
N ASP A 269 -12.81 -9.77 56.79
CA ASP A 269 -11.77 -9.27 55.87
C ASP A 269 -12.07 -9.88 54.51
N GLU A 270 -12.73 -9.09 53.67
CA GLU A 270 -13.21 -9.54 52.36
C GLU A 270 -12.08 -9.94 51.41
N ASN A 271 -10.94 -9.27 51.54
CA ASN A 271 -9.76 -9.55 50.73
C ASN A 271 -9.19 -10.98 50.88
N VAL A 272 -9.52 -11.64 51.99
CA VAL A 272 -9.22 -13.05 52.17
C VAL A 272 -10.44 -13.86 51.71
N ALA A 273 -11.63 -13.38 52.08
CA ALA A 273 -12.88 -14.01 51.66
C ALA A 273 -12.92 -14.23 50.16
N LEU A 274 -12.59 -13.18 49.41
CA LEU A 274 -12.54 -13.25 47.94
C LEU A 274 -11.45 -14.20 47.48
N GLU A 275 -10.25 -14.01 48.03
CA GLU A 275 -9.10 -14.84 47.65
C GLU A 275 -9.33 -16.32 47.90
N ALA A 276 -10.24 -16.63 48.83
CA ALA A 276 -10.61 -18.00 49.11
C ALA A 276 -11.73 -18.45 48.19
N CYS A 277 -12.60 -17.53 47.82
CA CYS A 277 -13.78 -17.85 47.03
C CYS A 277 -13.37 -18.42 45.68
N GLU A 278 -12.27 -17.90 45.14
CA GLU A 278 -11.69 -18.42 43.90
C GLU A 278 -11.45 -19.92 43.94
N PHE A 279 -11.28 -20.46 45.15
CA PHE A 279 -11.08 -21.88 45.31
C PHE A 279 -12.15 -22.66 44.60
N TRP A 280 -13.40 -22.23 44.72
CA TRP A 280 -14.52 -23.00 44.18
C TRP A 280 -14.67 -22.86 42.69
N LEU A 281 -14.28 -21.70 42.19
CA LEU A 281 -14.21 -21.48 40.76
C LEU A 281 -13.27 -22.48 40.13
N THR A 282 -12.05 -22.56 40.64
CA THR A 282 -11.05 -23.45 40.07
C THR A 282 -11.35 -24.90 40.45
N LEU A 283 -11.70 -25.16 41.71
CA LEU A 283 -12.02 -26.52 42.12
C LEU A 283 -13.09 -27.13 41.22
N ALA A 284 -14.12 -26.34 40.90
CA ALA A 284 -15.21 -26.80 40.08
C ALA A 284 -14.74 -27.28 38.71
N GLU A 285 -13.82 -26.55 38.10
CA GLU A 285 -13.32 -26.89 36.78
C GLU A 285 -12.47 -28.17 36.75
N GLN A 286 -12.44 -28.89 37.87
CA GLN A 286 -11.67 -30.13 37.97
C GLN A 286 -12.59 -31.34 37.99
N PRO A 287 -12.31 -32.35 37.14
CA PRO A 287 -13.04 -33.63 37.10
C PRO A 287 -13.37 -34.21 38.49
N ILE A 288 -12.42 -34.13 39.41
CA ILE A 288 -12.55 -34.68 40.77
C ILE A 288 -13.74 -34.09 41.54
N CYS A 289 -14.07 -32.84 41.21
CA CYS A 289 -15.04 -32.02 41.93
C CYS A 289 -16.36 -32.72 42.31
N LYS A 290 -17.12 -33.11 41.28
CA LYS A 290 -18.47 -33.63 41.48
C LYS A 290 -18.57 -34.63 42.63
N ASP A 291 -17.66 -35.61 42.68
CA ASP A 291 -17.74 -36.71 43.65
C ASP A 291 -17.18 -36.36 45.02
N VAL A 292 -16.23 -35.44 45.07
CA VAL A 292 -15.58 -35.09 46.33
C VAL A 292 -16.37 -34.04 47.11
N LEU A 293 -17.17 -33.26 46.39
CA LEU A 293 -17.80 -32.08 46.96
C LEU A 293 -19.24 -32.30 47.47
N VAL A 294 -19.89 -33.38 46.98
CA VAL A 294 -21.28 -33.69 47.32
C VAL A 294 -21.63 -33.47 48.79
N ARG A 295 -20.82 -34.06 49.68
CA ARG A 295 -21.02 -33.98 51.13
C ARG A 295 -21.04 -32.54 51.67
N HIS A 296 -20.44 -31.62 50.92
CA HIS A 296 -20.23 -30.25 51.40
C HIS A 296 -21.29 -29.25 50.94
N LEU A 297 -21.97 -29.56 49.84
CA LEU A 297 -22.98 -28.66 49.27
C LEU A 297 -23.99 -28.15 50.30
N PRO A 298 -24.45 -29.03 51.24
CA PRO A 298 -25.30 -28.54 52.32
C PRO A 298 -24.77 -27.31 53.04
N LYS A 299 -23.45 -27.21 53.23
CA LYS A 299 -22.88 -26.08 53.97
C LYS A 299 -22.35 -24.96 53.06
N LEU A 300 -21.91 -25.31 51.86
CA LEU A 300 -21.30 -24.35 50.94
C LEU A 300 -22.30 -23.43 50.26
N ILE A 301 -23.35 -24.01 49.68
CA ILE A 301 -24.34 -23.25 48.90
C ILE A 301 -24.95 -22.06 49.63
N PRO A 302 -25.54 -22.27 50.82
CA PRO A 302 -25.91 -21.16 51.69
C PRO A 302 -24.86 -20.06 51.81
N VAL A 303 -23.61 -20.44 52.01
CA VAL A 303 -22.48 -19.49 52.14
C VAL A 303 -22.21 -18.69 50.87
N LEU A 304 -22.36 -19.35 49.72
CA LEU A 304 -22.20 -18.66 48.44
C LEU A 304 -23.33 -17.68 48.21
N VAL A 305 -24.55 -18.10 48.54
CA VAL A 305 -25.72 -17.26 48.34
C VAL A 305 -25.65 -16.03 49.25
N ASN A 306 -25.12 -16.21 50.45
CA ASN A 306 -24.97 -15.09 51.37
C ASN A 306 -23.96 -14.04 50.89
N GLY A 307 -23.01 -14.49 50.07
CA GLY A 307 -21.98 -13.62 49.52
C GLY A 307 -22.48 -12.80 48.35
N MET A 308 -23.51 -13.31 47.71
CA MET A 308 -24.07 -12.70 46.51
C MET A 308 -24.95 -11.49 46.81
N LYS A 309 -25.14 -11.20 48.09
CA LYS A 309 -25.87 -10.01 48.54
C LYS A 309 -24.99 -8.77 48.42
N TYR A 310 -25.36 -7.66 49.04
CA TYR A 310 -24.81 -6.37 48.61
C TYR A 310 -23.89 -5.52 49.52
N SER A 311 -24.31 -5.19 50.75
CA SER A 311 -23.52 -4.28 51.62
C SER A 311 -23.57 -2.78 51.21
N ASP A 312 -22.68 -1.97 51.78
CA ASP A 312 -22.51 -0.54 51.42
C ASP A 312 -22.10 -0.29 49.96
N ILE A 313 -22.05 -1.37 49.17
CA ILE A 313 -21.87 -1.26 47.72
C ILE A 313 -22.90 -0.26 47.15
N ASP A 314 -24.15 -0.37 47.63
CA ASP A 314 -25.24 0.56 47.30
C ASP A 314 -24.87 2.03 47.39
N ILE A 315 -24.29 2.42 48.52
CA ILE A 315 -23.91 3.81 48.78
C ILE A 315 -23.12 4.40 47.60
N ILE A 316 -22.20 3.61 47.05
CA ILE A 316 -21.37 4.03 45.92
C ILE A 316 -22.12 3.81 44.62
N LEU A 317 -22.97 2.77 44.61
CA LEU A 317 -23.65 2.31 43.41
C LEU A 317 -24.84 3.18 42.98
N LEU A 318 -25.52 3.79 43.95
CA LEU A 318 -26.61 4.72 43.68
C LEU A 318 -26.06 6.11 43.39
N LYS A 319 -25.23 6.62 44.30
CA LYS A 319 -24.64 7.95 44.16
C LYS A 319 -23.54 7.98 43.09
N ASP A 329 -20.65 8.47 40.13
CA ASP A 329 -20.61 7.98 38.76
C ASP A 329 -21.19 6.55 38.61
N ASP A 330 -21.53 5.94 39.74
CA ASP A 330 -22.23 4.64 39.81
C ASP A 330 -21.41 3.39 39.37
N THR A 331 -20.23 3.19 39.97
CA THR A 331 -19.35 2.04 39.61
C THR A 331 -18.48 1.54 40.76
N ILE A 332 -18.49 0.21 40.94
CA ILE A 332 -17.64 -0.51 41.91
C ILE A 332 -16.61 -1.42 41.23
N SER A 333 -15.81 -2.10 42.05
CA SER A 333 -14.82 -3.09 41.62
C SER A 333 -15.29 -4.05 40.51
N ASP A 334 -14.42 -4.32 39.55
CA ASP A 334 -14.70 -5.23 38.42
C ASP A 334 -14.85 -6.67 38.87
N TRP A 335 -14.11 -7.03 39.92
CA TRP A 335 -14.17 -8.36 40.51
C TRP A 335 -14.15 -8.23 42.03
N ASN A 336 -15.02 -8.98 42.67
CA ASN A 336 -15.22 -8.90 44.10
C ASN A 336 -15.96 -10.13 44.54
N LEU A 337 -16.27 -10.17 45.84
CA LEU A 337 -16.85 -11.35 46.46
C LEU A 337 -18.23 -11.71 45.90
N ARG A 338 -19.03 -10.69 45.59
CA ARG A 338 -20.36 -10.92 45.03
C ARG A 338 -20.27 -11.65 43.70
N LYS A 339 -19.49 -11.10 42.77
CA LYS A 339 -19.33 -11.74 41.46
C LYS A 339 -18.72 -13.13 41.61
N CYS A 340 -17.66 -13.22 42.41
CA CYS A 340 -16.98 -14.49 42.57
C CYS A 340 -17.95 -15.56 43.01
N SER A 341 -18.73 -15.25 44.05
CA SER A 341 -19.68 -16.19 44.62
C SER A 341 -20.72 -16.59 43.58
N ALA A 342 -21.22 -15.60 42.86
CA ALA A 342 -22.15 -15.85 41.78
C ALA A 342 -21.55 -16.78 40.72
N ALA A 343 -20.34 -16.43 40.26
CA ALA A 343 -19.63 -17.23 39.27
C ALA A 343 -19.44 -18.65 39.79
N ALA A 344 -19.11 -18.77 41.08
CA ALA A 344 -18.99 -20.05 41.75
C ALA A 344 -20.26 -20.86 41.58
N LEU A 345 -21.39 -20.20 41.85
CA LEU A 345 -22.74 -20.78 41.71
C LEU A 345 -23.09 -21.18 40.29
N ASP A 346 -22.80 -20.30 39.33
CA ASP A 346 -23.05 -20.58 37.92
C ASP A 346 -22.41 -21.92 37.52
N VAL A 347 -21.10 -22.02 37.73
CA VAL A 347 -20.30 -23.24 37.47
C VAL A 347 -20.82 -24.46 38.22
N LEU A 348 -21.04 -24.31 39.53
CA LEU A 348 -21.56 -25.42 40.36
C LEU A 348 -22.91 -25.94 39.86
N ALA A 349 -23.73 -25.04 39.32
CA ALA A 349 -24.98 -25.44 38.71
C ALA A 349 -24.75 -26.22 37.42
N ASN A 350 -23.59 -26.05 36.80
CA ASN A 350 -23.25 -26.80 35.58
C ASN A 350 -22.62 -28.16 35.85
N VAL A 351 -21.93 -28.27 37.00
CA VAL A 351 -21.24 -29.50 37.38
C VAL A 351 -22.24 -30.55 37.85
N TYR A 352 -22.89 -30.25 38.98
CA TYR A 352 -24.15 -30.89 39.36
C TYR A 352 -25.18 -30.19 38.50
N ARG A 353 -26.24 -30.87 38.12
CA ARG A 353 -27.25 -30.21 37.32
C ARG A 353 -28.48 -30.00 38.19
N ASP A 354 -29.41 -30.95 38.12
CA ASP A 354 -30.63 -30.91 38.88
C ASP A 354 -30.40 -31.29 40.33
N GLU A 355 -29.36 -32.09 40.59
CA GLU A 355 -29.06 -32.52 41.95
C GLU A 355 -28.68 -31.35 42.85
N LEU A 356 -28.51 -30.17 42.26
CA LEU A 356 -28.19 -28.97 43.01
C LEU A 356 -29.42 -28.34 43.66
N LEU A 357 -30.58 -28.52 43.03
CA LEU A 357 -31.83 -27.90 43.46
C LEU A 357 -32.26 -28.15 44.92
N PRO A 358 -32.22 -29.42 45.41
CA PRO A 358 -32.56 -29.65 46.82
C PRO A 358 -31.71 -28.83 47.82
N HIS A 359 -30.55 -28.37 47.36
CA HIS A 359 -29.67 -27.52 48.17
C HIS A 359 -29.98 -26.02 48.04
N ILE A 360 -30.70 -25.62 47.00
CA ILE A 360 -30.99 -24.19 46.77
C ILE A 360 -32.45 -23.81 46.91
N LEU A 361 -33.34 -24.61 46.34
CA LEU A 361 -34.77 -24.28 46.25
C LEU A 361 -35.37 -23.78 47.55
N PRO A 362 -35.18 -24.52 48.68
CA PRO A 362 -35.64 -24.02 49.97
C PRO A 362 -35.16 -22.60 50.25
N LEU A 363 -33.85 -22.37 50.14
CA LEU A 363 -33.27 -21.04 50.36
C LEU A 363 -33.78 -20.00 49.34
N LEU A 364 -34.17 -20.48 48.17
CA LEU A 364 -34.68 -19.62 47.12
C LEU A 364 -36.15 -19.20 47.38
N LYS A 365 -36.90 -20.09 48.04
CA LYS A 365 -38.23 -19.74 48.53
C LYS A 365 -38.13 -18.57 49.50
N GLU A 366 -37.14 -18.63 50.40
CA GLU A 366 -36.96 -17.64 51.45
C GLU A 366 -36.50 -16.25 50.94
N LEU A 367 -35.99 -16.19 49.72
CA LEU A 367 -35.35 -14.96 49.24
C LEU A 367 -36.16 -14.20 48.21
N LEU A 368 -36.79 -14.93 47.30
CA LEU A 368 -37.44 -14.35 46.13
C LEU A 368 -38.61 -13.42 46.45
N PHE A 369 -39.36 -13.78 47.48
CA PHE A 369 -40.43 -12.95 48.00
C PHE A 369 -39.96 -12.47 49.37
N HIS A 370 -39.59 -11.20 49.47
CA HIS A 370 -38.99 -10.70 50.71
C HIS A 370 -39.12 -9.20 50.79
N HIS A 371 -39.47 -8.70 51.98
CA HIS A 371 -39.70 -7.28 52.16
C HIS A 371 -38.44 -6.43 51.94
N GLU A 372 -37.32 -6.89 52.50
CA GLU A 372 -36.04 -6.21 52.34
C GLU A 372 -35.49 -6.49 50.94
N TRP A 373 -35.37 -5.43 50.14
CA TRP A 373 -35.06 -5.57 48.70
C TRP A 373 -33.67 -6.13 48.44
N VAL A 374 -32.69 -5.65 49.20
CA VAL A 374 -31.29 -6.04 49.02
C VAL A 374 -31.18 -7.55 49.15
N VAL A 375 -32.13 -8.14 49.88
CA VAL A 375 -32.25 -9.58 50.01
C VAL A 375 -32.97 -10.17 48.80
N LYS A 376 -34.08 -9.55 48.41
CA LYS A 376 -34.90 -10.05 47.30
C LYS A 376 -34.10 -10.17 46.01
N GLU A 377 -33.25 -9.17 45.74
CA GLU A 377 -32.49 -9.12 44.51
C GLU A 377 -31.36 -10.14 44.45
N SER A 378 -30.71 -10.39 45.58
CA SER A 378 -29.70 -11.44 45.66
C SER A 378 -30.34 -12.77 45.30
N GLY A 379 -31.58 -12.98 45.73
CA GLY A 379 -32.33 -14.17 45.34
C GLY A 379 -32.61 -14.21 43.85
N ILE A 380 -32.79 -13.03 43.26
CA ILE A 380 -33.06 -12.90 41.83
C ILE A 380 -31.80 -13.26 41.04
N LEU A 381 -30.66 -12.77 41.53
CA LEU A 381 -29.34 -13.14 41.00
C LEU A 381 -29.14 -14.66 41.04
N VAL A 382 -29.25 -15.24 42.24
CA VAL A 382 -29.17 -16.68 42.41
C VAL A 382 -30.01 -17.37 41.33
N LEU A 383 -31.20 -16.86 41.11
CA LEU A 383 -32.14 -17.50 40.20
C LEU A 383 -31.56 -17.58 38.79
N GLY A 384 -30.97 -16.46 38.34
CA GLY A 384 -30.35 -16.37 37.02
C GLY A 384 -29.05 -17.13 36.98
N ALA A 385 -28.23 -16.94 38.01
CA ALA A 385 -26.98 -17.70 38.15
C ALA A 385 -27.14 -19.16 37.79
N ILE A 386 -28.14 -19.82 38.36
CA ILE A 386 -28.29 -21.25 38.16
C ILE A 386 -29.10 -21.64 36.94
N ALA A 387 -29.47 -20.67 36.12
CA ALA A 387 -30.33 -20.92 34.97
C ALA A 387 -29.81 -22.03 34.08
N GLU A 388 -28.64 -21.78 33.49
CA GLU A 388 -28.03 -22.66 32.50
C GLU A 388 -27.89 -24.07 33.03
N GLY A 389 -27.37 -24.19 34.24
CA GLY A 389 -27.10 -25.48 34.83
C GLY A 389 -28.34 -26.28 35.16
N CYS A 390 -29.29 -25.64 35.82
CA CYS A 390 -30.46 -26.32 36.39
C CYS A 390 -31.72 -26.28 35.50
N MET A 391 -31.60 -25.67 34.32
CA MET A 391 -32.75 -25.44 33.43
C MET A 391 -33.82 -26.52 33.48
N GLN A 392 -33.41 -27.77 33.27
CA GLN A 392 -34.37 -28.88 33.23
C GLN A 392 -35.15 -29.04 34.52
N GLY A 393 -34.43 -29.18 35.64
CA GLY A 393 -35.07 -29.30 36.94
C GLY A 393 -35.81 -28.04 37.34
N MET A 394 -35.64 -26.97 36.56
CA MET A 394 -36.25 -25.68 36.86
C MET A 394 -37.51 -25.36 36.03
N ILE A 395 -37.84 -26.24 35.09
CA ILE A 395 -39.03 -26.04 34.25
C ILE A 395 -40.37 -26.08 35.04
N PRO A 396 -40.56 -27.09 35.91
CA PRO A 396 -41.76 -27.10 36.78
C PRO A 396 -42.08 -25.74 37.40
N TYR A 397 -41.11 -25.15 38.09
CA TYR A 397 -41.32 -23.94 38.90
C TYR A 397 -41.50 -22.65 38.08
N LEU A 398 -41.40 -22.74 36.76
CA LEU A 398 -41.39 -21.53 35.92
C LEU A 398 -42.74 -20.77 35.83
N PRO A 399 -43.86 -21.47 35.49
CA PRO A 399 -45.16 -20.81 35.47
C PRO A 399 -45.47 -19.97 36.71
N GLU A 400 -45.01 -20.39 37.89
CA GLU A 400 -45.10 -19.57 39.11
C GLU A 400 -44.17 -18.35 39.02
N LEU A 401 -42.94 -18.61 38.58
CA LEU A 401 -41.83 -17.65 38.75
C LEU A 401 -41.69 -16.59 37.66
N ILE A 402 -41.86 -16.98 36.40
CA ILE A 402 -41.69 -16.05 35.28
C ILE A 402 -42.55 -14.79 35.44
N PRO A 403 -43.87 -14.95 35.75
CA PRO A 403 -44.71 -13.78 36.00
C PRO A 403 -44.29 -13.00 37.25
N HIS A 404 -43.77 -13.69 38.26
CA HIS A 404 -43.24 -12.99 39.43
C HIS A 404 -42.12 -12.01 39.03
N LEU A 405 -41.22 -12.47 38.17
CA LEU A 405 -40.10 -11.66 37.70
C LEU A 405 -40.58 -10.51 36.85
N ILE A 406 -41.65 -10.78 36.08
CA ILE A 406 -42.22 -9.77 35.19
C ILE A 406 -42.83 -8.60 35.97
N GLN A 407 -43.38 -8.87 37.15
CA GLN A 407 -43.84 -7.77 38.00
C GLN A 407 -42.68 -7.05 38.68
N CYS A 408 -41.60 -7.79 38.96
CA CYS A 408 -40.39 -7.20 39.54
C CYS A 408 -39.77 -6.23 38.57
N LEU A 409 -39.94 -6.48 37.28
CA LEU A 409 -39.41 -5.60 36.24
C LEU A 409 -39.72 -4.14 36.54
N SER A 410 -40.86 -3.91 37.19
CA SER A 410 -41.32 -2.58 37.53
C SER A 410 -41.27 -2.33 39.03
N ASP A 411 -40.22 -2.85 39.68
CA ASP A 411 -39.95 -2.60 41.09
C ASP A 411 -39.54 -1.14 41.29
N LYS A 412 -39.78 -0.66 42.50
CA LYS A 412 -39.42 0.70 42.91
C LYS A 412 -37.91 0.97 42.75
N LYS A 413 -37.10 -0.06 42.98
CA LYS A 413 -35.66 0.12 43.09
C LYS A 413 -34.95 -0.37 41.83
N ALA A 414 -34.06 0.47 41.30
CA ALA A 414 -33.39 0.25 40.01
C ALA A 414 -32.59 -1.04 39.96
N LEU A 415 -31.79 -1.27 40.99
CA LEU A 415 -30.96 -2.45 41.06
C LEU A 415 -31.81 -3.71 41.08
N VAL A 416 -33.05 -3.58 41.52
CA VAL A 416 -33.95 -4.74 41.51
C VAL A 416 -34.56 -4.93 40.13
N ARG A 417 -34.62 -3.85 39.36
CA ARG A 417 -35.12 -3.94 37.98
C ARG A 417 -34.06 -4.57 37.12
N SER A 418 -32.88 -3.95 37.09
CA SER A 418 -31.88 -4.28 36.08
C SER A 418 -31.66 -5.79 35.99
N ILE A 419 -31.62 -6.44 37.14
CA ILE A 419 -31.10 -7.80 37.24
C ILE A 419 -32.16 -8.82 36.90
N THR A 420 -33.43 -8.42 37.01
CA THR A 420 -34.55 -9.28 36.64
C THR A 420 -34.72 -9.36 35.13
N CYS A 421 -34.45 -8.24 34.46
CA CYS A 421 -34.04 -8.27 33.06
C CYS A 421 -33.10 -9.44 32.79
N TRP A 422 -31.88 -9.35 33.29
CA TRP A 422 -30.88 -10.38 33.06
C TRP A 422 -31.44 -11.76 33.39
N THR A 423 -31.84 -11.95 34.65
CA THR A 423 -32.39 -13.24 35.07
C THR A 423 -33.48 -13.75 34.11
N LEU A 424 -34.29 -12.84 33.56
CA LEU A 424 -35.34 -13.24 32.62
C LEU A 424 -34.79 -13.74 31.29
N SER A 425 -33.76 -13.06 30.77
CA SER A 425 -33.09 -13.45 29.52
C SER A 425 -32.52 -14.85 29.66
N ARG A 426 -32.06 -15.17 30.87
CA ARG A 426 -31.53 -16.49 31.15
C ARG A 426 -32.57 -17.58 30.92
N TYR A 427 -33.84 -17.19 30.96
CA TYR A 427 -34.95 -18.12 30.75
C TYR A 427 -35.72 -17.85 29.45
N ALA A 428 -35.20 -16.93 28.64
CA ALA A 428 -35.83 -16.54 27.37
C ALA A 428 -36.25 -17.70 26.51
N HIS A 429 -35.47 -18.78 26.52
CA HIS A 429 -35.81 -19.93 25.68
C HIS A 429 -37.19 -20.49 26.01
N TRP A 430 -37.36 -20.94 27.25
CA TRP A 430 -38.63 -21.53 27.68
C TRP A 430 -39.81 -20.59 27.45
N VAL A 431 -39.69 -19.35 27.91
CA VAL A 431 -40.69 -18.32 27.66
C VAL A 431 -41.22 -18.39 26.22
N VAL A 432 -40.32 -18.56 25.27
CA VAL A 432 -40.69 -18.61 23.86
C VAL A 432 -41.38 -19.92 23.46
N SER A 433 -41.11 -21.00 24.20
CA SER A 433 -41.67 -22.30 23.84
C SER A 433 -43.14 -22.43 24.26
N GLN A 434 -43.54 -21.65 25.25
CA GLN A 434 -44.95 -21.60 25.65
C GLN A 434 -45.78 -20.72 24.71
N PRO A 435 -47.12 -20.96 24.64
CA PRO A 435 -48.06 -20.06 23.96
C PRO A 435 -47.73 -18.57 24.14
N PRO A 436 -47.52 -17.85 23.03
CA PRO A 436 -46.95 -16.49 22.99
C PRO A 436 -47.76 -15.41 23.75
N ASP A 437 -48.93 -15.77 24.25
CA ASP A 437 -49.77 -14.82 24.98
C ASP A 437 -49.45 -14.79 26.48
N THR A 438 -49.08 -15.97 27.01
CA THR A 438 -48.93 -16.16 28.45
C THR A 438 -47.71 -15.45 29.04
N TYR A 439 -46.60 -15.52 28.31
CA TYR A 439 -45.31 -15.09 28.83
C TYR A 439 -44.62 -14.11 27.91
N LEU A 440 -44.46 -14.49 26.65
CA LEU A 440 -43.78 -13.66 25.68
C LEU A 440 -44.35 -12.23 25.66
N LYS A 441 -45.63 -12.12 25.33
CA LYS A 441 -46.32 -10.82 25.18
C LYS A 441 -46.15 -9.89 26.38
N PRO A 442 -46.46 -10.37 27.61
CA PRO A 442 -46.20 -9.51 28.78
C PRO A 442 -44.72 -9.19 29.01
N LEU A 443 -43.84 -10.18 28.80
CA LEU A 443 -42.40 -9.96 28.98
C LEU A 443 -41.89 -8.90 28.03
N MET A 444 -42.23 -9.06 26.76
CA MET A 444 -41.78 -8.17 25.73
C MET A 444 -42.21 -6.72 25.95
N THR A 445 -43.43 -6.54 26.43
CA THR A 445 -43.96 -5.21 26.62
C THR A 445 -43.23 -4.56 27.77
N GLU A 446 -43.09 -5.30 28.87
CA GLU A 446 -42.42 -4.76 30.05
C GLU A 446 -40.96 -4.43 29.77
N LEU A 447 -40.33 -5.23 28.92
CA LEU A 447 -38.95 -5.00 28.49
C LEU A 447 -38.81 -3.70 27.71
N LEU A 448 -39.61 -3.56 26.64
CA LEU A 448 -39.58 -2.35 25.83
C LEU A 448 -39.78 -1.10 26.64
N LYS A 449 -40.50 -1.23 27.76
CA LYS A 449 -40.61 -0.12 28.72
C LYS A 449 -39.29 0.09 29.43
N ARG A 450 -38.72 -1.00 29.98
CA ARG A 450 -37.46 -0.94 30.72
C ARG A 450 -36.29 -0.41 29.88
N ILE A 451 -36.28 -0.75 28.58
CA ILE A 451 -35.26 -0.26 27.65
C ILE A 451 -35.11 1.26 27.71
N LEU A 452 -36.22 1.94 27.96
CA LEU A 452 -36.21 3.39 28.03
C LEU A 452 -36.18 3.91 29.48
N ASP A 453 -35.85 3.02 30.41
CA ASP A 453 -35.75 3.34 31.83
C ASP A 453 -34.94 4.59 32.13
N SER A 454 -35.22 5.17 33.30
CA SER A 454 -34.65 6.45 33.72
C SER A 454 -33.13 6.38 33.88
N ASN A 455 -32.64 5.30 34.49
CA ASN A 455 -31.19 5.18 34.74
C ASN A 455 -30.47 4.16 33.86
N LYS A 456 -29.19 4.46 33.63
CA LYS A 456 -28.33 3.76 32.68
C LYS A 456 -28.21 2.24 32.91
N ARG A 457 -27.99 1.83 34.15
CA ARG A 457 -27.74 0.42 34.42
C ARG A 457 -28.98 -0.43 34.20
N VAL A 458 -30.14 0.21 34.06
CA VAL A 458 -31.34 -0.55 33.73
C VAL A 458 -31.52 -0.59 32.23
N GLN A 459 -31.21 0.52 31.58
CA GLN A 459 -31.24 0.58 30.12
C GLN A 459 -30.38 -0.54 29.58
N GLU A 460 -29.09 -0.52 29.95
CA GLU A 460 -28.11 -1.53 29.56
C GLU A 460 -28.61 -2.93 29.82
N ALA A 461 -29.03 -3.18 31.05
CA ALA A 461 -29.51 -4.49 31.46
C ALA A 461 -30.69 -4.92 30.64
N ALA A 462 -31.65 -4.01 30.48
CA ALA A 462 -32.93 -4.31 29.83
C ALA A 462 -32.78 -4.40 28.31
N CYS A 463 -31.94 -3.53 27.76
CA CYS A 463 -31.65 -3.56 26.34
C CYS A 463 -30.96 -4.87 25.90
N SER A 464 -29.90 -5.23 26.63
CA SER A 464 -29.19 -6.49 26.44
C SER A 464 -30.14 -7.66 26.54
N ALA A 465 -31.05 -7.58 27.51
CA ALA A 465 -31.96 -8.67 27.82
C ALA A 465 -32.93 -8.85 26.67
N PHE A 466 -33.30 -7.72 26.05
CA PHE A 466 -34.24 -7.73 24.94
C PHE A 466 -33.61 -8.33 23.69
N ALA A 467 -32.33 -8.00 23.45
CA ALA A 467 -31.55 -8.60 22.39
C ALA A 467 -31.45 -10.12 22.54
N THR A 468 -31.29 -10.59 23.77
CA THR A 468 -31.35 -12.03 24.05
C THR A 468 -32.72 -12.61 23.72
N LEU A 469 -33.76 -11.82 23.95
CA LEU A 469 -35.12 -12.29 23.67
C LEU A 469 -35.38 -12.40 22.19
N GLU A 470 -35.02 -11.36 21.43
CA GLU A 470 -35.14 -11.37 19.96
C GLU A 470 -34.56 -12.66 19.38
N GLU A 471 -33.34 -12.97 19.79
CA GLU A 471 -32.60 -14.12 19.32
C GLU A 471 -33.47 -15.36 19.41
N GLU A 472 -34.19 -15.48 20.52
CA GLU A 472 -35.04 -16.64 20.80
C GLU A 472 -36.43 -16.55 20.19
N ALA A 473 -37.14 -15.45 20.47
CA ALA A 473 -38.47 -15.22 19.95
C ALA A 473 -38.33 -14.65 18.56
N CYS A 474 -38.38 -15.49 17.53
CA CYS A 474 -37.99 -14.98 16.22
C CYS A 474 -39.07 -14.21 15.48
N THR A 475 -39.93 -14.90 14.74
CA THR A 475 -40.99 -14.22 13.99
C THR A 475 -42.15 -13.82 14.89
N GLU A 476 -42.23 -14.47 16.05
CA GLU A 476 -43.18 -14.09 17.10
C GLU A 476 -43.09 -12.58 17.42
N LEU A 477 -42.07 -11.92 16.89
CA LEU A 477 -41.84 -10.49 17.12
C LEU A 477 -42.48 -9.61 16.06
N VAL A 478 -42.88 -10.19 14.93
CA VAL A 478 -43.45 -9.42 13.81
C VAL A 478 -44.76 -8.68 14.17
N PRO A 479 -45.64 -9.30 14.99
CA PRO A 479 -46.77 -8.60 15.58
C PRO A 479 -46.42 -7.27 16.25
N TYR A 480 -45.16 -7.06 16.62
CA TYR A 480 -44.79 -5.90 17.45
C TYR A 480 -43.69 -4.98 16.90
N LEU A 481 -43.16 -5.30 15.73
CA LEU A 481 -42.10 -4.50 15.12
C LEU A 481 -42.27 -2.98 15.22
N ALA A 482 -43.50 -2.49 15.03
CA ALA A 482 -43.79 -1.05 15.06
C ALA A 482 -43.40 -0.44 16.40
N TYR A 483 -43.82 -1.12 17.48
CA TYR A 483 -43.52 -0.72 18.85
C TYR A 483 -42.03 -0.93 19.14
N ILE A 484 -41.51 -2.10 18.75
CA ILE A 484 -40.08 -2.40 18.90
C ILE A 484 -39.20 -1.35 18.20
N LEU A 485 -39.53 -1.02 16.96
CA LEU A 485 -38.79 0.02 16.26
C LEU A 485 -38.96 1.37 16.89
N ASP A 486 -40.15 1.66 17.41
CA ASP A 486 -40.38 2.90 18.14
C ASP A 486 -39.40 3.04 19.30
N THR A 487 -39.37 2.03 20.16
CA THR A 487 -38.47 1.97 21.31
C THR A 487 -37.00 2.18 20.92
N LEU A 488 -36.45 1.25 20.14
CA LEU A 488 -35.04 1.28 19.75
C LEU A 488 -34.67 2.62 19.14
N VAL A 489 -35.39 3.01 18.09
CA VAL A 489 -35.11 4.27 17.39
C VAL A 489 -35.17 5.46 18.37
N PHE A 490 -36.02 5.36 19.38
CA PHE A 490 -36.11 6.44 20.35
C PHE A 490 -34.87 6.51 21.25
N ALA A 491 -34.40 5.34 21.68
CA ALA A 491 -33.20 5.26 22.50
C ALA A 491 -32.00 5.94 21.85
N PHE A 492 -31.88 5.83 20.54
CA PHE A 492 -30.85 6.53 19.80
C PHE A 492 -30.75 7.99 20.20
N SER A 493 -31.89 8.57 20.59
CA SER A 493 -31.91 9.91 21.14
C SER A 493 -31.43 9.89 22.59
N LYS A 494 -32.14 9.13 23.43
CA LYS A 494 -31.86 9.07 24.87
C LYS A 494 -30.42 8.63 25.18
N TYR A 495 -30.06 7.41 24.77
CA TYR A 495 -28.79 6.76 25.12
C TYR A 495 -27.54 7.57 24.83
N GLN A 496 -26.48 7.30 25.57
CA GLN A 496 -25.17 7.84 25.26
C GLN A 496 -24.16 6.72 25.13
N HIS A 497 -22.97 7.05 24.67
CA HIS A 497 -21.96 6.08 24.25
C HIS A 497 -22.12 4.66 24.82
N LYS A 498 -21.85 4.51 26.10
CA LYS A 498 -21.85 3.20 26.75
C LYS A 498 -23.00 2.32 26.27
N ASN A 499 -24.23 2.77 26.53
CA ASN A 499 -25.44 2.00 26.23
C ASN A 499 -25.79 1.95 24.76
N LEU A 500 -25.28 2.92 23.99
CA LEU A 500 -25.50 3.00 22.56
C LEU A 500 -24.94 1.78 21.83
N LEU A 501 -23.79 1.30 22.28
CA LEU A 501 -23.14 0.14 21.72
C LEU A 501 -24.03 -1.10 21.84
N ILE A 502 -24.69 -1.29 22.98
CA ILE A 502 -25.64 -2.40 23.14
C ILE A 502 -26.88 -2.23 22.26
N LEU A 503 -27.34 -1.00 22.09
CA LEU A 503 -28.48 -0.73 21.21
C LEU A 503 -28.23 -1.20 19.77
N TYR A 504 -27.06 -0.90 19.21
CA TYR A 504 -26.64 -1.45 17.91
C TYR A 504 -26.85 -2.97 17.90
N ASP A 505 -26.29 -3.64 18.90
CA ASP A 505 -26.46 -5.08 19.04
C ASP A 505 -27.94 -5.42 18.89
N ALA A 506 -28.77 -4.83 19.74
CA ALA A 506 -30.22 -5.12 19.76
C ALA A 506 -30.94 -4.82 18.43
N ILE A 507 -30.58 -3.72 17.77
CA ILE A 507 -31.15 -3.38 16.47
C ILE A 507 -30.76 -4.41 15.38
N GLY A 508 -29.45 -4.64 15.24
CA GLY A 508 -28.92 -5.68 14.38
C GLY A 508 -29.59 -7.01 14.67
N THR A 509 -29.66 -7.40 15.95
CA THR A 509 -30.25 -8.68 16.30
C THR A 509 -31.69 -8.81 15.82
N LEU A 510 -32.43 -7.70 15.86
CA LEU A 510 -33.82 -7.68 15.37
C LEU A 510 -33.84 -8.06 13.91
N ALA A 511 -33.15 -7.25 13.10
CA ALA A 511 -32.99 -7.51 11.67
C ALA A 511 -32.70 -8.97 11.40
N ASP A 512 -31.84 -9.59 12.20
CA ASP A 512 -31.50 -10.98 12.00
C ASP A 512 -32.65 -11.90 12.33
N SER A 513 -33.34 -11.61 13.43
CA SER A 513 -34.32 -12.52 14.02
C SER A 513 -35.67 -12.41 13.36
N VAL A 514 -35.79 -11.46 12.46
CA VAL A 514 -37.05 -11.13 11.82
C VAL A 514 -36.88 -11.18 10.30
N GLY A 515 -35.70 -10.78 9.82
CA GLY A 515 -35.39 -10.88 8.40
C GLY A 515 -36.20 -9.93 7.56
N HIS A 516 -36.71 -10.44 6.45
CA HIS A 516 -37.42 -9.66 5.43
C HIS A 516 -38.68 -8.95 5.94
N HIS A 517 -39.38 -9.55 6.91
CA HIS A 517 -40.53 -8.91 7.54
C HIS A 517 -40.26 -7.44 7.82
N LEU A 518 -38.99 -7.12 8.12
CA LEU A 518 -38.55 -5.76 8.40
C LEU A 518 -38.57 -4.85 7.16
N ASN A 519 -38.46 -5.44 5.98
CA ASN A 519 -38.48 -4.67 4.74
C ASN A 519 -39.86 -4.16 4.37
N LYS A 520 -40.19 -2.97 4.88
CA LYS A 520 -41.45 -2.31 4.63
C LYS A 520 -41.20 -0.81 4.69
N PRO A 521 -41.59 -0.06 3.64
CA PRO A 521 -41.36 1.39 3.59
C PRO A 521 -41.54 2.11 4.93
N GLU A 522 -42.60 1.75 5.66
CA GLU A 522 -42.89 2.33 6.99
C GLU A 522 -41.72 2.20 7.98
N TYR A 523 -41.12 1.01 8.01
CA TYR A 523 -40.01 0.67 8.89
C TYR A 523 -38.67 1.29 8.47
N ILE A 524 -38.29 1.14 7.20
CA ILE A 524 -37.07 1.77 6.69
C ILE A 524 -37.03 3.27 7.01
N GLN A 525 -38.20 3.91 7.04
CA GLN A 525 -38.31 5.35 7.34
C GLN A 525 -37.92 5.75 8.75
N MET A 526 -38.27 4.93 9.75
CA MET A 526 -37.85 5.16 11.13
C MET A 526 -36.38 4.78 11.28
N LEU A 527 -36.06 3.55 10.89
CA LEU A 527 -34.78 2.90 11.24
C LEU A 527 -33.55 3.53 10.59
N MET A 528 -33.57 3.70 9.27
CA MET A 528 -32.37 4.14 8.57
C MET A 528 -31.90 5.55 8.93
N PRO A 529 -32.78 6.55 8.92
CA PRO A 529 -32.32 7.91 9.11
C PRO A 529 -31.36 8.15 10.29
N PRO A 530 -31.60 7.58 11.49
CA PRO A 530 -30.60 7.82 12.54
C PRO A 530 -29.29 7.08 12.32
N LEU A 531 -29.36 5.89 11.74
CA LEU A 531 -28.18 5.05 11.44
C LEU A 531 -27.23 5.75 10.49
N ILE A 532 -27.73 6.71 9.74
CA ILE A 532 -26.93 7.40 8.75
C ILE A 532 -26.18 8.65 9.28
N GLN A 533 -26.76 9.16 10.32
CA GLN A 533 -26.12 10.28 11.00
C GLN A 533 -24.85 9.82 11.71
N LYS A 534 -25.07 8.73 12.38
CA LYS A 534 -23.95 8.06 13.03
C LYS A 534 -22.88 7.72 11.99
N TRP A 535 -23.32 7.28 10.81
CA TRP A 535 -22.45 6.94 9.68
C TRP A 535 -21.67 8.13 9.13
N ASN A 536 -22.38 9.23 8.86
CA ASN A 536 -21.72 10.44 8.35
C ASN A 536 -20.93 11.20 9.41
N MET A 537 -21.29 10.99 10.68
CA MET A 537 -20.65 11.67 11.78
C MET A 537 -19.28 11.06 12.10
N LEU A 538 -19.21 9.73 12.06
CA LEU A 538 -17.99 9.01 12.42
C LEU A 538 -16.96 9.04 11.29
N LYS A 539 -15.74 9.43 11.63
CA LYS A 539 -14.65 9.47 10.67
C LYS A 539 -14.11 8.05 10.49
N ASP A 540 -13.31 7.81 9.45
CA ASP A 540 -12.88 6.45 9.06
C ASP A 540 -12.07 5.67 10.10
N GLU A 541 -11.30 6.38 10.93
CA GLU A 541 -10.41 5.77 11.92
C GLU A 541 -11.14 5.44 13.24
N ASP A 542 -12.39 5.87 13.33
CA ASP A 542 -13.14 5.86 14.58
C ASP A 542 -13.64 4.46 14.93
N LYS A 543 -13.00 3.84 15.92
CA LYS A 543 -13.33 2.48 16.34
C LYS A 543 -14.80 2.29 16.69
N ASP A 544 -15.57 3.36 16.58
CA ASP A 544 -17.01 3.31 16.80
C ASP A 544 -17.78 2.69 15.64
N LEU A 545 -17.12 2.53 14.50
CA LEU A 545 -17.71 1.89 13.32
C LEU A 545 -17.94 0.40 13.50
N PHE A 546 -17.15 -0.24 14.34
CA PHE A 546 -17.28 -1.67 14.52
C PHE A 546 -18.72 -2.09 14.83
N PRO A 547 -19.33 -1.54 15.90
CA PRO A 547 -20.65 -2.04 16.28
C PRO A 547 -21.72 -1.53 15.33
N LEU A 548 -21.46 -0.39 14.70
CA LEU A 548 -22.36 0.17 13.71
C LEU A 548 -22.44 -0.70 12.45
N LEU A 549 -21.30 -1.09 11.89
CA LEU A 549 -21.31 -1.76 10.60
C LEU A 549 -21.70 -3.21 10.74
N GLU A 550 -21.44 -3.82 11.90
CA GLU A 550 -21.92 -5.19 12.14
C GLU A 550 -23.42 -5.16 12.40
N CYS A 551 -23.95 -3.97 12.70
CA CYS A 551 -25.40 -3.76 12.82
C CYS A 551 -26.00 -3.55 11.44
N LEU A 552 -25.38 -2.65 10.68
CA LEU A 552 -25.84 -2.29 9.36
C LEU A 552 -25.80 -3.48 8.38
N SER A 553 -24.87 -4.41 8.61
CA SER A 553 -24.77 -5.58 7.75
C SER A 553 -25.93 -6.54 7.98
N SER A 554 -26.49 -6.52 9.18
CA SER A 554 -27.64 -7.33 9.50
C SER A 554 -28.94 -6.70 9.00
N VAL A 555 -28.97 -5.37 9.03
CA VAL A 555 -30.06 -4.62 8.43
C VAL A 555 -30.05 -4.86 6.92
N ALA A 556 -28.89 -4.63 6.30
CA ALA A 556 -28.74 -4.72 4.85
C ALA A 556 -29.20 -6.05 4.27
N THR A 557 -29.05 -7.12 5.04
CA THR A 557 -29.48 -8.42 4.60
C THR A 557 -30.99 -8.55 4.78
N ALA A 558 -31.52 -7.98 5.86
CA ALA A 558 -32.91 -8.23 6.29
C ALA A 558 -33.91 -7.44 5.46
N LEU A 559 -33.78 -6.12 5.43
CA LEU A 559 -34.31 -5.38 4.31
C LEU A 559 -33.55 -6.05 3.19
N GLN A 560 -34.17 -6.26 2.05
CA GLN A 560 -33.41 -6.82 0.94
C GLN A 560 -33.15 -5.73 -0.05
N SER A 561 -33.82 -5.80 -1.19
CA SER A 561 -33.78 -4.74 -2.20
C SER A 561 -34.27 -3.41 -1.64
N GLY A 562 -34.90 -3.46 -0.46
CA GLY A 562 -35.31 -2.26 0.27
C GLY A 562 -34.16 -1.30 0.54
N PHE A 563 -32.94 -1.84 0.49
CA PHE A 563 -31.74 -1.11 0.87
C PHE A 563 -31.23 -0.23 -0.27
N LEU A 564 -31.72 -0.47 -1.48
CA LEU A 564 -31.17 0.14 -2.69
C LEU A 564 -30.82 1.64 -2.64
N PRO A 565 -31.71 2.50 -2.09
CA PRO A 565 -31.34 3.92 -2.04
C PRO A 565 -29.99 4.17 -1.35
N TYR A 566 -29.68 3.33 -0.37
CA TYR A 566 -28.57 3.57 0.55
C TYR A 566 -27.25 2.87 0.19
N CYS A 567 -27.29 1.94 -0.77
CA CYS A 567 -26.18 1.01 -0.97
C CYS A 567 -24.91 1.60 -1.61
N GLU A 568 -25.06 2.56 -2.50
CA GLU A 568 -23.90 3.10 -3.21
C GLU A 568 -22.84 3.77 -2.30
N PRO A 569 -23.28 4.60 -1.33
CA PRO A 569 -22.28 5.11 -0.38
C PRO A 569 -21.75 4.05 0.61
N VAL A 570 -22.63 3.16 1.06
CA VAL A 570 -22.27 2.05 1.95
C VAL A 570 -21.22 1.13 1.32
N TYR A 571 -21.43 0.79 0.04
CA TYR A 571 -20.51 -0.09 -0.67
C TYR A 571 -19.14 0.57 -0.84
N GLN A 572 -19.11 1.77 -1.39
CA GLN A 572 -17.82 2.40 -1.67
C GLN A 572 -16.99 2.55 -0.41
N ARG A 573 -17.62 2.95 0.69
CA ARG A 573 -16.91 3.15 1.95
C ARG A 573 -16.21 1.90 2.48
N CYS A 574 -16.88 0.75 2.36
CA CYS A 574 -16.28 -0.51 2.85
C CYS A 574 -15.04 -0.91 2.06
N VAL A 575 -15.09 -0.74 0.75
CA VAL A 575 -13.98 -1.09 -0.13
C VAL A 575 -12.77 -0.24 0.23
N ASN A 576 -13.01 1.06 0.44
CA ASN A 576 -11.97 1.97 0.90
C ASN A 576 -11.36 1.61 2.23
N LEU A 577 -12.19 1.14 3.16
CA LEU A 577 -11.66 0.63 4.41
C LEU A 577 -10.74 -0.54 4.12
N VAL A 578 -11.21 -1.46 3.28
CA VAL A 578 -10.46 -2.68 2.93
C VAL A 578 -9.18 -2.36 2.19
N GLN A 579 -9.27 -1.50 1.19
CA GLN A 579 -8.10 -1.03 0.47
C GLN A 579 -7.10 -0.41 1.43
N LYS A 580 -7.58 0.55 2.22
CA LYS A 580 -6.79 1.28 3.19
C LYS A 580 -6.06 0.38 4.18
N THR A 581 -6.77 -0.56 4.81
CA THR A 581 -6.09 -1.36 5.84
C THR A 581 -5.09 -2.32 5.23
N LEU A 582 -5.34 -2.72 3.99
CA LEU A 582 -4.38 -3.50 3.23
C LEU A 582 -3.16 -2.65 2.90
N ALA A 583 -3.41 -1.46 2.35
CA ALA A 583 -2.33 -0.56 2.00
C ALA A 583 -1.45 -0.36 3.23
N GLN A 584 -2.08 0.07 4.33
CA GLN A 584 -1.42 0.34 5.60
C GLN A 584 -0.61 -0.87 6.07
N ALA A 585 -1.17 -2.07 5.89
CA ALA A 585 -0.52 -3.30 6.34
C ALA A 585 0.74 -3.57 5.53
N MET A 586 0.70 -3.21 4.24
CA MET A 586 1.83 -3.41 3.34
C MET A 586 2.98 -2.55 3.82
N LEU A 587 2.71 -1.25 3.98
CA LEU A 587 3.70 -0.30 4.47
C LEU A 587 4.36 -0.84 5.72
N ASN A 588 3.57 -1.10 6.74
CA ASN A 588 4.06 -1.68 7.98
C ASN A 588 4.93 -2.92 7.77
N ASN A 589 4.59 -3.75 6.80
CA ASN A 589 5.34 -4.97 6.49
C ASN A 589 6.75 -4.65 5.94
N ALA A 590 6.81 -3.68 5.03
CA ALA A 590 8.08 -3.23 4.47
C ALA A 590 8.97 -2.50 5.48
N GLN A 591 8.36 -1.84 6.47
CA GLN A 591 9.09 -1.00 7.45
C GLN A 591 8.38 -0.83 8.80
N PRO A 592 8.40 -1.88 9.64
CA PRO A 592 7.68 -1.88 10.92
C PRO A 592 7.96 -0.67 11.81
N ASP A 593 9.17 -0.11 11.71
CA ASP A 593 9.58 0.99 12.56
C ASP A 593 9.04 2.35 12.07
N GLN A 594 9.06 2.56 10.76
CA GLN A 594 8.64 3.83 10.16
C GLN A 594 7.12 3.90 9.95
N TYR A 595 6.46 2.74 9.84
CA TYR A 595 4.99 2.67 9.65
C TYR A 595 4.36 1.68 10.62
N GLU A 596 3.18 2.01 11.13
CA GLU A 596 2.51 1.13 12.11
C GLU A 596 1.50 0.17 11.47
N ALA A 597 1.28 -0.96 12.14
CA ALA A 597 0.29 -1.95 11.71
C ALA A 597 -1.10 -1.35 11.83
N PRO A 598 -2.05 -1.78 10.97
CA PRO A 598 -3.39 -1.23 11.09
C PRO A 598 -4.31 -2.09 11.96
N ASP A 599 -5.42 -1.50 12.41
CA ASP A 599 -6.44 -2.24 13.14
C ASP A 599 -7.25 -3.06 12.15
N LYS A 600 -6.98 -4.36 12.11
CA LYS A 600 -7.61 -5.22 11.12
C LYS A 600 -9.11 -5.42 11.34
N ASP A 601 -9.59 -5.16 12.55
CA ASP A 601 -11.00 -5.25 12.85
C ASP A 601 -11.81 -4.35 11.94
N PHE A 602 -11.13 -3.37 11.33
CA PHE A 602 -11.78 -2.43 10.45
C PHE A 602 -12.22 -3.07 9.16
N MET A 603 -11.40 -3.96 8.60
CA MET A 603 -11.80 -4.69 7.40
C MET A 603 -12.63 -5.95 7.72
N ILE A 604 -12.27 -6.66 8.78
CA ILE A 604 -13.15 -7.73 9.27
C ILE A 604 -14.58 -7.22 9.37
N VAL A 605 -14.74 -5.94 9.72
CA VAL A 605 -16.07 -5.34 9.80
C VAL A 605 -16.58 -4.88 8.43
N ALA A 606 -15.73 -4.22 7.66
CA ALA A 606 -16.08 -3.79 6.30
C ALA A 606 -16.51 -4.97 5.44
N LEU A 607 -15.69 -6.03 5.40
CA LEU A 607 -15.97 -7.23 4.62
C LEU A 607 -17.34 -7.78 4.97
N ASP A 608 -17.57 -8.02 6.26
CA ASP A 608 -18.83 -8.57 6.75
C ASP A 608 -20.08 -7.77 6.33
N LEU A 609 -19.92 -6.49 6.02
CA LEU A 609 -21.04 -5.69 5.56
C LEU A 609 -21.25 -5.87 4.05
N LEU A 610 -20.18 -5.71 3.26
CA LEU A 610 -20.23 -6.05 1.82
C LEU A 610 -20.85 -7.44 1.62
N SER A 611 -20.45 -8.39 2.45
CA SER A 611 -21.05 -9.73 2.46
C SER A 611 -22.57 -9.66 2.62
N GLY A 612 -23.03 -8.93 3.63
CA GLY A 612 -24.46 -8.83 3.91
C GLY A 612 -25.19 -7.96 2.91
N LEU A 613 -24.43 -7.20 2.14
CA LEU A 613 -24.99 -6.42 1.05
C LEU A 613 -25.16 -7.36 -0.15
N ALA A 614 -24.14 -8.19 -0.39
CA ALA A 614 -24.16 -9.20 -1.44
C ALA A 614 -25.31 -10.18 -1.27
N GLU A 615 -25.75 -10.38 -0.02
CA GLU A 615 -26.78 -11.37 0.25
C GLU A 615 -28.18 -10.81 0.03
N GLY A 616 -28.38 -9.56 0.43
CA GLY A 616 -29.70 -8.96 0.38
C GLY A 616 -29.99 -8.29 -0.94
N LEU A 617 -28.93 -7.86 -1.62
CA LEU A 617 -29.03 -7.22 -2.92
C LEU A 617 -28.91 -8.21 -4.07
N GLY A 618 -28.45 -9.42 -3.75
CA GLY A 618 -28.25 -10.47 -4.75
C GLY A 618 -27.72 -9.92 -6.05
N GLY A 619 -28.52 -10.06 -7.12
CA GLY A 619 -28.15 -9.59 -8.45
C GLY A 619 -27.82 -8.12 -8.52
N ASN A 620 -28.60 -7.29 -7.85
CA ASN A 620 -28.50 -5.82 -7.94
C ASN A 620 -27.14 -5.27 -7.52
N ILE A 621 -26.25 -6.14 -7.04
CA ILE A 621 -24.92 -5.76 -6.57
C ILE A 621 -23.87 -5.74 -7.69
N GLU A 622 -24.19 -6.39 -8.82
CA GLU A 622 -23.20 -6.65 -9.88
C GLU A 622 -22.42 -5.42 -10.36
N GLN A 623 -23.12 -4.40 -10.84
CA GLN A 623 -22.45 -3.22 -11.38
C GLN A 623 -21.44 -2.65 -10.38
N LEU A 624 -21.86 -2.47 -9.14
CA LEU A 624 -20.99 -1.97 -8.07
C LEU A 624 -19.75 -2.84 -7.94
N VAL A 625 -19.94 -4.16 -8.01
CA VAL A 625 -18.85 -5.11 -7.96
C VAL A 625 -17.97 -5.00 -9.22
N ALA A 626 -18.62 -4.85 -10.37
CA ALA A 626 -17.94 -4.77 -11.65
C ALA A 626 -16.99 -3.60 -11.70
N ARG A 627 -17.52 -2.40 -11.47
CA ARG A 627 -16.73 -1.18 -11.46
C ARG A 627 -15.61 -1.18 -10.39
N SER A 628 -15.92 -1.60 -9.17
CA SER A 628 -14.94 -1.66 -8.07
C SER A 628 -13.79 -2.65 -8.26
N ASN A 629 -12.82 -2.59 -7.36
CA ASN A 629 -11.65 -3.48 -7.38
C ASN A 629 -11.72 -4.47 -6.22
N ILE A 630 -12.94 -4.85 -5.86
CA ILE A 630 -13.23 -5.71 -4.71
C ILE A 630 -12.58 -7.10 -4.77
N LEU A 631 -12.54 -7.70 -5.97
CA LEU A 631 -12.01 -9.05 -6.12
C LEU A 631 -10.49 -9.09 -6.03
N THR A 632 -9.83 -8.05 -6.55
CA THR A 632 -8.39 -7.93 -6.40
C THR A 632 -8.06 -7.80 -4.93
N LEU A 633 -8.89 -7.04 -4.21
CA LEU A 633 -8.72 -6.86 -2.77
C LEU A 633 -8.91 -8.15 -2.00
N MET A 634 -10.03 -8.84 -2.28
CA MET A 634 -10.37 -10.08 -1.60
C MET A 634 -9.24 -11.09 -1.64
N TYR A 635 -8.50 -11.09 -2.75
CA TYR A 635 -7.44 -12.06 -2.96
C TYR A 635 -6.27 -11.93 -1.97
N GLN A 636 -6.04 -10.72 -1.46
CA GLN A 636 -5.03 -10.54 -0.43
C GLN A 636 -5.64 -10.78 0.95
N CYS A 637 -6.94 -10.54 1.07
CA CYS A 637 -7.65 -10.80 2.32
C CYS A 637 -7.66 -12.28 2.65
N MET A 638 -7.76 -13.10 1.61
CA MET A 638 -7.77 -14.55 1.76
C MET A 638 -6.39 -15.07 2.15
N GLN A 639 -5.37 -14.28 1.81
CA GLN A 639 -4.00 -14.66 2.08
C GLN A 639 -3.49 -14.09 3.38
N ASP A 640 -4.35 -13.36 4.07
CA ASP A 640 -3.97 -12.64 5.28
C ASP A 640 -3.57 -13.53 6.45
N LYS A 641 -2.64 -13.05 7.27
CA LYS A 641 -2.18 -13.82 8.43
C LYS A 641 -3.35 -14.19 9.34
N MET A 642 -4.25 -13.24 9.54
CA MET A 642 -5.32 -13.36 10.54
C MET A 642 -6.56 -14.14 10.07
N PRO A 643 -6.86 -15.24 10.77
CA PRO A 643 -8.02 -16.09 10.45
C PRO A 643 -9.30 -15.30 10.18
N GLU A 644 -9.69 -14.46 11.14
CA GLU A 644 -10.90 -13.64 11.05
C GLU A 644 -11.02 -12.84 9.75
N VAL A 645 -9.90 -12.33 9.25
CA VAL A 645 -9.88 -11.63 7.97
C VAL A 645 -10.22 -12.63 6.88
N ARG A 646 -9.49 -13.75 6.84
CA ARG A 646 -9.74 -14.82 5.87
C ARG A 646 -11.20 -15.24 5.92
N GLN A 647 -11.61 -15.75 7.07
CA GLN A 647 -12.99 -16.13 7.35
C GLN A 647 -14.06 -15.20 6.74
N SER A 648 -13.88 -13.89 6.87
CA SER A 648 -14.83 -12.91 6.36
C SER A 648 -14.85 -12.84 4.84
N SER A 649 -13.68 -12.98 4.21
CA SER A 649 -13.60 -12.82 2.76
C SER A 649 -14.05 -14.08 2.00
N PHE A 650 -13.85 -15.25 2.61
CA PHE A 650 -14.42 -16.48 2.07
C PHE A 650 -15.95 -16.40 2.09
N ALA A 651 -16.54 -16.04 3.22
CA ALA A 651 -17.97 -15.78 3.30
C ALA A 651 -18.40 -14.76 2.24
N LEU A 652 -17.58 -13.74 2.02
CA LEU A 652 -17.82 -12.75 0.97
C LEU A 652 -17.71 -13.34 -0.43
N LEU A 653 -16.77 -14.26 -0.61
CA LEU A 653 -16.60 -14.96 -1.88
C LEU A 653 -17.88 -15.68 -2.24
N GLY A 654 -18.27 -16.62 -1.38
CA GLY A 654 -19.48 -17.40 -1.56
C GLY A 654 -20.68 -16.52 -1.86
N ASP A 655 -20.78 -15.41 -1.14
CA ASP A 655 -21.86 -14.45 -1.35
C ASP A 655 -21.85 -13.84 -2.76
N LEU A 656 -20.66 -13.46 -3.23
CA LEU A 656 -20.53 -12.87 -4.55
C LEU A 656 -20.74 -13.92 -5.63
N THR A 657 -20.22 -15.13 -5.38
CA THR A 657 -20.37 -16.26 -6.27
C THR A 657 -21.85 -16.51 -6.56
N LYS A 658 -22.67 -16.47 -5.50
CA LYS A 658 -24.13 -16.58 -5.62
C LYS A 658 -24.76 -15.38 -6.34
N ALA A 659 -24.22 -14.20 -6.10
CA ALA A 659 -24.90 -12.97 -6.49
C ALA A 659 -24.66 -12.62 -7.94
N CYS A 660 -23.40 -12.69 -8.36
CA CYS A 660 -23.01 -12.26 -9.69
C CYS A 660 -21.76 -13.00 -10.11
N PHE A 661 -21.95 -14.27 -10.44
CA PHE A 661 -20.84 -15.13 -10.85
C PHE A 661 -20.14 -14.62 -12.11
N GLN A 662 -20.83 -13.75 -12.85
CA GLN A 662 -20.29 -13.09 -14.04
C GLN A 662 -18.90 -12.55 -13.77
N HIS A 663 -18.71 -11.96 -12.59
CA HIS A 663 -17.47 -11.26 -12.25
C HIS A 663 -16.50 -12.14 -11.47
N VAL A 664 -17.02 -13.16 -10.80
CA VAL A 664 -16.19 -14.03 -9.95
C VAL A 664 -15.42 -15.05 -10.80
N LYS A 665 -16.11 -15.67 -11.75
CA LYS A 665 -15.54 -16.71 -12.62
C LYS A 665 -14.14 -16.40 -13.19
N PRO A 666 -13.96 -15.20 -13.81
CA PRO A 666 -12.69 -14.82 -14.41
C PRO A 666 -11.47 -14.97 -13.52
N CYS A 667 -11.59 -15.65 -12.39
CA CYS A 667 -10.46 -15.87 -11.48
C CYS A 667 -10.67 -16.98 -10.44
N ILE A 668 -11.56 -17.92 -10.76
CA ILE A 668 -11.74 -19.13 -9.92
C ILE A 668 -10.43 -19.92 -9.89
N ALA A 669 -9.60 -19.70 -10.91
CA ALA A 669 -8.30 -20.33 -11.01
C ALA A 669 -7.30 -19.81 -9.97
N ASP A 670 -7.54 -18.60 -9.45
CA ASP A 670 -6.69 -18.00 -8.42
C ASP A 670 -7.17 -18.33 -7.02
N PHE A 671 -8.49 -18.38 -6.86
CA PHE A 671 -9.11 -18.60 -5.56
C PHE A 671 -9.01 -20.04 -5.05
N MET A 672 -9.23 -21.01 -5.95
CA MET A 672 -9.27 -22.40 -5.56
C MET A 672 -7.99 -22.88 -4.86
N PRO A 673 -6.80 -22.59 -5.42
CA PRO A 673 -5.61 -22.96 -4.68
C PRO A 673 -5.59 -22.40 -3.26
N ILE A 674 -6.13 -21.19 -3.06
CA ILE A 674 -6.24 -20.60 -1.70
C ILE A 674 -7.26 -21.36 -0.87
N LEU A 675 -8.49 -21.47 -1.37
CA LEU A 675 -9.54 -22.25 -0.73
C LEU A 675 -9.05 -23.64 -0.28
N GLY A 676 -8.24 -24.27 -1.12
CA GLY A 676 -7.66 -25.58 -0.82
C GLY A 676 -6.71 -25.57 0.38
N THR A 677 -5.74 -24.66 0.36
CA THR A 677 -4.77 -24.56 1.45
C THR A 677 -5.40 -23.99 2.72
N ASN A 678 -6.71 -23.72 2.66
CA ASN A 678 -7.46 -23.17 3.79
C ASN A 678 -8.50 -24.13 4.37
N LEU A 679 -8.52 -25.36 3.87
CA LEU A 679 -9.39 -26.40 4.39
C LEU A 679 -8.77 -27.06 5.62
N ASN A 680 -8.43 -26.22 6.60
CA ASN A 680 -7.71 -26.67 7.78
C ASN A 680 -8.57 -26.55 9.04
N PRO A 681 -8.98 -27.71 9.59
CA PRO A 681 -9.91 -27.87 10.72
C PRO A 681 -9.50 -27.16 12.01
N GLU A 682 -8.24 -26.79 12.15
CA GLU A 682 -7.80 -26.08 13.36
C GLU A 682 -8.33 -24.62 13.38
N PHE A 683 -8.62 -24.07 12.20
CA PHE A 683 -9.35 -22.80 12.10
C PHE A 683 -10.79 -23.08 11.64
N ILE A 684 -11.61 -23.62 12.56
CA ILE A 684 -12.94 -24.19 12.25
C ILE A 684 -13.91 -23.32 11.43
N SER A 685 -13.94 -22.02 11.67
CA SER A 685 -14.87 -21.15 10.94
C SER A 685 -14.27 -20.56 9.65
N VAL A 686 -12.95 -20.53 9.55
CA VAL A 686 -12.26 -20.19 8.29
C VAL A 686 -12.47 -21.35 7.34
N CYS A 687 -12.34 -22.54 7.90
CA CYS A 687 -12.55 -23.77 7.18
C CYS A 687 -14.01 -23.92 6.79
N ASN A 688 -14.92 -23.57 7.68
CA ASN A 688 -16.37 -23.68 7.43
C ASN A 688 -16.84 -22.82 6.26
N ASN A 689 -16.31 -21.60 6.17
CA ASN A 689 -16.64 -20.71 5.07
C ASN A 689 -15.96 -21.12 3.75
N ALA A 690 -14.80 -21.77 3.87
CA ALA A 690 -14.08 -22.29 2.71
C ALA A 690 -14.92 -23.35 2.03
N THR A 691 -15.13 -24.44 2.75
CA THR A 691 -16.06 -25.50 2.36
C THR A 691 -17.35 -24.94 1.76
N TRP A 692 -17.97 -23.98 2.43
CA TRP A 692 -19.19 -23.39 1.90
C TRP A 692 -19.01 -22.71 0.54
N ALA A 693 -17.92 -21.95 0.38
CA ALA A 693 -17.66 -21.23 -0.87
C ALA A 693 -17.48 -22.21 -2.02
N ILE A 694 -16.57 -23.17 -1.83
CA ILE A 694 -16.30 -24.26 -2.80
C ILE A 694 -17.59 -24.90 -3.32
N GLY A 695 -18.48 -25.28 -2.39
CA GLY A 695 -19.79 -25.80 -2.72
C GLY A 695 -20.58 -24.87 -3.63
N GLU A 696 -20.65 -23.59 -3.27
CA GLU A 696 -21.40 -22.63 -4.05
C GLU A 696 -20.72 -22.34 -5.37
N ILE A 697 -19.39 -22.46 -5.39
CA ILE A 697 -18.62 -22.21 -6.61
C ILE A 697 -19.07 -23.21 -7.65
N SER A 698 -18.99 -24.50 -7.30
CA SER A 698 -19.30 -25.60 -8.22
C SER A 698 -20.64 -25.44 -8.92
N ILE A 699 -21.69 -25.19 -8.17
CA ILE A 699 -23.01 -24.94 -8.76
C ILE A 699 -22.92 -24.01 -9.98
N GLN A 700 -22.26 -22.87 -9.80
CA GLN A 700 -22.04 -21.91 -10.89
C GLN A 700 -21.04 -22.42 -11.92
N MET A 701 -20.07 -23.18 -11.45
CA MET A 701 -18.93 -23.57 -12.27
C MET A 701 -19.18 -24.79 -13.17
N GLY A 702 -20.32 -25.45 -13.01
CA GLY A 702 -20.65 -26.63 -13.81
C GLY A 702 -19.50 -27.63 -13.94
N ILE A 703 -19.33 -28.17 -15.15
CA ILE A 703 -18.31 -29.19 -15.44
C ILE A 703 -16.89 -28.65 -15.26
N GLU A 704 -16.71 -27.36 -15.58
CA GLU A 704 -15.41 -26.67 -15.51
C GLU A 704 -14.68 -26.88 -14.19
N MET A 705 -15.44 -27.22 -13.15
CA MET A 705 -14.94 -27.45 -11.81
C MET A 705 -13.95 -28.63 -11.72
N GLN A 706 -13.93 -29.49 -12.75
CA GLN A 706 -13.17 -30.75 -12.67
C GLN A 706 -11.63 -30.64 -12.40
N PRO A 707 -10.93 -29.65 -13.02
CA PRO A 707 -9.48 -29.60 -12.77
C PRO A 707 -9.18 -29.18 -11.33
N TYR A 708 -10.19 -28.62 -10.67
CA TYR A 708 -10.05 -28.03 -9.35
C TYR A 708 -10.33 -29.05 -8.23
N ILE A 709 -11.16 -30.04 -8.54
CA ILE A 709 -11.50 -31.11 -7.61
C ILE A 709 -10.30 -31.73 -6.88
N PRO A 710 -9.19 -32.03 -7.58
CA PRO A 710 -8.06 -32.63 -6.86
C PRO A 710 -7.50 -31.74 -5.74
N MET A 711 -7.51 -30.43 -5.99
CA MET A 711 -7.13 -29.40 -5.00
C MET A 711 -7.84 -29.55 -3.65
N VAL A 712 -9.11 -29.91 -3.70
CA VAL A 712 -9.96 -29.84 -2.52
C VAL A 712 -10.40 -31.20 -1.97
N LEU A 713 -10.67 -32.15 -2.85
CA LEU A 713 -11.39 -33.38 -2.49
C LEU A 713 -10.83 -34.20 -1.34
N HIS A 714 -9.52 -34.43 -1.33
CA HIS A 714 -8.93 -35.33 -0.33
C HIS A 714 -9.06 -34.83 1.10
N GLN A 715 -8.70 -33.56 1.31
CA GLN A 715 -8.76 -32.93 2.62
C GLN A 715 -10.19 -32.75 3.08
N LEU A 716 -11.07 -32.53 2.11
CA LEU A 716 -12.51 -32.47 2.35
C LEU A 716 -13.02 -33.79 2.97
N VAL A 717 -12.58 -34.92 2.43
CA VAL A 717 -12.91 -36.25 2.99
C VAL A 717 -12.21 -36.47 4.35
N GLU A 718 -11.04 -35.87 4.52
CA GLU A 718 -10.34 -35.89 5.80
C GLU A 718 -11.21 -35.29 6.91
N ILE A 719 -11.79 -34.13 6.61
CA ILE A 719 -12.58 -33.35 7.56
C ILE A 719 -13.90 -34.05 7.91
N ILE A 720 -14.52 -34.67 6.91
CA ILE A 720 -15.78 -35.40 7.11
C ILE A 720 -15.57 -36.60 8.04
N ASN A 721 -14.35 -37.10 8.11
CA ASN A 721 -14.04 -38.30 8.89
C ASN A 721 -13.29 -38.08 10.21
N ARG A 722 -12.51 -37.00 10.32
CA ARG A 722 -11.79 -36.72 11.56
C ARG A 722 -12.78 -36.39 12.68
N PRO A 723 -12.62 -37.04 13.85
CA PRO A 723 -13.65 -36.99 14.89
C PRO A 723 -13.61 -35.70 15.73
N ASN A 724 -14.78 -35.32 16.25
CA ASN A 724 -14.96 -34.14 17.11
C ASN A 724 -14.95 -32.79 16.38
N THR A 725 -15.26 -32.80 15.09
CA THR A 725 -15.59 -31.57 14.38
C THR A 725 -17.06 -31.25 14.66
N PRO A 726 -17.38 -29.96 14.86
CA PRO A 726 -18.78 -29.58 15.11
C PRO A 726 -19.69 -29.91 13.93
N LYS A 727 -20.94 -30.24 14.23
CA LYS A 727 -21.95 -30.61 13.23
C LYS A 727 -22.07 -29.57 12.11
N THR A 728 -21.92 -28.30 12.50
CA THR A 728 -21.99 -27.18 11.57
C THR A 728 -20.97 -27.25 10.42
N LEU A 729 -19.78 -27.77 10.71
CA LEU A 729 -18.74 -27.93 9.69
C LEU A 729 -18.98 -29.21 8.89
N LEU A 730 -19.27 -30.30 9.60
CA LEU A 730 -19.56 -31.57 8.96
C LEU A 730 -20.66 -31.40 7.93
N GLU A 731 -21.77 -30.78 8.33
CA GLU A 731 -22.91 -30.59 7.44
C GLU A 731 -22.55 -29.85 6.16
N ASN A 732 -21.81 -28.76 6.28
CA ASN A 732 -21.34 -28.00 5.12
C ASN A 732 -20.40 -28.81 4.23
N THR A 733 -19.50 -29.55 4.86
CA THR A 733 -18.58 -30.46 4.17
C THR A 733 -19.36 -31.52 3.38
N ALA A 734 -20.39 -32.07 4.01
CA ALA A 734 -21.27 -33.04 3.38
C ALA A 734 -22.02 -32.44 2.20
N ILE A 735 -22.63 -31.27 2.38
CA ILE A 735 -23.31 -30.55 1.28
C ILE A 735 -22.37 -30.35 0.09
N THR A 736 -21.13 -29.95 0.40
CA THR A 736 -20.15 -29.56 -0.61
C THR A 736 -19.69 -30.75 -1.43
N ILE A 737 -19.40 -31.86 -0.76
CA ILE A 737 -19.02 -33.10 -1.43
C ILE A 737 -20.11 -33.51 -2.42
N GLY A 738 -21.36 -33.54 -1.95
CA GLY A 738 -22.50 -33.85 -2.79
C GLY A 738 -22.52 -32.98 -4.03
N ARG A 739 -22.54 -31.67 -3.81
CA ARG A 739 -22.53 -30.69 -4.90
C ARG A 739 -21.35 -30.83 -5.87
N LEU A 740 -20.17 -31.15 -5.34
CA LEU A 740 -18.99 -31.41 -6.17
C LEU A 740 -19.17 -32.70 -6.94
N GLY A 741 -19.85 -33.66 -6.33
CA GLY A 741 -20.17 -34.91 -6.98
C GLY A 741 -21.13 -34.65 -8.11
N TYR A 742 -22.27 -34.05 -7.79
CA TYR A 742 -23.31 -33.77 -8.77
C TYR A 742 -22.74 -33.24 -10.07
N VAL A 743 -21.77 -32.34 -9.96
CA VAL A 743 -21.33 -31.56 -11.09
C VAL A 743 -20.17 -32.24 -11.82
N CYS A 744 -19.43 -33.07 -11.07
CA CYS A 744 -18.25 -33.78 -11.58
C CYS A 744 -18.12 -35.18 -10.99
N PRO A 745 -19.08 -36.08 -11.31
CA PRO A 745 -19.10 -37.38 -10.62
C PRO A 745 -17.89 -38.24 -10.96
N GLN A 746 -17.31 -38.01 -12.13
CA GLN A 746 -16.18 -38.81 -12.59
C GLN A 746 -14.99 -38.74 -11.65
N GLU A 747 -14.71 -37.54 -11.14
CA GLU A 747 -13.54 -37.31 -10.32
C GLU A 747 -13.87 -37.48 -8.84
N VAL A 748 -15.14 -37.32 -8.50
CA VAL A 748 -15.58 -37.39 -7.11
C VAL A 748 -16.00 -38.81 -6.70
N ALA A 749 -16.55 -39.59 -7.65
CA ALA A 749 -17.08 -40.93 -7.34
C ALA A 749 -16.04 -41.98 -6.86
N PRO A 750 -14.85 -42.05 -7.51
CA PRO A 750 -13.83 -42.98 -7.00
C PRO A 750 -13.74 -43.03 -5.46
N MET A 751 -13.80 -41.87 -4.81
CA MET A 751 -13.61 -41.77 -3.35
C MET A 751 -14.83 -42.22 -2.54
N LEU A 752 -15.98 -42.35 -3.19
CA LEU A 752 -17.27 -42.58 -2.52
C LEU A 752 -17.26 -43.54 -1.35
N GLN A 753 -16.55 -44.64 -1.49
CA GLN A 753 -16.56 -45.75 -0.52
C GLN A 753 -16.08 -45.35 0.88
N GLN A 754 -15.62 -44.10 1.02
CA GLN A 754 -14.95 -43.66 2.24
C GLN A 754 -15.71 -42.62 3.07
N PHE A 755 -16.56 -41.82 2.42
CA PHE A 755 -17.26 -40.75 3.13
C PHE A 755 -18.74 -41.00 3.44
N ILE A 756 -19.38 -41.91 2.71
CA ILE A 756 -20.82 -42.16 2.87
C ILE A 756 -21.27 -42.34 4.32
N ARG A 757 -20.46 -42.99 5.14
CA ARG A 757 -20.84 -43.26 6.53
C ARG A 757 -21.09 -41.97 7.31
N PRO A 758 -20.05 -41.11 7.48
CA PRO A 758 -20.30 -39.87 8.21
C PRO A 758 -21.20 -38.88 7.45
N TRP A 759 -21.19 -38.98 6.12
CA TRP A 759 -21.99 -38.16 5.22
C TRP A 759 -23.49 -38.30 5.55
N CYS A 760 -23.99 -39.53 5.50
CA CYS A 760 -25.38 -39.82 5.85
C CYS A 760 -25.68 -39.49 7.31
N THR A 761 -24.79 -39.92 8.19
CA THR A 761 -24.88 -39.59 9.61
C THR A 761 -25.13 -38.10 9.82
N SER A 762 -24.57 -37.26 8.94
CA SER A 762 -24.69 -35.82 9.08
C SER A 762 -25.92 -35.26 8.38
N LEU A 763 -26.08 -35.59 7.11
CA LEU A 763 -27.19 -35.06 6.32
C LEU A 763 -28.51 -35.76 6.57
N ARG A 764 -28.54 -36.70 7.51
CA ARG A 764 -29.80 -37.35 7.92
C ARG A 764 -30.59 -36.43 8.84
N ASN A 765 -29.89 -35.50 9.51
CA ASN A 765 -30.52 -34.60 10.47
C ASN A 765 -31.14 -33.36 9.82
N ILE A 766 -30.65 -32.97 8.65
CA ILE A 766 -31.10 -31.73 7.99
C ILE A 766 -32.49 -31.85 7.36
N ARG A 767 -33.27 -30.77 7.47
CA ARG A 767 -34.59 -30.67 6.85
C ARG A 767 -34.48 -30.50 5.33
N ASP A 768 -35.52 -30.92 4.62
CA ASP A 768 -35.50 -31.01 3.16
C ASP A 768 -35.46 -29.66 2.45
N ASN A 769 -34.38 -28.90 2.65
CA ASN A 769 -34.19 -27.62 1.95
C ASN A 769 -33.62 -27.85 0.55
N GLU A 770 -33.13 -26.79 -0.10
CA GLU A 770 -32.51 -26.95 -1.43
C GLU A 770 -31.05 -27.35 -1.27
N GLU A 771 -30.43 -26.89 -0.18
CA GLU A 771 -29.08 -27.30 0.20
C GLU A 771 -28.98 -28.83 0.15
N LYS A 772 -29.94 -29.50 0.79
CA LYS A 772 -30.03 -30.95 0.85
C LYS A 772 -30.32 -31.57 -0.52
N ASP A 773 -31.36 -31.07 -1.20
CA ASP A 773 -31.71 -31.58 -2.53
C ASP A 773 -30.49 -31.56 -3.46
N SER A 774 -29.74 -30.46 -3.42
CA SER A 774 -28.51 -30.34 -4.19
C SER A 774 -27.49 -31.41 -3.78
N ALA A 775 -27.44 -31.71 -2.48
CA ALA A 775 -26.44 -32.64 -1.95
C ALA A 775 -26.74 -34.09 -2.31
N PHE A 776 -28.01 -34.47 -2.24
CA PHE A 776 -28.42 -35.84 -2.50
C PHE A 776 -28.38 -36.19 -3.99
N ARG A 777 -28.70 -35.22 -4.83
CA ARG A 777 -28.48 -35.36 -6.28
C ARG A 777 -27.03 -35.69 -6.56
N GLY A 778 -26.14 -35.18 -5.71
CA GLY A 778 -24.71 -35.42 -5.80
C GLY A 778 -24.35 -36.87 -5.68
N ILE A 779 -24.77 -37.50 -4.58
CA ILE A 779 -24.49 -38.93 -4.39
C ILE A 779 -25.23 -39.81 -5.39
N CYS A 780 -26.52 -39.54 -5.62
CA CYS A 780 -27.30 -40.28 -6.63
C CYS A 780 -26.59 -40.33 -7.99
N THR A 781 -26.00 -39.20 -8.39
CA THR A 781 -25.18 -39.12 -9.60
C THR A 781 -23.88 -39.91 -9.42
N MET A 782 -23.32 -39.89 -8.23
CA MET A 782 -22.07 -40.60 -7.95
C MET A 782 -22.24 -42.11 -7.79
N ILE A 783 -23.43 -42.55 -7.38
CA ILE A 783 -23.75 -43.97 -7.21
C ILE A 783 -23.73 -44.68 -8.56
N SER A 784 -24.46 -44.14 -9.53
CA SER A 784 -24.54 -44.72 -10.87
C SER A 784 -23.29 -44.44 -11.72
N VAL A 785 -22.15 -44.32 -11.05
CA VAL A 785 -20.83 -44.27 -11.69
C VAL A 785 -19.92 -45.23 -10.93
N ASN A 786 -20.27 -45.49 -9.69
CA ASN A 786 -19.48 -46.32 -8.81
C ASN A 786 -20.36 -46.98 -7.74
N PRO A 787 -21.26 -47.90 -8.17
CA PRO A 787 -22.20 -48.49 -7.20
C PRO A 787 -21.47 -49.43 -6.24
N SER A 788 -20.43 -50.10 -6.74
CA SER A 788 -19.53 -50.91 -5.92
C SER A 788 -19.15 -50.24 -4.60
N GLY A 789 -18.94 -48.93 -4.64
CA GLY A 789 -18.51 -48.17 -3.46
C GLY A 789 -19.61 -47.66 -2.56
N VAL A 790 -20.71 -48.41 -2.45
CA VAL A 790 -21.84 -48.03 -1.59
C VAL A 790 -22.55 -49.21 -0.91
N ILE A 791 -22.50 -50.38 -1.54
CA ILE A 791 -23.14 -51.60 -1.01
C ILE A 791 -22.71 -51.99 0.41
N GLN A 792 -21.41 -51.86 0.69
CA GLN A 792 -20.87 -52.24 1.99
C GLN A 792 -21.54 -51.50 3.15
N ASP A 793 -22.02 -50.29 2.90
CA ASP A 793 -22.64 -49.45 3.94
C ASP A 793 -24.02 -48.93 3.55
N PHE A 794 -24.69 -49.67 2.69
CA PHE A 794 -26.02 -49.30 2.17
C PHE A 794 -27.09 -48.98 3.23
N ILE A 795 -26.84 -49.37 4.47
CA ILE A 795 -27.73 -49.03 5.58
C ILE A 795 -27.83 -47.52 5.75
N PHE A 796 -26.67 -46.86 5.83
CA PHE A 796 -26.60 -45.41 6.05
C PHE A 796 -27.36 -44.64 4.98
N PHE A 797 -27.20 -45.06 3.73
CA PHE A 797 -27.92 -44.48 2.60
C PHE A 797 -29.43 -44.62 2.76
N CYS A 798 -29.86 -45.73 3.33
CA CYS A 798 -31.29 -45.98 3.53
C CYS A 798 -31.90 -45.14 4.64
N ASP A 799 -31.19 -45.01 5.77
CA ASP A 799 -31.55 -44.06 6.81
C ASP A 799 -31.65 -42.66 6.20
N ALA A 800 -30.64 -42.32 5.39
CA ALA A 800 -30.56 -41.01 4.75
C ALA A 800 -31.71 -40.74 3.78
N VAL A 801 -32.26 -41.79 3.16
CA VAL A 801 -33.40 -41.62 2.26
C VAL A 801 -34.72 -41.70 3.02
N ALA A 802 -34.65 -42.19 4.25
CA ALA A 802 -35.80 -42.14 5.14
C ALA A 802 -35.79 -40.83 5.94
N SER A 803 -34.84 -39.94 5.60
CA SER A 803 -34.81 -38.60 6.17
C SER A 803 -35.74 -37.69 5.40
N TRP A 804 -35.88 -38.00 4.11
CA TRP A 804 -36.69 -37.19 3.20
C TRP A 804 -38.18 -37.36 3.44
N ILE A 805 -38.89 -36.23 3.45
CA ILE A 805 -40.33 -36.22 3.62
C ILE A 805 -41.00 -35.76 2.31
N ASN A 806 -40.37 -34.82 1.61
CA ASN A 806 -40.84 -34.40 0.29
C ASN A 806 -39.69 -34.12 -0.70
N PRO A 807 -39.32 -35.12 -1.51
CA PRO A 807 -38.32 -34.93 -2.56
C PRO A 807 -38.95 -34.51 -3.89
N LYS A 808 -38.21 -33.74 -4.67
CA LYS A 808 -38.67 -33.35 -5.99
C LYS A 808 -38.99 -34.62 -6.80
N ASP A 809 -40.04 -34.56 -7.60
CA ASP A 809 -40.58 -35.75 -8.30
C ASP A 809 -39.55 -36.52 -9.15
N ASP A 810 -38.35 -35.97 -9.29
CA ASP A 810 -37.30 -36.61 -10.06
C ASP A 810 -36.14 -37.09 -9.20
N LEU A 811 -36.13 -36.67 -7.93
CA LEU A 811 -35.12 -37.15 -6.99
C LEU A 811 -35.55 -38.49 -6.39
N ARG A 812 -36.86 -38.63 -6.16
CA ARG A 812 -37.39 -39.89 -5.65
C ARG A 812 -37.24 -40.98 -6.70
N ASP A 813 -37.18 -40.58 -7.97
CA ASP A 813 -36.83 -41.49 -9.07
C ASP A 813 -35.38 -41.94 -9.00
N MET A 814 -34.49 -41.02 -8.61
CA MET A 814 -33.07 -41.32 -8.43
C MET A 814 -32.85 -42.25 -7.24
N PHE A 815 -33.67 -42.11 -6.21
CA PHE A 815 -33.68 -43.06 -5.08
C PHE A 815 -34.27 -44.39 -5.52
N CYS A 816 -35.41 -44.32 -6.22
CA CYS A 816 -36.12 -45.47 -6.72
C CYS A 816 -35.20 -46.45 -7.44
N LYS A 817 -34.64 -46.02 -8.57
CA LYS A 817 -33.75 -46.85 -9.40
C LYS A 817 -32.55 -47.39 -8.61
N ILE A 818 -31.95 -46.54 -7.78
CA ILE A 818 -30.79 -46.92 -6.97
C ILE A 818 -31.15 -47.99 -5.94
N LEU A 819 -32.32 -47.89 -5.32
CA LEU A 819 -32.79 -48.89 -4.35
C LEU A 819 -33.25 -50.18 -5.01
N HIS A 820 -33.98 -50.05 -6.12
CA HIS A 820 -34.39 -51.19 -6.93
C HIS A 820 -33.16 -51.91 -7.48
N GLY A 821 -32.17 -51.13 -7.93
CA GLY A 821 -30.88 -51.66 -8.33
C GLY A 821 -30.28 -52.55 -7.28
N PHE A 822 -30.55 -52.24 -6.00
CA PHE A 822 -30.05 -53.03 -4.88
C PHE A 822 -30.97 -54.21 -4.54
N LYS A 823 -32.25 -54.10 -4.90
CA LYS A 823 -33.18 -55.20 -4.67
C LYS A 823 -32.99 -56.31 -5.71
N ASN A 824 -32.83 -55.93 -6.97
CA ASN A 824 -32.64 -56.90 -8.06
C ASN A 824 -31.28 -57.56 -8.03
N GLN A 825 -30.29 -56.84 -7.50
CA GLN A 825 -28.92 -57.31 -7.41
C GLN A 825 -28.73 -58.28 -6.26
N VAL A 826 -29.33 -57.96 -5.11
CA VAL A 826 -29.22 -58.77 -3.91
C VAL A 826 -30.24 -59.90 -3.91
N GLY A 827 -31.44 -59.63 -4.44
CA GLY A 827 -32.50 -60.64 -4.53
C GLY A 827 -33.58 -60.51 -3.46
N ASP A 828 -34.79 -60.96 -3.80
CA ASP A 828 -35.98 -60.90 -2.95
C ASP A 828 -35.76 -61.30 -1.48
N GLU A 829 -35.30 -62.53 -1.27
CA GLU A 829 -35.12 -63.08 0.08
C GLU A 829 -33.91 -62.49 0.79
N ASN A 830 -32.88 -62.16 0.01
CA ASN A 830 -31.64 -61.61 0.56
C ASN A 830 -31.78 -60.12 0.92
N TRP A 831 -32.77 -59.46 0.30
CA TRP A 831 -33.14 -58.08 0.61
C TRP A 831 -34.12 -57.99 1.80
N ARG A 832 -35.03 -58.96 1.88
CA ARG A 832 -35.93 -59.08 3.03
C ARG A 832 -35.10 -59.29 4.32
N ARG A 833 -34.03 -60.08 4.17
CA ARG A 833 -33.04 -60.34 5.22
C ARG A 833 -32.38 -59.04 5.73
N PHE A 834 -32.18 -58.11 4.80
CA PHE A 834 -31.46 -56.85 5.04
C PHE A 834 -32.28 -55.80 5.81
N SER A 835 -33.59 -55.81 5.60
CA SER A 835 -34.50 -54.82 6.19
C SER A 835 -34.85 -55.08 7.65
N ASP A 836 -34.29 -56.15 8.23
CA ASP A 836 -34.60 -56.57 9.60
C ASP A 836 -33.96 -55.71 10.67
N GLN A 837 -33.09 -54.79 10.24
CA GLN A 837 -32.41 -53.87 11.15
C GLN A 837 -32.99 -52.47 11.02
N PHE A 838 -34.27 -52.41 10.66
CA PHE A 838 -34.98 -51.15 10.33
C PHE A 838 -36.14 -50.88 11.30
N PRO A 839 -36.08 -49.75 12.04
CA PRO A 839 -37.30 -49.23 12.68
C PRO A 839 -38.45 -49.12 11.65
N LEU A 840 -39.65 -49.50 12.08
CA LEU A 840 -40.80 -49.70 11.16
C LEU A 840 -41.12 -48.54 10.20
N PRO A 841 -41.12 -47.28 10.69
CA PRO A 841 -41.37 -46.17 9.77
C PRO A 841 -40.36 -46.12 8.62
N LEU A 842 -39.07 -46.26 8.95
CA LEU A 842 -37.99 -46.26 7.96
C LEU A 842 -38.20 -47.33 6.88
N LYS A 843 -38.61 -48.52 7.31
CA LYS A 843 -38.90 -49.62 6.40
C LYS A 843 -40.20 -49.38 5.61
N GLU A 844 -41.25 -48.94 6.30
CA GLU A 844 -42.55 -48.70 5.68
C GLU A 844 -42.52 -47.53 4.69
N ARG A 845 -41.69 -46.51 4.99
CA ARG A 845 -41.51 -45.38 4.08
C ARG A 845 -40.66 -45.79 2.87
N LEU A 846 -39.66 -46.64 3.11
CA LEU A 846 -38.81 -47.15 2.04
C LEU A 846 -39.50 -48.23 1.19
N ALA A 847 -40.71 -48.62 1.57
CA ALA A 847 -41.45 -49.65 0.85
C ALA A 847 -42.68 -49.10 0.14
N ALA A 848 -43.39 -48.18 0.80
CA ALA A 848 -44.63 -47.60 0.25
C ALA A 848 -44.34 -46.47 -0.74
N PHE A 849 -43.33 -45.66 -0.40
CA PHE A 849 -42.99 -44.46 -1.17
C PHE A 849 -42.14 -44.78 -2.40
N TYR A 850 -41.23 -45.75 -2.29
CA TYR A 850 -40.32 -46.10 -3.38
C TYR A 850 -40.64 -47.45 -4.04
N GLY A 851 -41.45 -48.26 -3.35
CA GLY A 851 -41.93 -49.53 -3.91
C GLY A 851 -40.94 -50.66 -3.81
N VAL A 852 -40.16 -50.69 -2.73
CA VAL A 852 -39.15 -51.72 -2.54
C VAL A 852 -39.53 -52.61 -1.36
N GLN B 10 -8.59 59.68 8.04
CA GLN B 10 -8.56 58.88 9.31
C GLN B 10 -9.16 57.49 9.12
N GLY B 11 -10.10 57.37 8.18
CA GLY B 11 -10.79 56.10 7.90
C GLY B 11 -9.87 54.91 7.80
N LEU B 12 -8.95 54.98 6.82
CA LEU B 12 -7.91 53.96 6.65
C LEU B 12 -6.52 54.61 6.60
N GLN B 13 -6.45 55.87 7.01
CA GLN B 13 -5.21 56.65 6.99
C GLN B 13 -4.18 56.22 8.04
N GLN B 14 -4.47 55.12 8.74
CA GLN B 14 -3.54 54.55 9.71
C GLN B 14 -2.49 53.64 9.04
N ILE B 15 -2.59 53.51 7.72
CA ILE B 15 -1.64 52.74 6.91
C ILE B 15 -0.66 53.63 6.15
N LEU B 16 -0.90 54.94 6.21
CA LEU B 16 0.01 55.92 5.60
C LEU B 16 1.25 56.16 6.48
N GLN B 17 1.08 56.04 7.81
CA GLN B 17 2.18 56.14 8.76
C GLN B 17 2.94 54.81 8.87
N LEU B 18 2.39 53.77 8.24
CA LEU B 18 3.01 52.45 8.17
C LEU B 18 3.71 52.22 6.83
N LEU B 19 3.17 52.82 5.77
CA LEU B 19 3.79 52.76 4.44
C LEU B 19 5.01 53.67 4.35
N LYS B 20 5.04 54.70 5.20
CA LYS B 20 6.20 55.58 5.35
C LYS B 20 7.31 54.93 6.17
N GLU B 21 6.95 53.86 6.89
CA GLU B 21 7.91 53.05 7.65
C GLU B 21 8.32 51.79 6.87
N SER B 22 7.97 51.77 5.58
CA SER B 22 8.27 50.64 4.70
C SER B 22 8.89 51.09 3.37
N GLN B 23 8.66 52.35 3.00
CA GLN B 23 9.19 52.93 1.77
C GLN B 23 10.50 53.72 1.99
N SER B 24 11.08 53.59 3.19
CA SER B 24 12.34 54.25 3.54
C SER B 24 13.13 53.52 4.63
N PRO B 25 12.59 52.40 5.11
CA PRO B 25 13.17 51.64 6.23
C PRO B 25 14.56 51.06 5.93
N ASP B 26 15.21 50.56 6.98
CA ASP B 26 16.52 49.92 6.86
C ASP B 26 16.39 48.39 6.84
N THR B 27 17.53 47.69 6.68
CA THR B 27 17.56 46.23 6.55
C THR B 27 17.09 45.48 7.80
N THR B 28 17.50 45.97 8.97
CA THR B 28 17.09 45.37 10.25
C THR B 28 15.60 45.55 10.51
N ILE B 29 15.08 46.73 10.19
CA ILE B 29 13.70 47.10 10.50
C ILE B 29 12.69 46.67 9.43
N GLN B 30 13.19 46.11 8.32
CA GLN B 30 12.36 45.73 7.17
C GLN B 30 11.34 44.64 7.48
N ARG B 31 11.73 43.66 8.30
CA ARG B 31 10.88 42.52 8.65
C ARG B 31 9.75 42.89 9.61
N THR B 32 9.92 44.00 10.34
CA THR B 32 8.90 44.50 11.25
C THR B 32 7.69 45.09 10.52
N VAL B 33 7.92 45.57 9.29
CA VAL B 33 6.86 46.11 8.45
C VAL B 33 6.43 45.14 7.34
N GLN B 34 7.22 44.08 7.15
CA GLN B 34 6.98 43.10 6.09
C GLN B 34 5.89 42.08 6.43
N GLN B 35 5.96 41.51 7.63
CA GLN B 35 5.00 40.50 8.08
C GLN B 35 3.65 41.10 8.46
N LYS B 36 3.66 42.36 8.90
CA LYS B 36 2.44 43.07 9.31
C LYS B 36 1.62 43.56 8.12
N LEU B 37 2.30 44.11 7.12
CA LEU B 37 1.65 44.62 5.91
C LEU B 37 1.04 43.50 5.08
N GLU B 38 1.67 42.32 5.15
CA GLU B 38 1.14 41.13 4.49
C GLU B 38 -0.13 40.63 5.19
N GLN B 39 -0.10 40.62 6.52
CA GLN B 39 -1.24 40.19 7.33
C GLN B 39 -2.38 41.22 7.33
N LEU B 40 -2.03 42.50 7.15
CA LEU B 40 -3.01 43.58 7.17
C LEU B 40 -3.91 43.59 5.93
N ASN B 41 -3.30 43.65 4.74
CA ASN B 41 -4.04 43.69 3.49
C ASN B 41 -4.48 42.30 3.04
N ASN B 47 -7.89 45.03 1.37
CA ASN B 47 -7.05 45.64 0.35
C ASN B 47 -7.88 46.24 -0.80
N ASN B 48 -8.84 47.08 -0.44
CA ASN B 48 -9.71 47.74 -1.42
C ASN B 48 -9.38 49.22 -1.56
N TYR B 49 -8.73 49.77 -0.54
CA TYR B 49 -8.34 51.18 -0.50
C TYR B 49 -7.02 51.45 -1.23
N LEU B 50 -6.40 50.39 -1.74
CA LEU B 50 -5.14 50.48 -2.48
C LEU B 50 -5.33 51.16 -3.83
N ILE B 51 -6.15 50.57 -4.69
CA ILE B 51 -6.48 51.14 -6.01
C ILE B 51 -7.06 52.55 -5.87
N PHE B 52 -7.55 52.84 -4.66
CA PHE B 52 -8.09 54.14 -4.33
C PHE B 52 -6.94 55.11 -4.02
N VAL B 53 -6.93 55.62 -2.78
CA VAL B 53 -6.00 56.68 -2.38
C VAL B 53 -4.57 56.19 -2.18
N LEU B 54 -4.00 55.64 -3.24
CA LEU B 54 -2.62 55.17 -3.22
C LEU B 54 -2.10 55.05 -4.66
N THR B 55 -3.00 54.63 -5.56
CA THR B 55 -2.67 54.56 -6.97
C THR B 55 -3.47 55.57 -7.76
N LYS B 56 -4.79 55.60 -7.57
CA LYS B 56 -5.66 56.37 -8.46
C LYS B 56 -6.64 57.35 -7.81
N LEU B 57 -6.44 57.67 -6.53
CA LEU B 57 -7.30 58.66 -5.86
C LEU B 57 -6.56 59.74 -5.07
N LYS B 58 -5.42 59.38 -4.48
CA LYS B 58 -4.60 60.35 -3.74
C LYS B 58 -3.66 61.10 -4.68
N ARG B 65 4.83 56.69 -2.32
CA ARG B 65 3.66 57.29 -2.95
C ARG B 65 2.82 56.26 -3.72
N SER B 66 3.40 55.69 -4.77
CA SER B 66 2.68 54.78 -5.66
C SER B 66 3.03 53.30 -5.43
N LEU B 67 3.66 53.02 -4.29
CA LEU B 67 4.03 51.66 -3.89
C LEU B 67 2.81 50.81 -3.58
N SER B 68 1.77 51.45 -3.04
CA SER B 68 0.53 50.78 -2.65
C SER B 68 -0.20 50.17 -3.85
N GLY B 69 -0.07 50.82 -5.01
CA GLY B 69 -0.62 50.29 -6.24
C GLY B 69 0.12 49.07 -6.77
N LEU B 70 1.24 48.72 -6.12
CA LEU B 70 2.09 47.61 -6.55
C LEU B 70 2.00 46.38 -5.63
N ILE B 71 1.63 46.59 -4.37
CA ILE B 71 1.40 45.47 -3.45
C ILE B 71 -0.07 45.02 -3.50
N LEU B 72 -0.91 45.84 -4.13
CA LEU B 72 -2.28 45.46 -4.47
C LEU B 72 -2.26 44.32 -5.49
N LYS B 73 -1.39 44.45 -6.48
CA LYS B 73 -1.11 43.41 -7.47
C LYS B 73 -0.36 42.22 -6.85
N ASN B 74 0.53 42.52 -5.91
CA ASN B 74 1.30 41.52 -5.18
C ASN B 74 0.40 40.55 -4.41
N ASN B 75 -0.70 41.10 -3.88
CA ASN B 75 -1.75 40.31 -3.23
C ASN B 75 -2.50 39.46 -4.26
N VAL B 76 -2.91 40.10 -5.36
CA VAL B 76 -3.64 39.43 -6.45
C VAL B 76 -2.88 38.22 -7.01
N LYS B 77 -1.56 38.28 -6.99
CA LYS B 77 -0.69 37.20 -7.46
C LYS B 77 -0.91 35.89 -6.68
N ALA B 78 -0.70 35.94 -5.37
CA ALA B 78 -0.79 34.75 -4.52
C ALA B 78 -2.20 34.52 -3.94
N HIS B 79 -2.89 35.61 -3.61
CA HIS B 79 -4.20 35.52 -2.94
C HIS B 79 -5.29 36.32 -3.69
N PHE B 80 -5.62 35.91 -4.91
CA PHE B 80 -6.65 36.60 -5.70
C PHE B 80 -8.07 36.26 -5.23
N GLN B 81 -8.28 35.02 -4.80
CA GLN B 81 -9.62 34.55 -4.44
C GLN B 81 -9.86 34.51 -2.93
N ASN B 82 -9.59 35.65 -2.28
CA ASN B 82 -9.90 35.84 -0.87
C ASN B 82 -10.72 37.12 -0.62
N PHE B 83 -10.57 38.09 -1.53
CA PHE B 83 -11.21 39.41 -1.41
C PHE B 83 -12.34 39.73 -2.40
N PRO B 84 -12.35 39.09 -3.60
CA PRO B 84 -13.14 39.61 -4.71
C PRO B 84 -14.66 39.54 -4.52
N ASN B 85 -15.22 40.63 -3.99
CA ASN B 85 -16.67 40.80 -3.91
C ASN B 85 -17.07 42.06 -4.67
N GLY B 86 -17.04 43.19 -3.97
CA GLY B 86 -17.27 44.50 -4.58
C GLY B 86 -15.97 45.27 -4.73
N VAL B 87 -14.87 44.60 -4.41
CA VAL B 87 -13.53 45.18 -4.55
C VAL B 87 -13.09 45.17 -6.03
N THR B 88 -13.41 44.08 -6.73
CA THR B 88 -13.02 43.89 -8.14
C THR B 88 -13.72 44.86 -9.11
N ASP B 89 -14.99 45.18 -8.82
CA ASP B 89 -15.80 46.08 -9.66
C ASP B 89 -15.27 47.52 -9.65
N PHE B 90 -14.88 47.98 -8.46
CA PHE B 90 -14.38 49.34 -8.24
C PHE B 90 -13.01 49.57 -8.89
N ILE B 91 -12.12 48.58 -8.78
CA ILE B 91 -10.79 48.64 -9.38
C ILE B 91 -10.88 48.77 -10.91
N LYS B 92 -11.54 47.81 -11.53
CA LYS B 92 -11.64 47.72 -12.99
C LYS B 92 -12.18 48.97 -13.68
N SER B 93 -13.28 49.52 -13.16
CA SER B 93 -13.93 50.71 -13.75
C SER B 93 -13.06 51.95 -13.66
N GLU B 94 -12.25 52.03 -12.62
CA GLU B 94 -11.36 53.17 -12.37
C GLU B 94 -9.96 52.93 -12.97
N CYS B 95 -9.65 51.66 -13.25
CA CYS B 95 -8.35 51.30 -13.80
C CYS B 95 -8.23 51.72 -15.25
N LEU B 96 -9.28 51.44 -16.04
CA LEU B 96 -9.35 51.88 -17.42
C LEU B 96 -9.55 53.39 -17.53
N ASN B 97 -10.06 54.00 -16.46
CA ASN B 97 -10.23 55.46 -16.40
C ASN B 97 -8.90 56.18 -16.61
N ASN B 98 -7.93 55.87 -15.76
CA ASN B 98 -6.58 56.41 -15.88
C ASN B 98 -5.56 55.36 -16.35
N ILE B 99 -5.88 54.70 -17.47
CA ILE B 99 -4.97 53.77 -18.13
C ILE B 99 -3.88 54.53 -18.87
N GLY B 100 -4.18 55.77 -19.23
CA GLY B 100 -3.25 56.64 -19.94
C GLY B 100 -2.90 57.89 -19.16
N ASP B 101 -2.53 57.70 -17.90
CA ASP B 101 -2.17 58.77 -16.98
C ASP B 101 -1.03 59.64 -17.52
N SER B 102 -0.74 60.73 -16.81
CA SER B 102 0.35 61.62 -17.19
C SER B 102 1.70 61.17 -16.63
N SER B 103 1.73 60.87 -15.33
CA SER B 103 2.97 60.46 -14.65
C SER B 103 3.44 59.07 -15.12
N PRO B 104 4.73 58.97 -15.51
CA PRO B 104 5.32 57.73 -16.04
C PRO B 104 5.23 56.54 -15.07
N LEU B 105 5.60 56.74 -13.81
CA LEU B 105 5.53 55.67 -12.79
C LEU B 105 4.11 55.20 -12.49
N ILE B 106 3.15 56.13 -12.52
CA ILE B 106 1.75 55.82 -12.23
C ILE B 106 1.04 55.11 -13.39
N ARG B 107 1.22 55.60 -14.61
CA ARG B 107 0.64 54.97 -15.80
C ARG B 107 1.19 53.57 -16.04
N ALA B 108 2.41 53.32 -15.56
CA ALA B 108 3.07 52.02 -15.71
C ALA B 108 2.76 51.06 -14.56
N THR B 109 2.49 51.63 -13.38
CA THR B 109 1.98 50.84 -12.24
C THR B 109 0.53 50.42 -12.51
N VAL B 110 -0.21 51.27 -13.23
CA VAL B 110 -1.54 50.95 -13.74
C VAL B 110 -1.45 49.88 -14.83
N GLY B 111 -0.46 50.02 -15.70
CA GLY B 111 -0.22 49.08 -16.80
C GLY B 111 -0.01 47.62 -16.37
N ILE B 112 0.89 47.40 -15.41
CA ILE B 112 1.16 46.05 -14.91
C ILE B 112 0.01 45.51 -14.05
N LEU B 113 -0.82 46.43 -13.55
CA LEU B 113 -2.00 46.06 -12.77
C LEU B 113 -3.15 45.60 -13.68
N ILE B 114 -3.23 46.18 -14.88
CA ILE B 114 -4.22 45.78 -15.89
C ILE B 114 -4.03 44.30 -16.27
N THR B 115 -2.77 43.90 -16.43
CA THR B 115 -2.44 42.55 -16.89
C THR B 115 -2.66 41.48 -15.82
N THR B 116 -2.10 41.69 -14.63
CA THR B 116 -2.18 40.71 -13.53
C THR B 116 -3.62 40.41 -13.10
N ILE B 117 -4.51 41.37 -13.34
CA ILE B 117 -5.95 41.21 -13.11
C ILE B 117 -6.58 40.33 -14.18
N ALA B 118 -6.03 40.37 -15.40
CA ALA B 118 -6.51 39.54 -16.50
C ALA B 118 -5.87 38.15 -16.51
N SER B 119 -4.63 38.06 -16.05
CA SER B 119 -3.89 36.79 -16.00
C SER B 119 -4.41 35.85 -14.92
N LYS B 120 -4.80 36.43 -13.77
CA LYS B 120 -5.42 35.67 -12.68
C LYS B 120 -6.95 35.81 -12.69
N GLY B 121 -7.49 36.36 -13.78
CA GLY B 121 -8.92 36.53 -13.96
C GLY B 121 -9.41 35.87 -15.24
N GLU B 122 -8.47 35.47 -16.09
CA GLU B 122 -8.72 34.71 -17.33
C GLU B 122 -9.84 35.24 -18.23
N LEU B 123 -10.11 36.54 -18.14
CA LEU B 123 -11.16 37.23 -18.92
C LEU B 123 -12.62 36.79 -18.65
N GLN B 124 -12.79 35.88 -17.68
CA GLN B 124 -14.12 35.40 -17.27
C GLN B 124 -14.84 36.46 -16.44
N ASN B 125 -14.15 36.99 -15.44
CA ASN B 125 -14.64 38.14 -14.69
C ASN B 125 -14.04 39.44 -15.25
N TRP B 126 -13.89 39.48 -16.57
CA TRP B 126 -13.37 40.64 -17.30
C TRP B 126 -13.78 40.60 -18.79
N PRO B 127 -15.09 40.74 -19.08
CA PRO B 127 -15.52 40.72 -20.49
C PRO B 127 -15.28 42.05 -21.20
N ASP B 128 -15.45 43.16 -20.47
CA ASP B 128 -15.36 44.51 -21.03
C ASP B 128 -13.97 44.91 -21.52
N LEU B 129 -12.93 44.36 -20.88
CA LEU B 129 -11.54 44.76 -21.11
C LEU B 129 -11.05 44.52 -22.55
N LEU B 130 -11.46 43.40 -23.14
CA LEU B 130 -11.03 43.03 -24.49
C LEU B 130 -11.48 44.02 -25.56
N PRO B 131 -12.79 44.37 -25.62
CA PRO B 131 -13.21 45.41 -26.56
C PRO B 131 -13.07 46.86 -26.06
N LYS B 132 -12.59 47.05 -24.84
CA LYS B 132 -12.42 48.41 -24.30
C LYS B 132 -11.00 48.95 -24.51
N LEU B 133 -10.01 48.07 -24.41
CA LEU B 133 -8.62 48.46 -24.59
C LEU B 133 -8.36 48.95 -26.01
N CYS B 134 -8.97 48.27 -26.97
CA CYS B 134 -8.82 48.64 -28.38
C CYS B 134 -9.49 49.99 -28.71
N SER B 135 -10.42 50.41 -27.86
CA SER B 135 -11.05 51.73 -28.01
C SER B 135 -10.04 52.81 -27.65
N LEU B 136 -9.26 52.55 -26.61
CA LEU B 136 -8.22 53.47 -26.17
C LEU B 136 -7.07 53.60 -27.18
N LEU B 137 -7.04 52.69 -28.16
CA LEU B 137 -6.05 52.75 -29.24
C LEU B 137 -6.37 53.81 -30.29
N ASP B 138 -7.60 54.30 -30.24
CA ASP B 138 -8.08 55.29 -31.20
C ASP B 138 -8.10 56.69 -30.60
N SER B 139 -7.76 56.77 -29.32
CA SER B 139 -7.64 58.04 -28.59
C SER B 139 -6.57 58.96 -29.19
N GLU B 140 -6.84 60.25 -29.18
CA GLU B 140 -5.86 61.24 -29.63
C GLU B 140 -4.79 61.48 -28.57
N ASP B 141 -5.07 61.03 -27.34
CA ASP B 141 -4.08 61.07 -26.27
C ASP B 141 -3.11 59.91 -26.46
N TYR B 142 -1.82 60.24 -26.53
CA TYR B 142 -0.77 59.25 -26.75
C TYR B 142 -0.68 58.25 -25.59
N ASN B 143 -0.47 58.77 -24.38
CA ASN B 143 -0.31 57.95 -23.19
C ASN B 143 -1.46 56.95 -22.97
N THR B 144 -2.63 57.30 -23.48
CA THR B 144 -3.79 56.41 -23.45
C THR B 144 -3.61 55.27 -24.47
N CYS B 145 -3.16 55.64 -25.67
CA CYS B 145 -2.98 54.67 -26.74
C CYS B 145 -1.82 53.72 -26.44
N GLU B 146 -0.65 54.27 -26.16
CA GLU B 146 0.53 53.47 -25.86
C GLU B 146 0.27 52.54 -24.67
N GLY B 147 -0.30 53.10 -23.60
CA GLY B 147 -0.58 52.35 -22.36
C GLY B 147 -1.53 51.18 -22.54
N ALA B 148 -2.50 51.35 -23.44
CA ALA B 148 -3.45 50.30 -23.81
C ALA B 148 -2.84 49.31 -24.78
N PHE B 149 -2.01 49.81 -25.70
CA PHE B 149 -1.34 48.98 -26.69
C PHE B 149 -0.29 48.11 -26.01
N GLY B 150 0.34 48.68 -24.98
CA GLY B 150 1.35 47.99 -24.19
C GLY B 150 0.72 46.97 -23.25
N ALA B 151 -0.57 47.14 -22.98
CA ALA B 151 -1.32 46.20 -22.17
C ALA B 151 -1.91 45.10 -23.06
N LEU B 152 -2.49 45.52 -24.18
CA LEU B 152 -3.07 44.61 -25.18
C LEU B 152 -2.02 43.70 -25.83
N GLN B 153 -0.79 44.20 -25.96
CA GLN B 153 0.33 43.37 -26.40
C GLN B 153 0.68 42.36 -25.31
N LYS B 154 0.83 42.86 -24.09
CA LYS B 154 1.16 42.03 -22.93
C LYS B 154 0.07 40.96 -22.68
N ILE B 155 -1.09 41.13 -23.30
CA ILE B 155 -2.15 40.11 -23.28
C ILE B 155 -1.81 38.96 -24.23
N CYS B 156 -1.59 39.27 -25.50
CA CYS B 156 -1.30 38.28 -26.55
C CYS B 156 -0.16 37.31 -26.20
N GLU B 157 0.81 37.83 -25.43
CA GLU B 157 1.99 37.08 -25.03
C GLU B 157 1.74 36.20 -23.79
N ASP B 158 0.64 36.49 -23.10
CA ASP B 158 0.18 35.65 -21.99
C ASP B 158 -0.96 34.72 -22.46
N SER B 159 -1.51 35.03 -23.63
CA SER B 159 -2.55 34.21 -24.25
C SER B 159 -1.96 32.93 -24.85
N ALA B 160 -0.78 33.06 -25.46
CA ALA B 160 -0.04 31.92 -26.00
C ALA B 160 0.64 31.09 -24.90
N GLU B 161 1.22 31.78 -23.91
CA GLU B 161 1.87 31.14 -22.77
C GLU B 161 0.86 30.77 -21.69
N PRO B 171 -11.30 35.85 -30.75
CA PRO B 171 -11.69 37.00 -29.92
C PRO B 171 -10.84 38.25 -30.20
N LEU B 172 -9.58 38.26 -29.76
CA LEU B 172 -8.64 39.32 -30.10
C LEU B 172 -8.28 39.22 -31.58
N ASN B 173 -8.48 38.02 -32.13
CA ASN B 173 -8.26 37.69 -33.55
C ASN B 173 -8.80 38.73 -34.53
N ILE B 174 -9.69 39.57 -34.05
CA ILE B 174 -10.41 40.55 -34.88
C ILE B 174 -9.58 41.79 -35.18
N MET B 175 -8.64 42.08 -34.29
CA MET B 175 -7.84 43.31 -34.33
C MET B 175 -6.63 43.25 -35.27
N ILE B 176 -6.34 42.08 -35.85
CA ILE B 176 -5.20 41.95 -36.77
C ILE B 176 -5.16 43.09 -37.82
N PRO B 177 -6.27 43.33 -38.55
CA PRO B 177 -6.20 44.46 -39.48
C PRO B 177 -6.02 45.82 -38.79
N LYS B 178 -6.66 46.02 -37.64
CA LYS B 178 -6.50 47.26 -36.86
C LYS B 178 -5.04 47.50 -36.50
N PHE B 179 -4.34 46.42 -36.19
CA PHE B 179 -2.89 46.46 -35.86
C PHE B 179 -2.06 46.78 -37.09
N LEU B 180 -2.27 46.03 -38.17
CA LEU B 180 -1.53 46.23 -39.40
C LEU B 180 -1.44 47.70 -39.81
N GLN B 181 -2.44 48.49 -39.43
CA GLN B 181 -2.47 49.93 -39.71
C GLN B 181 -1.42 50.69 -38.89
N PHE B 182 -1.24 50.30 -37.63
CA PHE B 182 -0.29 50.95 -36.72
C PHE B 182 1.18 50.68 -37.07
N PHE B 183 1.42 49.81 -38.05
CA PHE B 183 2.73 49.60 -38.65
C PHE B 183 3.25 50.88 -39.30
N LYS B 184 2.34 51.82 -39.57
CA LYS B 184 2.66 53.06 -40.26
C LYS B 184 2.67 54.28 -39.31
N HIS B 185 2.29 54.05 -38.05
CA HIS B 185 2.23 55.11 -37.03
C HIS B 185 3.59 55.75 -36.77
N SER B 186 3.59 56.98 -36.26
CA SER B 186 4.83 57.71 -36.02
C SER B 186 5.67 57.13 -34.87
N SER B 187 5.05 56.90 -33.70
CA SER B 187 5.75 56.40 -32.52
C SER B 187 6.42 55.06 -32.76
N PRO B 188 7.75 55.01 -32.57
CA PRO B 188 8.46 53.74 -32.70
C PRO B 188 8.08 52.80 -31.56
N LYS B 189 7.72 53.38 -30.40
CA LYS B 189 7.23 52.62 -29.27
C LYS B 189 5.94 51.90 -29.62
N ILE B 190 5.07 52.56 -30.38
CA ILE B 190 3.85 51.95 -30.85
C ILE B 190 4.15 50.85 -31.87
N ARG B 191 4.78 51.19 -32.99
CA ARG B 191 5.09 50.20 -34.02
C ARG B 191 5.61 48.88 -33.46
N SER B 192 6.31 48.94 -32.32
CA SER B 192 6.83 47.74 -31.66
C SER B 192 5.66 46.84 -31.24
N HIS B 193 4.71 47.40 -30.50
CA HIS B 193 3.48 46.71 -30.11
C HIS B 193 2.71 46.18 -31.33
N ALA B 194 2.54 47.02 -32.34
CA ALA B 194 1.80 46.65 -33.54
C ALA B 194 2.37 45.39 -34.18
N VAL B 195 3.69 45.24 -34.19
CA VAL B 195 4.28 44.03 -34.74
C VAL B 195 4.28 42.93 -33.67
N ALA B 196 4.35 43.33 -32.41
CA ALA B 196 4.43 42.37 -31.32
C ALA B 196 3.14 41.59 -31.14
N CYS B 197 2.02 42.28 -31.34
CA CYS B 197 0.69 41.68 -31.26
C CYS B 197 0.44 40.73 -32.41
N VAL B 198 0.69 41.20 -33.63
CA VAL B 198 0.46 40.41 -34.85
C VAL B 198 1.32 39.15 -34.92
N ASN B 199 2.49 39.17 -34.28
CA ASN B 199 3.39 38.03 -34.31
C ASN B 199 2.82 36.78 -33.62
N GLN B 200 1.95 36.99 -32.64
CA GLN B 200 1.32 35.92 -31.87
C GLN B 200 0.30 35.12 -32.65
N PHE B 201 -0.15 35.65 -33.78
CA PHE B 201 -1.18 35.00 -34.55
C PHE B 201 -0.64 34.33 -35.80
N ILE B 202 0.69 34.18 -35.89
CA ILE B 202 1.28 33.52 -37.05
C ILE B 202 1.20 32.00 -36.90
N ILE B 203 1.65 31.50 -35.75
CA ILE B 203 1.56 30.06 -35.49
C ILE B 203 0.11 29.60 -35.50
N SER B 204 -0.79 30.44 -34.97
CA SER B 204 -2.23 30.13 -34.92
C SER B 204 -2.79 29.98 -36.33
N ARG B 205 -2.28 30.80 -37.25
CA ARG B 205 -2.58 30.68 -38.69
C ARG B 205 -3.99 31.21 -39.00
N THR B 206 -4.55 31.98 -38.07
CA THR B 206 -5.94 32.48 -38.18
C THR B 206 -6.14 33.35 -39.41
N GLN B 207 -7.33 33.23 -40.01
CA GLN B 207 -7.68 33.86 -41.29
C GLN B 207 -7.51 35.38 -41.36
N ALA B 208 -7.74 36.05 -40.23
CA ALA B 208 -7.50 37.48 -40.14
C ALA B 208 -6.06 37.86 -40.55
N LEU B 209 -5.09 37.01 -40.23
CA LEU B 209 -3.73 37.20 -40.73
C LEU B 209 -3.57 36.63 -42.15
N MET B 210 -4.16 35.45 -42.40
CA MET B 210 -3.91 34.70 -43.64
C MET B 210 -4.48 35.34 -44.90
N LEU B 211 -5.55 36.11 -44.74
CA LEU B 211 -6.18 36.83 -45.85
C LEU B 211 -5.46 38.13 -46.14
N HIS B 212 -5.01 38.81 -45.07
CA HIS B 212 -4.14 39.97 -45.19
C HIS B 212 -2.67 39.57 -45.15
N ILE B 213 -2.31 38.50 -45.86
CA ILE B 213 -0.95 37.95 -45.79
C ILE B 213 0.06 38.85 -46.50
N ASP B 214 -0.11 39.04 -47.81
CA ASP B 214 0.84 39.81 -48.61
C ASP B 214 0.93 41.24 -48.10
N SER B 215 -0.14 41.66 -47.41
CA SER B 215 -0.19 42.94 -46.72
C SER B 215 0.78 42.96 -45.53
N PHE B 216 0.75 41.90 -44.72
CA PHE B 216 1.62 41.75 -43.56
C PHE B 216 3.09 41.70 -43.95
N ILE B 217 3.38 41.00 -45.05
CA ILE B 217 4.72 40.90 -45.59
C ILE B 217 5.26 42.29 -45.98
N GLU B 218 4.56 42.96 -46.89
CA GLU B 218 4.99 44.27 -47.39
C GLU B 218 5.17 45.27 -46.25
N ASN B 219 4.33 45.15 -45.23
CA ASN B 219 4.41 46.01 -44.05
C ASN B 219 5.61 45.70 -43.16
N LEU B 220 6.07 44.46 -43.23
CA LEU B 220 7.31 44.06 -42.56
C LEU B 220 8.48 44.63 -43.34
N PHE B 221 8.58 44.25 -44.61
CA PHE B 221 9.59 44.77 -45.53
C PHE B 221 9.76 46.29 -45.37
N ALA B 222 8.64 47.00 -45.33
CA ALA B 222 8.65 48.45 -45.19
C ALA B 222 9.15 48.88 -43.81
N LEU B 223 8.95 48.02 -42.83
CA LEU B 223 9.34 48.29 -41.45
C LEU B 223 10.75 47.76 -41.15
N ALA B 224 11.30 47.02 -42.11
CA ALA B 224 12.62 46.41 -41.98
C ALA B 224 13.70 47.46 -41.78
N GLY B 225 14.34 47.41 -40.63
CA GLY B 225 15.43 48.31 -40.31
C GLY B 225 15.01 49.74 -40.09
N ASP B 226 14.59 50.05 -38.86
CA ASP B 226 14.58 51.42 -38.40
C ASP B 226 15.45 51.56 -37.14
N GLU B 227 15.65 52.79 -36.71
CA GLU B 227 16.55 53.11 -35.60
C GLU B 227 16.23 52.32 -34.31
N GLU B 228 15.07 52.12 -34.08
CA GLU B 228 14.67 51.40 -32.87
C GLU B 228 14.87 49.90 -33.03
N PRO B 229 15.67 49.25 -32.16
CA PRO B 229 15.98 47.83 -32.27
C PRO B 229 14.77 46.96 -32.00
N GLU B 230 13.96 47.38 -31.02
CA GLU B 230 12.76 46.65 -30.63
C GLU B 230 11.88 46.27 -31.83
N VAL B 231 11.75 47.18 -32.79
CA VAL B 231 11.01 46.90 -34.02
C VAL B 231 11.74 45.85 -34.86
N ARG B 232 13.02 46.08 -35.15
CA ARG B 232 13.85 45.13 -35.91
C ARG B 232 13.82 43.75 -35.27
N LYS B 233 13.90 43.72 -33.95
CA LYS B 233 13.80 42.49 -33.19
C LYS B 233 12.56 41.73 -33.65
N ASN B 234 11.39 42.33 -33.41
CA ASN B 234 10.10 41.72 -33.71
C ASN B 234 9.89 41.41 -35.18
N VAL B 235 10.34 42.29 -36.07
CA VAL B 235 10.31 42.02 -37.50
C VAL B 235 11.04 40.72 -37.82
N CYS B 236 12.12 40.46 -37.08
CA CYS B 236 12.96 39.29 -37.32
C CYS B 236 12.28 38.01 -36.89
N ARG B 237 11.66 38.03 -35.72
CA ARG B 237 10.87 36.89 -35.25
C ARG B 237 9.73 36.64 -36.22
N ALA B 238 9.06 37.73 -36.60
CA ALA B 238 7.97 37.67 -37.57
C ALA B 238 8.40 36.87 -38.79
N LEU B 239 9.55 37.22 -39.35
CA LEU B 239 10.01 36.55 -40.57
C LEU B 239 10.44 35.11 -40.32
N VAL B 240 10.78 34.79 -39.08
CA VAL B 240 11.16 33.42 -38.74
C VAL B 240 9.92 32.53 -38.65
N MET B 241 8.92 32.98 -37.90
CA MET B 241 7.66 32.23 -37.72
C MET B 241 6.96 31.97 -39.06
N LEU B 242 7.08 32.91 -40.00
CA LEU B 242 6.50 32.76 -41.31
C LEU B 242 7.10 31.58 -42.08
N LEU B 243 8.38 31.28 -41.86
CA LEU B 243 9.02 30.13 -42.49
C LEU B 243 8.39 28.81 -42.08
N GLU B 244 7.94 28.73 -40.84
CA GLU B 244 7.22 27.57 -40.32
C GLU B 244 5.80 27.48 -40.86
N VAL B 245 5.22 28.63 -41.21
CA VAL B 245 3.77 28.71 -41.41
C VAL B 245 3.34 29.05 -42.84
N ARG B 246 3.92 30.09 -43.41
CA ARG B 246 3.54 30.52 -44.76
C ARG B 246 4.77 30.64 -45.68
N MET B 247 5.49 29.53 -45.85
CA MET B 247 6.74 29.50 -46.63
C MET B 247 6.55 30.00 -48.08
N ASP B 248 5.48 29.55 -48.72
CA ASP B 248 5.13 29.91 -50.10
C ASP B 248 5.19 31.42 -50.38
N ARG B 249 4.70 32.20 -49.43
CA ARG B 249 4.53 33.64 -49.59
C ARG B 249 5.88 34.34 -49.53
N LEU B 250 6.86 33.68 -48.90
CA LEU B 250 8.21 34.23 -48.75
C LEU B 250 9.15 33.79 -49.87
N LEU B 251 8.83 32.67 -50.50
CA LEU B 251 9.72 32.06 -51.50
C LEU B 251 10.26 33.00 -52.60
N PRO B 252 9.40 33.87 -53.17
CA PRO B 252 9.95 34.78 -54.19
C PRO B 252 10.98 35.75 -53.62
N HIS B 253 10.83 36.11 -52.34
CA HIS B 253 11.67 37.11 -51.71
C HIS B 253 12.90 36.52 -51.01
N MET B 254 13.02 35.21 -51.03
CA MET B 254 14.03 34.49 -50.24
C MET B 254 15.41 35.13 -50.25
N HIS B 255 16.01 35.25 -51.43
CA HIS B 255 17.39 35.72 -51.58
C HIS B 255 17.59 37.17 -51.11
N ASN B 256 16.49 37.93 -51.04
CA ASN B 256 16.51 39.29 -50.54
C ASN B 256 16.34 39.29 -49.02
N ILE B 257 15.49 38.39 -48.53
CA ILE B 257 15.29 38.20 -47.09
C ILE B 257 16.58 37.70 -46.44
N VAL B 258 17.22 36.72 -47.09
CA VAL B 258 18.51 36.18 -46.64
C VAL B 258 19.54 37.30 -46.49
N GLU B 259 19.73 38.08 -47.54
CA GLU B 259 20.66 39.19 -47.51
C GLU B 259 20.36 40.13 -46.35
N TYR B 260 19.08 40.39 -46.10
CA TYR B 260 18.68 41.22 -44.97
C TYR B 260 19.02 40.54 -43.65
N MET B 261 18.60 39.28 -43.53
CA MET B 261 18.80 38.53 -42.30
C MET B 261 20.29 38.37 -42.00
N LEU B 262 21.09 38.35 -43.07
CA LEU B 262 22.54 38.26 -42.96
C LEU B 262 23.11 39.45 -42.22
N GLN B 263 22.71 40.66 -42.62
CA GLN B 263 23.08 41.88 -41.91
C GLN B 263 22.54 41.87 -40.47
N ARG B 264 21.42 41.19 -40.27
CA ARG B 264 20.72 41.19 -38.99
C ARG B 264 21.42 40.40 -37.90
N THR B 265 22.21 39.41 -38.29
CA THR B 265 23.03 38.67 -37.34
C THR B 265 24.16 39.55 -36.84
N GLN B 266 24.71 40.37 -37.72
CA GLN B 266 25.78 41.29 -37.38
C GLN B 266 25.22 42.60 -36.83
N ASP B 267 24.05 42.54 -36.22
CA ASP B 267 23.39 43.74 -35.69
C ASP B 267 24.06 44.23 -34.43
N GLN B 268 24.07 45.55 -34.26
CA GLN B 268 24.66 46.17 -33.07
C GLN B 268 24.09 45.58 -31.79
N ASP B 269 22.75 45.45 -31.74
CA ASP B 269 22.07 44.86 -30.59
C ASP B 269 22.13 43.34 -30.70
N GLU B 270 22.47 42.69 -29.59
CA GLU B 270 22.59 41.22 -29.54
C GLU B 270 21.22 40.53 -29.60
N ASN B 271 20.22 41.13 -28.96
CA ASN B 271 18.84 40.69 -29.06
C ASN B 271 18.40 40.54 -30.51
N VAL B 272 18.42 41.65 -31.25
CA VAL B 272 18.13 41.62 -32.67
C VAL B 272 18.99 40.57 -33.36
N ALA B 273 20.26 40.48 -32.95
CA ALA B 273 21.19 39.52 -33.55
C ALA B 273 20.77 38.08 -33.29
N LEU B 274 20.53 37.75 -32.02
CA LEU B 274 20.10 36.41 -31.65
C LEU B 274 18.78 36.04 -32.32
N GLU B 275 17.82 36.96 -32.26
CA GLU B 275 16.52 36.74 -32.89
C GLU B 275 16.65 36.58 -34.38
N ALA B 276 17.68 37.20 -34.95
CA ALA B 276 18.00 37.03 -36.36
C ALA B 276 18.60 35.65 -36.60
N CYS B 277 19.59 35.28 -35.78
CA CYS B 277 20.27 33.99 -35.92
C CYS B 277 19.26 32.86 -36.01
N GLU B 278 18.23 32.93 -35.17
CA GLU B 278 17.15 31.94 -35.11
C GLU B 278 16.65 31.54 -36.49
N PHE B 279 16.84 32.45 -37.45
CA PHE B 279 16.45 32.27 -38.83
C PHE B 279 17.09 31.03 -39.44
N TRP B 280 18.41 31.00 -39.50
CA TRP B 280 19.13 29.93 -40.20
C TRP B 280 18.90 28.55 -39.62
N LEU B 281 18.66 28.55 -38.30
CA LEU B 281 18.27 27.34 -37.61
C LEU B 281 16.96 26.83 -38.20
N THR B 282 15.96 27.72 -38.28
CA THR B 282 14.63 27.33 -38.77
C THR B 282 14.63 27.09 -40.27
N LEU B 283 15.43 27.84 -41.02
CA LEU B 283 15.55 27.66 -42.48
C LEU B 283 16.11 26.28 -42.82
N ALA B 284 17.13 25.87 -42.07
CA ALA B 284 17.80 24.59 -42.32
C ALA B 284 16.89 23.37 -42.13
N GLU B 285 15.85 23.52 -41.31
CA GLU B 285 14.89 22.44 -41.11
C GLU B 285 13.99 22.26 -42.34
N GLN B 286 14.04 23.21 -43.26
CA GLN B 286 13.13 23.22 -44.43
C GLN B 286 13.84 22.74 -45.72
N PRO B 287 13.24 21.75 -46.41
CA PRO B 287 13.80 21.15 -47.65
C PRO B 287 14.21 22.16 -48.72
N ILE B 288 13.76 23.41 -48.59
CA ILE B 288 14.16 24.49 -49.49
C ILE B 288 15.65 24.83 -49.33
N CYS B 289 16.15 24.61 -48.12
CA CYS B 289 17.47 25.09 -47.68
C CYS B 289 18.67 24.55 -48.46
N LYS B 290 18.66 23.25 -48.71
CA LYS B 290 19.76 22.59 -49.41
C LYS B 290 20.20 23.35 -50.68
N ASP B 291 19.24 23.92 -51.41
CA ASP B 291 19.52 24.63 -52.67
C ASP B 291 19.66 26.15 -52.55
N VAL B 292 18.77 26.77 -51.77
CA VAL B 292 18.75 28.23 -51.67
C VAL B 292 20.07 28.80 -51.16
N LEU B 293 20.53 28.27 -50.02
CA LEU B 293 21.67 28.86 -49.32
C LEU B 293 23.03 28.70 -49.98
N VAL B 294 23.19 27.68 -50.82
CA VAL B 294 24.46 27.39 -51.50
C VAL B 294 25.24 28.68 -51.80
N ARG B 295 24.66 29.54 -52.64
CA ARG B 295 25.33 30.76 -53.11
C ARG B 295 25.66 31.76 -52.01
N HIS B 296 24.93 31.72 -50.89
CA HIS B 296 25.16 32.62 -49.78
C HIS B 296 26.29 32.15 -48.88
N LEU B 297 26.39 30.83 -48.71
CA LEU B 297 27.34 30.21 -47.77
C LEU B 297 28.67 30.97 -47.62
N PRO B 298 29.40 31.22 -48.74
CA PRO B 298 30.63 32.02 -48.73
C PRO B 298 30.67 33.18 -47.75
N LYS B 299 29.54 33.86 -47.55
CA LYS B 299 29.48 35.02 -46.65
C LYS B 299 28.86 34.72 -45.29
N LEU B 300 27.94 33.75 -45.26
CA LEU B 300 27.17 33.42 -44.05
C LEU B 300 28.01 32.73 -42.98
N ILE B 301 28.78 31.72 -43.40
CA ILE B 301 29.56 30.86 -42.50
C ILE B 301 30.61 31.61 -41.64
N PRO B 302 31.38 32.53 -42.24
CA PRO B 302 32.21 33.41 -41.42
C PRO B 302 31.45 34.15 -40.33
N VAL B 303 30.21 34.57 -40.66
CA VAL B 303 29.35 35.33 -39.75
C VAL B 303 28.90 34.49 -38.56
N LEU B 304 28.59 33.22 -38.83
CA LEU B 304 28.27 32.26 -37.78
C LEU B 304 29.51 32.03 -36.89
N VAL B 305 30.60 31.61 -37.52
CA VAL B 305 31.85 31.33 -36.82
C VAL B 305 32.24 32.49 -35.92
N ASN B 306 32.13 33.72 -36.44
CA ASN B 306 32.46 34.89 -35.62
C ASN B 306 31.61 35.01 -34.35
N GLY B 307 30.32 34.76 -34.48
CA GLY B 307 29.39 34.89 -33.37
C GLY B 307 29.55 33.80 -32.32
N MET B 308 30.26 32.74 -32.70
CA MET B 308 30.55 31.62 -31.82
C MET B 308 31.62 31.91 -30.78
N LYS B 309 32.27 33.07 -30.88
CA LYS B 309 33.24 33.55 -29.88
C LYS B 309 32.59 33.83 -28.52
N TYR B 310 33.25 34.55 -27.63
CA TYR B 310 32.79 34.54 -26.23
C TYR B 310 32.26 35.83 -25.59
N SER B 311 32.59 37.01 -26.10
CA SER B 311 32.06 38.28 -25.52
C SER B 311 32.62 38.63 -24.13
N ASP B 312 31.80 39.34 -23.36
CA ASP B 312 32.03 39.64 -21.94
C ASP B 312 31.49 38.50 -21.07
N ILE B 313 30.96 37.47 -21.74
CA ILE B 313 30.49 36.25 -21.07
C ILE B 313 31.59 35.69 -20.15
N ASP B 314 32.84 35.85 -20.56
CA ASP B 314 34.03 35.43 -19.80
C ASP B 314 34.04 35.84 -18.34
N ILE B 315 33.34 36.94 -18.04
CA ILE B 315 33.37 37.52 -16.71
C ILE B 315 32.28 36.91 -15.82
N ILE B 316 31.11 36.66 -16.39
CA ILE B 316 30.00 36.05 -15.62
C ILE B 316 30.25 34.55 -15.41
N LEU B 317 31.22 33.99 -16.13
CA LEU B 317 31.58 32.59 -15.96
C LEU B 317 32.62 32.40 -14.86
N LEU B 318 33.72 33.14 -14.95
CA LEU B 318 34.76 33.15 -13.92
C LEU B 318 34.28 33.93 -12.67
N LYS B 319 34.42 35.26 -12.69
CA LYS B 319 34.04 36.14 -11.56
C LYS B 319 32.62 35.91 -11.06
N ASP B 330 28.35 30.25 -10.87
CA ASP B 330 29.06 30.39 -12.14
C ASP B 330 28.26 29.78 -13.30
N THR B 331 27.43 30.60 -13.95
CA THR B 331 26.60 30.18 -15.12
C THR B 331 26.19 31.37 -16.02
N ILE B 332 25.83 31.05 -17.27
CA ILE B 332 25.35 32.04 -18.25
C ILE B 332 23.92 31.68 -18.74
N SER B 333 23.40 32.46 -19.69
CA SER B 333 22.08 32.22 -20.30
C SER B 333 21.99 30.83 -20.94
N ASP B 334 20.78 30.28 -20.95
CA ASP B 334 20.50 28.97 -21.56
C ASP B 334 20.51 29.07 -23.08
N TRP B 335 20.25 30.28 -23.56
CA TRP B 335 20.27 30.57 -24.99
C TRP B 335 20.87 31.95 -25.23
N ASN B 336 21.80 32.02 -26.19
CA ASN B 336 22.39 33.29 -26.60
C ASN B 336 22.94 33.19 -28.02
N LEU B 337 23.57 34.27 -28.48
CA LEU B 337 24.05 34.34 -29.86
C LEU B 337 25.04 33.19 -30.18
N ARG B 338 25.95 32.91 -29.26
CA ARG B 338 26.96 31.87 -29.43
C ARG B 338 26.34 30.51 -29.69
N LYS B 339 25.49 30.07 -28.78
CA LYS B 339 24.86 28.74 -28.84
C LYS B 339 24.02 28.58 -30.10
N CYS B 340 23.30 29.64 -30.45
CA CYS B 340 22.47 29.62 -31.65
C CYS B 340 23.30 29.44 -32.90
N SER B 341 24.34 30.27 -33.05
CA SER B 341 25.17 30.21 -34.25
C SER B 341 25.86 28.87 -34.34
N ALA B 342 26.31 28.38 -33.19
CA ALA B 342 26.80 27.01 -33.07
C ALA B 342 25.75 26.01 -33.59
N ALA B 343 24.57 26.04 -32.97
CA ALA B 343 23.44 25.20 -33.37
C ALA B 343 23.18 25.30 -34.86
N ALA B 344 23.06 26.52 -35.38
CA ALA B 344 22.92 26.71 -36.80
C ALA B 344 24.01 25.94 -37.54
N LEU B 345 25.26 26.20 -37.16
CA LEU B 345 26.42 25.62 -37.86
C LEU B 345 26.42 24.09 -37.90
N ASP B 346 26.09 23.49 -36.76
CA ASP B 346 25.92 22.04 -36.66
C ASP B 346 24.91 21.54 -37.70
N VAL B 347 23.74 22.17 -37.72
CA VAL B 347 22.63 21.77 -38.59
C VAL B 347 22.99 21.87 -40.06
N LEU B 348 23.63 22.96 -40.45
CA LEU B 348 24.05 23.16 -41.83
C LEU B 348 25.02 22.05 -42.28
N ALA B 349 25.92 21.65 -41.38
CA ALA B 349 26.89 20.59 -41.64
C ALA B 349 26.20 19.25 -41.87
N ASN B 350 25.06 19.05 -41.22
CA ASN B 350 24.23 17.87 -41.47
C ASN B 350 23.46 17.96 -42.79
N VAL B 351 23.27 19.18 -43.29
CA VAL B 351 22.50 19.45 -44.52
C VAL B 351 23.40 19.49 -45.76
N TYR B 352 24.33 20.44 -45.77
CA TYR B 352 25.44 20.44 -46.71
C TYR B 352 26.47 19.53 -46.08
N ARG B 353 26.75 18.40 -46.71
CA ARG B 353 27.58 17.39 -46.06
C ARG B 353 29.06 17.77 -46.04
N ASP B 354 29.82 17.26 -47.00
CA ASP B 354 31.25 17.57 -47.08
C ASP B 354 31.53 18.89 -47.83
N GLU B 355 30.51 19.42 -48.50
CA GLU B 355 30.67 20.63 -49.31
C GLU B 355 30.81 21.89 -48.45
N LEU B 356 30.45 21.77 -47.18
CA LEU B 356 30.60 22.85 -46.22
C LEU B 356 32.07 23.13 -45.92
N LEU B 357 32.88 22.08 -46.00
CA LEU B 357 34.30 22.12 -45.57
C LEU B 357 35.16 23.22 -46.22
N PRO B 358 35.15 23.32 -47.57
CA PRO B 358 35.85 24.39 -48.28
C PRO B 358 35.55 25.81 -47.77
N HIS B 359 34.47 25.97 -47.02
CA HIS B 359 34.07 27.29 -46.49
C HIS B 359 34.55 27.56 -45.06
N ILE B 360 34.86 26.49 -44.34
CA ILE B 360 35.26 26.62 -42.94
C ILE B 360 36.76 26.32 -42.73
N LEU B 361 37.25 25.27 -43.40
CA LEU B 361 38.65 24.84 -43.30
C LEU B 361 39.64 26.00 -43.42
N PRO B 362 39.49 26.88 -44.43
CA PRO B 362 40.29 28.10 -44.47
C PRO B 362 40.33 28.82 -43.12
N LEU B 363 39.18 29.31 -42.66
CA LEU B 363 39.13 30.05 -41.38
C LEU B 363 39.38 29.19 -40.14
N LEU B 364 39.28 27.87 -40.30
CA LEU B 364 39.55 26.95 -39.20
C LEU B 364 41.06 26.75 -38.96
N LYS B 365 41.84 26.72 -40.04
CA LYS B 365 43.31 26.68 -39.94
C LYS B 365 43.80 28.00 -39.35
N GLU B 366 43.03 29.06 -39.61
CA GLU B 366 43.24 30.37 -39.02
C GLU B 366 42.86 30.37 -37.53
N LEU B 367 41.89 29.54 -37.15
CA LEU B 367 41.34 29.58 -35.79
C LEU B 367 42.01 28.68 -34.75
N LEU B 368 42.23 27.43 -35.11
CA LEU B 368 42.70 26.43 -34.16
C LEU B 368 44.06 26.75 -33.55
N PHE B 369 44.97 27.26 -34.38
CA PHE B 369 46.27 27.71 -33.92
C PHE B 369 46.28 29.24 -33.87
N HIS B 370 46.09 29.78 -32.69
CA HIS B 370 45.96 31.23 -32.51
C HIS B 370 46.41 31.58 -31.11
N HIS B 371 47.04 32.74 -30.97
CA HIS B 371 47.59 33.13 -29.66
C HIS B 371 46.51 33.54 -28.65
N GLU B 372 45.52 34.31 -29.10
CA GLU B 372 44.38 34.66 -28.24
C GLU B 372 43.46 33.45 -28.09
N TRP B 373 43.13 33.12 -26.84
CA TRP B 373 42.36 31.92 -26.55
C TRP B 373 40.89 32.07 -26.92
N VAL B 374 40.28 33.19 -26.53
CA VAL B 374 38.89 33.48 -26.91
C VAL B 374 38.68 33.18 -28.39
N VAL B 375 39.69 33.43 -29.19
CA VAL B 375 39.63 33.14 -30.61
C VAL B 375 39.85 31.66 -30.87
N LYS B 376 40.84 31.06 -30.21
CA LYS B 376 41.18 29.64 -30.41
C LYS B 376 40.04 28.72 -29.99
N GLU B 377 39.41 29.09 -28.88
CA GLU B 377 38.36 28.28 -28.26
C GLU B 377 37.16 28.15 -29.20
N SER B 378 36.81 29.26 -29.85
CA SER B 378 35.76 29.25 -30.86
C SER B 378 36.05 28.27 -31.99
N GLY B 379 37.33 28.13 -32.34
CA GLY B 379 37.77 27.20 -33.38
C GLY B 379 37.60 25.73 -33.01
N ILE B 380 37.75 25.44 -31.71
CA ILE B 380 37.55 24.09 -31.20
C ILE B 380 36.06 23.76 -31.22
N LEU B 381 35.24 24.73 -30.83
CA LEU B 381 33.78 24.62 -30.91
C LEU B 381 33.31 24.46 -32.36
N VAL B 382 33.85 25.28 -33.25
CA VAL B 382 33.61 25.10 -34.69
C VAL B 382 33.98 23.69 -35.13
N LEU B 383 35.08 23.16 -34.57
CA LEU B 383 35.57 21.87 -34.97
C LEU B 383 34.63 20.74 -34.54
N GLY B 384 34.06 20.87 -33.34
CA GLY B 384 33.08 19.90 -32.83
C GLY B 384 31.71 20.05 -33.44
N ALA B 385 31.27 21.30 -33.64
CA ALA B 385 30.00 21.60 -34.27
C ALA B 385 29.87 20.86 -35.59
N ILE B 386 30.84 21.08 -36.47
CA ILE B 386 30.91 20.46 -37.78
C ILE B 386 31.05 18.94 -37.76
N ALA B 387 31.54 18.42 -36.62
CA ALA B 387 31.93 17.02 -36.47
C ALA B 387 30.94 15.99 -37.02
N GLU B 388 29.71 15.97 -36.50
CA GLU B 388 28.70 15.02 -36.96
C GLU B 388 28.47 15.08 -38.47
N GLY B 389 28.26 16.30 -38.97
CA GLY B 389 27.91 16.49 -40.37
C GLY B 389 29.01 16.17 -41.33
N CYS B 390 30.21 16.69 -41.08
CA CYS B 390 31.32 16.57 -42.04
C CYS B 390 32.23 15.37 -41.80
N MET B 391 31.81 14.48 -40.92
CA MET B 391 32.66 13.39 -40.42
C MET B 391 33.65 12.85 -41.43
N GLN B 392 33.14 12.31 -42.54
CA GLN B 392 33.97 11.60 -43.52
C GLN B 392 34.95 12.52 -44.25
N GLY B 393 34.52 13.73 -44.55
CA GLY B 393 35.41 14.69 -45.19
C GLY B 393 36.46 15.19 -44.22
N MET B 394 36.24 14.93 -42.94
CA MET B 394 37.07 15.48 -41.87
C MET B 394 38.18 14.52 -41.38
N ILE B 395 38.03 13.24 -41.72
CA ILE B 395 39.02 12.19 -41.39
C ILE B 395 40.45 12.56 -41.82
N PRO B 396 40.70 12.78 -43.13
CA PRO B 396 42.08 13.12 -43.54
C PRO B 396 42.86 14.04 -42.58
N TYR B 397 42.18 15.03 -42.00
CA TYR B 397 42.84 16.05 -41.19
C TYR B 397 43.02 15.66 -39.72
N LEU B 398 42.41 14.56 -39.33
CA LEU B 398 42.39 14.13 -37.91
C LEU B 398 43.71 13.63 -37.32
N PRO B 399 44.51 12.84 -38.10
CA PRO B 399 45.85 12.47 -37.64
C PRO B 399 46.68 13.68 -37.23
N GLU B 400 46.35 14.84 -37.77
CA GLU B 400 46.96 16.08 -37.31
C GLU B 400 46.25 16.62 -36.08
N LEU B 401 44.92 16.68 -36.14
CA LEU B 401 44.14 17.48 -35.20
C LEU B 401 43.93 16.87 -33.81
N ILE B 402 43.62 15.57 -33.77
CA ILE B 402 43.44 14.88 -32.50
C ILE B 402 44.69 14.98 -31.60
N PRO B 403 45.90 14.77 -32.17
CA PRO B 403 47.09 15.09 -31.41
C PRO B 403 47.10 16.53 -30.90
N HIS B 404 46.73 17.48 -31.76
CA HIS B 404 46.69 18.89 -31.35
C HIS B 404 45.70 19.09 -30.21
N LEU B 405 44.54 18.44 -30.31
CA LEU B 405 43.49 18.57 -29.29
C LEU B 405 43.92 18.01 -27.94
N ILE B 406 44.47 16.79 -27.96
CA ILE B 406 44.97 16.15 -26.73
C ILE B 406 45.98 17.06 -26.02
N GLN B 407 46.69 17.87 -26.81
CA GLN B 407 47.60 18.85 -26.25
C GLN B 407 46.86 19.95 -25.50
N CYS B 408 45.73 20.40 -26.06
CA CYS B 408 44.93 21.50 -25.49
C CYS B 408 44.16 21.10 -24.24
N LEU B 409 43.95 19.81 -24.03
CA LEU B 409 43.33 19.34 -22.80
C LEU B 409 44.05 19.81 -21.53
N SER B 410 45.24 20.39 -21.70
CA SER B 410 46.10 20.80 -20.57
C SER B 410 46.33 22.32 -20.48
N ASP B 411 45.76 23.04 -21.43
CA ASP B 411 45.79 24.51 -21.51
C ASP B 411 45.50 25.18 -20.15
N LYS B 412 46.13 26.33 -19.89
CA LYS B 412 45.97 27.06 -18.63
C LYS B 412 44.54 27.54 -18.42
N LYS B 413 43.89 27.95 -19.52
CA LYS B 413 42.54 28.52 -19.49
C LYS B 413 41.47 27.41 -19.49
N ALA B 414 40.64 27.40 -18.44
CA ALA B 414 39.66 26.34 -18.20
C ALA B 414 38.64 26.19 -19.32
N LEU B 415 38.09 27.30 -19.79
CA LEU B 415 37.12 27.27 -20.87
C LEU B 415 37.68 26.66 -22.16
N VAL B 416 39.00 26.47 -22.23
CA VAL B 416 39.61 25.79 -23.37
C VAL B 416 39.79 24.32 -23.01
N ARG B 417 39.98 24.05 -21.72
CA ARG B 417 40.12 22.67 -21.25
C ARG B 417 38.83 21.87 -21.30
N SER B 418 37.69 22.55 -21.44
CA SER B 418 36.39 21.87 -21.40
C SER B 418 35.78 21.63 -22.78
N ILE B 419 35.96 22.55 -23.71
CA ILE B 419 35.43 22.35 -25.06
C ILE B 419 36.23 21.28 -25.76
N THR B 420 37.54 21.33 -25.58
CA THR B 420 38.47 20.32 -26.07
C THR B 420 38.06 18.89 -25.65
N CYS B 421 37.62 18.72 -24.40
CA CYS B 421 37.01 17.47 -23.97
C CYS B 421 35.88 17.07 -24.92
N TRP B 422 34.93 17.99 -25.12
CA TRP B 422 33.69 17.73 -25.88
C TRP B 422 33.97 17.49 -27.36
N THR B 423 34.76 18.38 -27.96
CA THR B 423 35.15 18.24 -29.37
C THR B 423 35.85 16.91 -29.64
N LEU B 424 36.74 16.51 -28.73
CA LEU B 424 37.38 15.21 -28.84
C LEU B 424 36.37 14.07 -28.84
N SER B 425 35.42 14.12 -27.89
CA SER B 425 34.39 13.10 -27.75
C SER B 425 33.54 12.96 -29.02
N ARG B 426 33.50 14.02 -29.81
CA ARG B 426 32.74 14.00 -31.07
C ARG B 426 33.43 13.20 -32.15
N TYR B 427 34.72 12.94 -31.94
CA TYR B 427 35.51 12.12 -32.85
C TYR B 427 35.91 10.78 -32.24
N ALA B 428 35.45 10.53 -31.01
CA ALA B 428 35.71 9.28 -30.33
C ALA B 428 35.65 8.08 -31.27
N HIS B 429 34.66 8.05 -32.16
CA HIS B 429 34.54 6.90 -33.04
C HIS B 429 35.78 6.70 -33.88
N TRP B 430 36.27 7.75 -34.51
CA TRP B 430 37.50 7.60 -35.29
C TRP B 430 38.65 7.15 -34.40
N VAL B 431 38.84 7.82 -33.27
CA VAL B 431 39.91 7.52 -32.32
C VAL B 431 40.00 6.03 -31.97
N VAL B 432 38.85 5.41 -31.71
CA VAL B 432 38.82 3.98 -31.38
C VAL B 432 39.26 3.09 -32.56
N SER B 433 38.89 3.48 -33.78
CA SER B 433 39.20 2.67 -34.96
C SER B 433 40.70 2.51 -35.22
N GLN B 434 41.48 3.56 -34.96
CA GLN B 434 42.92 3.55 -35.19
C GLN B 434 43.68 2.92 -34.02
N PRO B 435 44.84 2.28 -34.31
CA PRO B 435 45.75 1.60 -33.37
C PRO B 435 45.86 2.23 -31.96
N PRO B 436 45.29 1.55 -30.95
CA PRO B 436 45.06 2.01 -29.56
C PRO B 436 46.18 2.79 -28.86
N ASP B 437 47.39 2.76 -29.38
CA ASP B 437 48.46 3.48 -28.70
C ASP B 437 48.58 4.89 -29.26
N THR B 438 48.31 5.02 -30.56
CA THR B 438 48.50 6.28 -31.29
C THR B 438 47.72 7.46 -30.71
N TYR B 439 46.44 7.23 -30.42
CA TYR B 439 45.49 8.28 -30.02
C TYR B 439 44.69 7.92 -28.78
N LEU B 440 44.14 6.70 -28.78
CA LEU B 440 43.23 6.27 -27.72
C LEU B 440 43.87 6.31 -26.34
N LYS B 441 45.09 5.78 -26.23
CA LYS B 441 45.80 5.69 -24.95
C LYS B 441 46.17 7.05 -24.31
N PRO B 442 46.74 7.99 -25.09
CA PRO B 442 46.99 9.30 -24.50
C PRO B 442 45.70 10.07 -24.18
N LEU B 443 44.69 9.97 -25.05
CA LEU B 443 43.40 10.63 -24.80
C LEU B 443 42.83 10.12 -23.49
N MET B 444 42.73 8.80 -23.40
CA MET B 444 42.21 8.13 -22.24
C MET B 444 42.93 8.59 -20.96
N THR B 445 44.20 8.96 -21.10
CA THR B 445 45.01 9.38 -19.95
C THR B 445 44.68 10.81 -19.58
N GLU B 446 44.73 11.68 -20.58
CA GLU B 446 44.53 13.11 -20.35
C GLU B 446 43.13 13.40 -19.84
N LEU B 447 42.13 12.72 -20.40
CA LEU B 447 40.73 12.86 -19.99
C LEU B 447 40.58 12.50 -18.53
N LEU B 448 41.13 11.35 -18.16
CA LEU B 448 41.11 10.87 -16.77
C LEU B 448 41.71 11.89 -15.81
N LYS B 449 42.65 12.71 -16.28
CA LYS B 449 43.24 13.77 -15.47
C LYS B 449 42.27 14.93 -15.37
N ARG B 450 41.59 15.21 -16.48
CA ARG B 450 40.57 16.27 -16.53
C ARG B 450 39.32 15.98 -15.69
N ILE B 451 38.90 14.71 -15.63
CA ILE B 451 37.83 14.30 -14.72
C ILE B 451 38.10 14.84 -13.32
N LEU B 452 39.36 14.86 -12.92
CA LEU B 452 39.73 15.39 -11.61
C LEU B 452 40.22 16.83 -11.62
N ASP B 453 39.89 17.57 -12.69
CA ASP B 453 40.23 18.99 -12.83
C ASP B 453 39.61 19.79 -11.67
N SER B 454 40.06 21.02 -11.46
CA SER B 454 39.65 21.74 -10.25
C SER B 454 38.31 22.45 -10.37
N ASN B 455 37.95 22.90 -11.56
CA ASN B 455 36.65 23.54 -11.70
C ASN B 455 35.57 22.58 -12.17
N LYS B 456 34.35 22.83 -11.71
CA LYS B 456 33.20 21.98 -12.04
C LYS B 456 32.96 21.84 -13.55
N ARG B 457 33.24 22.88 -14.33
CA ARG B 457 33.02 22.83 -15.77
C ARG B 457 33.95 21.89 -16.54
N VAL B 458 35.18 21.71 -16.11
CA VAL B 458 36.01 20.78 -16.86
C VAL B 458 35.77 19.37 -16.36
N GLN B 459 35.47 19.25 -15.08
CA GLN B 459 35.03 18.00 -14.50
C GLN B 459 33.82 17.47 -15.27
N GLU B 460 32.75 18.25 -15.30
CA GLU B 460 31.55 17.94 -16.08
C GLU B 460 31.90 17.51 -17.50
N ALA B 461 32.65 18.36 -18.22
CA ALA B 461 32.92 18.12 -19.63
C ALA B 461 33.72 16.85 -19.87
N ALA B 462 34.75 16.64 -19.03
CA ALA B 462 35.67 15.52 -19.19
C ALA B 462 35.01 14.19 -18.89
N CYS B 463 34.34 14.15 -17.74
CA CYS B 463 33.63 12.97 -17.25
C CYS B 463 32.51 12.53 -18.19
N SER B 464 31.89 13.51 -18.85
CA SER B 464 30.91 13.26 -19.89
C SER B 464 31.61 12.71 -21.14
N ALA B 465 32.68 13.38 -21.57
CA ALA B 465 33.45 12.98 -22.76
C ALA B 465 34.05 11.60 -22.60
N PHE B 466 34.37 11.21 -21.38
CA PHE B 466 34.92 9.90 -21.15
C PHE B 466 33.88 8.81 -21.36
N ALA B 467 32.64 9.11 -20.96
CA ALA B 467 31.54 8.20 -21.16
C ALA B 467 31.29 7.99 -22.65
N THR B 468 31.44 9.05 -23.43
CA THR B 468 31.32 8.95 -24.88
C THR B 468 32.36 8.02 -25.43
N LEU B 469 33.59 8.13 -24.92
CA LEU B 469 34.67 7.25 -25.34
C LEU B 469 34.45 5.80 -24.90
N GLU B 470 34.04 5.60 -23.65
CA GLU B 470 33.68 4.26 -23.17
C GLU B 470 32.69 3.55 -24.10
N GLU B 471 31.66 4.29 -24.53
CA GLU B 471 30.66 3.77 -25.43
C GLU B 471 31.25 3.37 -26.77
N GLU B 472 32.21 4.15 -27.25
CA GLU B 472 32.84 3.85 -28.53
C GLU B 472 33.96 2.82 -28.45
N ALA B 473 34.57 2.69 -27.27
CA ALA B 473 35.75 1.85 -27.10
C ALA B 473 35.49 0.47 -26.50
N CYS B 474 34.23 0.20 -26.13
CA CYS B 474 33.88 -1.05 -25.46
C CYS B 474 35.07 -1.82 -24.93
N THR B 475 35.48 -2.83 -25.70
CA THR B 475 36.40 -3.84 -25.23
C THR B 475 37.86 -3.37 -25.07
N GLU B 476 38.24 -2.31 -25.81
CA GLU B 476 39.62 -1.79 -25.80
C GLU B 476 40.11 -1.34 -24.42
N LEU B 477 39.18 -1.20 -23.47
CA LEU B 477 39.52 -0.67 -22.15
C LEU B 477 39.90 -1.74 -21.12
N VAL B 478 39.81 -3.01 -21.49
CA VAL B 478 40.11 -4.08 -20.53
C VAL B 478 41.56 -4.01 -20.01
N PRO B 479 42.53 -3.69 -20.90
CA PRO B 479 43.89 -3.40 -20.45
C PRO B 479 43.99 -2.26 -19.42
N TYR B 480 42.99 -1.40 -19.33
CA TYR B 480 43.09 -0.20 -18.48
C TYR B 480 42.05 -0.10 -17.35
N LEU B 481 41.18 -1.10 -17.24
CA LEU B 481 40.11 -1.09 -16.27
C LEU B 481 40.48 -0.63 -14.86
N ALA B 482 41.60 -1.15 -14.32
CA ALA B 482 42.01 -0.86 -12.94
C ALA B 482 42.49 0.57 -12.83
N TYR B 483 43.15 1.02 -13.89
CA TYR B 483 43.60 2.39 -14.03
C TYR B 483 42.38 3.29 -14.09
N ILE B 484 41.46 2.97 -14.99
CA ILE B 484 40.25 3.75 -15.17
C ILE B 484 39.44 3.79 -13.88
N LEU B 485 39.25 2.61 -13.28
CA LEU B 485 38.46 2.51 -12.06
C LEU B 485 39.01 3.32 -10.93
N ASP B 486 40.33 3.53 -10.94
CA ASP B 486 41.01 4.24 -9.88
C ASP B 486 40.54 5.69 -9.75
N THR B 487 40.47 6.38 -10.89
CA THR B 487 40.12 7.79 -10.92
C THR B 487 38.64 8.00 -10.62
N LEU B 488 37.78 7.13 -11.15
CA LEU B 488 36.34 7.28 -10.99
C LEU B 488 35.93 7.10 -9.54
N VAL B 489 36.40 6.02 -8.92
CA VAL B 489 36.18 5.76 -7.50
C VAL B 489 36.73 6.92 -6.66
N PHE B 490 37.79 7.54 -7.16
CA PHE B 490 38.37 8.68 -6.47
C PHE B 490 37.47 9.90 -6.64
N ALA B 491 37.05 10.16 -7.88
CA ALA B 491 36.15 11.27 -8.20
C ALA B 491 34.91 11.24 -7.32
N PHE B 492 34.49 10.02 -6.98
CA PHE B 492 33.34 9.81 -6.11
C PHE B 492 33.46 10.58 -4.81
N SER B 493 34.68 10.72 -4.32
CA SER B 493 34.94 11.45 -3.07
C SER B 493 34.96 12.96 -3.25
N LYS B 494 35.44 13.43 -4.39
CA LYS B 494 35.48 14.86 -4.66
C LYS B 494 34.14 15.41 -5.11
N TYR B 495 33.60 14.85 -6.19
CA TYR B 495 32.39 15.33 -6.87
C TYR B 495 31.21 15.66 -5.97
N GLN B 496 30.46 16.69 -6.36
CA GLN B 496 29.23 17.10 -5.68
C GLN B 496 28.02 16.80 -6.57
N HIS B 497 26.83 16.90 -5.97
CA HIS B 497 25.60 16.41 -6.59
C HIS B 497 25.55 16.61 -8.11
N LYS B 498 25.83 17.82 -8.57
CA LYS B 498 25.71 18.17 -9.98
C LYS B 498 26.51 17.24 -10.92
N ASN B 499 27.83 17.18 -10.70
CA ASN B 499 28.73 16.37 -11.56
C ASN B 499 28.67 14.90 -11.21
N LEU B 500 28.24 14.63 -9.98
CA LEU B 500 28.06 13.28 -9.47
C LEU B 500 27.12 12.48 -10.36
N LEU B 501 26.03 13.09 -10.79
CA LEU B 501 25.12 12.46 -11.74
C LEU B 501 25.85 11.97 -12.99
N ILE B 502 26.74 12.80 -13.52
CA ILE B 502 27.49 12.45 -14.72
C ILE B 502 28.48 11.34 -14.42
N LEU B 503 28.90 11.27 -13.16
CA LEU B 503 29.81 10.22 -12.75
C LEU B 503 29.11 8.86 -12.75
N TYR B 504 28.00 8.77 -12.03
CA TYR B 504 27.17 7.57 -12.05
C TYR B 504 26.99 7.08 -13.48
N ASP B 505 26.80 8.03 -14.40
CA ASP B 505 26.62 7.74 -15.82
C ASP B 505 27.91 7.12 -16.40
N ALA B 506 29.05 7.76 -16.14
CA ALA B 506 30.35 7.24 -16.56
C ALA B 506 30.62 5.81 -16.05
N ILE B 507 30.30 5.58 -14.77
CA ILE B 507 30.53 4.27 -14.13
C ILE B 507 29.61 3.13 -14.65
N GLY B 508 28.37 3.46 -14.95
CA GLY B 508 27.43 2.51 -15.51
C GLY B 508 27.73 2.26 -16.97
N THR B 509 28.11 3.31 -17.70
CA THR B 509 28.45 3.16 -19.11
C THR B 509 29.69 2.29 -19.26
N LEU B 510 30.56 2.32 -18.25
CA LEU B 510 31.73 1.47 -18.22
C LEU B 510 31.34 0.00 -18.10
N ALA B 511 30.59 -0.31 -17.05
CA ALA B 511 30.02 -1.64 -16.82
C ALA B 511 29.26 -2.16 -18.04
N ASP B 512 28.47 -1.31 -18.70
CA ASP B 512 27.78 -1.74 -19.91
C ASP B 512 28.77 -2.06 -21.03
N SER B 513 29.74 -1.17 -21.24
CA SER B 513 30.67 -1.27 -22.37
C SER B 513 31.68 -2.41 -22.27
N VAL B 514 32.07 -2.72 -21.04
CA VAL B 514 33.06 -3.76 -20.79
C VAL B 514 32.40 -5.12 -20.48
N GLY B 515 31.16 -5.07 -19.98
CA GLY B 515 30.40 -6.29 -19.69
C GLY B 515 31.06 -7.15 -18.65
N HIS B 516 31.19 -8.44 -18.97
CA HIS B 516 31.68 -9.44 -18.02
C HIS B 516 33.14 -9.22 -17.59
N HIS B 517 33.94 -8.57 -18.43
CA HIS B 517 35.37 -8.36 -18.13
C HIS B 517 35.59 -7.67 -16.79
N LEU B 518 34.49 -7.13 -16.23
CA LEU B 518 34.52 -6.44 -14.96
C LEU B 518 34.45 -7.41 -13.77
N ASN B 519 34.26 -8.70 -14.05
CA ASN B 519 34.05 -9.69 -12.99
C ASN B 519 35.32 -10.27 -12.32
N LYS B 520 36.25 -9.39 -11.96
CA LYS B 520 37.48 -9.78 -11.26
C LYS B 520 37.54 -9.12 -9.87
N PRO B 521 37.99 -9.88 -8.84
CA PRO B 521 37.95 -9.41 -7.45
C PRO B 521 38.64 -8.07 -7.18
N GLU B 522 39.68 -7.75 -7.94
CA GLU B 522 40.37 -6.45 -7.78
C GLU B 522 39.39 -5.31 -8.04
N TYR B 523 38.74 -5.34 -9.20
CA TYR B 523 37.80 -4.32 -9.65
C TYR B 523 36.62 -4.17 -8.69
N ILE B 524 35.91 -5.26 -8.44
CA ILE B 524 34.81 -5.31 -7.49
C ILE B 524 35.21 -4.69 -6.15
N GLN B 525 36.46 -4.93 -5.74
CA GLN B 525 36.95 -4.36 -4.48
C GLN B 525 37.01 -2.84 -4.49
N MET B 526 37.34 -2.26 -5.63
CA MET B 526 37.44 -0.82 -5.75
C MET B 526 36.07 -0.18 -5.87
N LEU B 527 35.24 -0.75 -6.74
CA LEU B 527 34.01 -0.11 -7.20
C LEU B 527 32.84 -0.15 -6.21
N MET B 528 32.65 -1.31 -5.56
CA MET B 528 31.49 -1.52 -4.70
C MET B 528 31.46 -0.67 -3.43
N PRO B 529 32.52 -0.71 -2.60
CA PRO B 529 32.47 0.10 -1.38
C PRO B 529 32.02 1.56 -1.53
N PRO B 530 32.48 2.31 -2.57
CA PRO B 530 31.97 3.67 -2.79
C PRO B 530 30.47 3.75 -3.07
N LEU B 531 29.92 2.72 -3.71
CA LEU B 531 28.49 2.67 -4.05
C LEU B 531 27.64 2.23 -2.86
N ILE B 532 28.27 1.60 -1.88
CA ILE B 532 27.55 1.11 -0.70
C ILE B 532 27.32 2.17 0.40
N GLN B 533 28.28 3.23 0.73
CA GLN B 533 27.96 4.38 1.58
C GLN B 533 26.72 5.11 1.07
N LYS B 534 26.77 5.40 -0.29
CA LYS B 534 25.64 6.10 -0.88
C LYS B 534 24.37 5.30 -0.58
N TRP B 535 24.44 3.98 -0.77
CA TRP B 535 23.33 3.07 -0.49
C TRP B 535 22.86 3.12 0.95
N ASN B 536 23.78 3.25 1.89
CA ASN B 536 23.43 3.27 3.32
C ASN B 536 23.22 4.68 3.89
N MET B 537 23.87 5.66 3.27
CA MET B 537 23.72 7.06 3.66
C MET B 537 22.36 7.60 3.17
N LEU B 538 21.87 7.07 2.05
CA LEU B 538 20.60 7.53 1.47
C LEU B 538 19.40 6.78 2.06
N LYS B 539 18.34 7.52 2.35
CA LYS B 539 17.10 6.95 2.90
C LYS B 539 16.07 6.75 1.78
N ASP B 540 15.14 5.81 1.98
CA ASP B 540 14.22 5.36 0.91
C ASP B 540 13.39 6.47 0.25
N GLU B 541 13.36 7.64 0.85
CA GLU B 541 12.52 8.75 0.36
C GLU B 541 13.34 9.72 -0.48
N ASP B 542 14.64 9.49 -0.50
CA ASP B 542 15.61 10.40 -1.12
C ASP B 542 15.60 10.25 -2.64
N LYS B 543 15.13 11.28 -3.31
CA LYS B 543 15.08 11.34 -4.77
C LYS B 543 16.49 11.16 -5.40
N ASP B 544 17.47 10.97 -4.54
CA ASP B 544 18.88 10.85 -4.93
C ASP B 544 19.28 9.39 -5.08
N LEU B 545 18.29 8.51 -5.01
CA LEU B 545 18.47 7.09 -5.23
C LEU B 545 18.39 6.73 -6.70
N PHE B 546 17.63 7.51 -7.47
CA PHE B 546 17.46 7.21 -8.90
C PHE B 546 18.80 6.94 -9.65
N PRO B 547 19.81 7.80 -9.46
CA PRO B 547 20.95 7.56 -10.32
C PRO B 547 21.85 6.46 -9.78
N LEU B 548 21.89 6.31 -8.47
CA LEU B 548 22.66 5.25 -7.84
C LEU B 548 22.17 3.86 -8.28
N LEU B 549 20.85 3.68 -8.28
CA LEU B 549 20.25 2.39 -8.64
C LEU B 549 20.37 2.11 -10.13
N GLU B 550 20.00 3.08 -10.96
CA GLU B 550 20.09 2.86 -12.41
C GLU B 550 21.54 2.69 -12.87
N CYS B 551 22.48 3.08 -12.01
CA CYS B 551 23.89 2.83 -12.23
C CYS B 551 24.16 1.41 -11.84
N LEU B 552 23.78 1.08 -10.61
CA LEU B 552 24.03 -0.23 -10.00
C LEU B 552 23.44 -1.41 -10.78
N SER B 553 22.42 -1.16 -11.61
CA SER B 553 21.83 -2.20 -12.44
C SER B 553 22.56 -2.40 -13.77
N SER B 554 23.60 -1.60 -14.01
CA SER B 554 24.49 -1.81 -15.13
C SER B 554 25.70 -2.56 -14.62
N VAL B 555 26.03 -2.30 -13.37
CA VAL B 555 27.15 -2.92 -12.72
C VAL B 555 26.80 -4.37 -12.43
N ALA B 556 25.59 -4.61 -11.93
CA ALA B 556 25.12 -5.97 -11.60
C ALA B 556 24.97 -6.93 -12.80
N THR B 557 24.74 -6.38 -13.99
CA THR B 557 24.74 -7.17 -15.23
C THR B 557 26.18 -7.39 -15.73
N ALA B 558 27.07 -6.45 -15.44
CA ALA B 558 28.47 -6.52 -15.85
C ALA B 558 29.18 -7.57 -15.02
N LEU B 559 29.28 -7.31 -13.72
CA LEU B 559 29.56 -8.36 -12.75
C LEU B 559 28.41 -9.32 -12.99
N GLN B 560 28.57 -10.59 -12.62
CA GLN B 560 27.44 -11.49 -12.75
C GLN B 560 27.27 -12.19 -11.43
N SER B 561 27.87 -13.38 -11.34
CA SER B 561 28.00 -14.13 -10.10
C SER B 561 28.86 -13.36 -9.09
N GLY B 562 29.70 -12.47 -9.61
CA GLY B 562 30.52 -11.58 -8.78
C GLY B 562 29.72 -10.72 -7.83
N PHE B 563 28.46 -10.46 -8.17
CA PHE B 563 27.58 -9.57 -7.40
C PHE B 563 26.96 -10.23 -6.17
N LEU B 564 27.01 -11.56 -6.10
CA LEU B 564 26.35 -12.32 -5.03
C LEU B 564 26.53 -11.79 -3.62
N PRO B 565 27.78 -11.52 -3.19
CA PRO B 565 28.01 -10.93 -1.87
C PRO B 565 27.17 -9.70 -1.57
N TYR B 566 26.58 -9.08 -2.60
CA TYR B 566 25.85 -7.83 -2.42
C TYR B 566 24.36 -7.92 -2.67
N CYS B 567 23.96 -8.95 -3.43
CA CYS B 567 22.62 -9.01 -4.03
C CYS B 567 21.47 -9.08 -3.03
N GLU B 568 21.67 -9.79 -1.93
CA GLU B 568 20.59 -9.98 -0.98
C GLU B 568 19.95 -8.66 -0.52
N PRO B 569 20.74 -7.73 0.05
CA PRO B 569 20.16 -6.48 0.54
C PRO B 569 19.65 -5.58 -0.59
N VAL B 570 20.27 -5.66 -1.76
CA VAL B 570 19.83 -4.91 -2.93
C VAL B 570 18.45 -5.43 -3.33
N TYR B 571 18.27 -6.74 -3.26
CA TYR B 571 16.99 -7.35 -3.57
C TYR B 571 15.89 -6.88 -2.61
N GLN B 572 16.05 -7.14 -1.31
CA GLN B 572 15.03 -6.76 -0.32
C GLN B 572 14.62 -5.29 -0.45
N ARG B 573 15.60 -4.40 -0.51
CA ARG B 573 15.32 -2.96 -0.55
C ARG B 573 14.61 -2.55 -1.83
N CYS B 574 14.86 -3.28 -2.91
CA CYS B 574 14.13 -3.04 -4.15
C CYS B 574 12.65 -3.42 -4.03
N VAL B 575 12.40 -4.63 -3.56
CA VAL B 575 11.04 -5.13 -3.36
C VAL B 575 10.29 -4.16 -2.44
N ASN B 576 10.93 -3.81 -1.31
CA ASN B 576 10.38 -2.87 -0.33
C ASN B 576 9.99 -1.51 -0.91
N LEU B 577 10.83 -0.98 -1.79
CA LEU B 577 10.53 0.27 -2.48
C LEU B 577 9.23 0.18 -3.24
N VAL B 578 9.03 -0.94 -3.92
CA VAL B 578 7.87 -1.13 -4.76
C VAL B 578 6.63 -1.35 -3.90
N GLN B 579 6.74 -2.27 -2.95
CA GLN B 579 5.67 -2.54 -1.99
C GLN B 579 5.12 -1.23 -1.44
N LYS B 580 6.01 -0.39 -0.91
CA LYS B 580 5.62 0.87 -0.32
C LYS B 580 5.02 1.82 -1.36
N THR B 581 5.70 2.01 -2.49
CA THR B 581 5.17 2.97 -3.50
C THR B 581 3.81 2.57 -4.06
N LEU B 582 3.53 1.27 -4.05
CA LEU B 582 2.22 0.77 -4.47
C LEU B 582 1.20 1.00 -3.36
N ALA B 583 1.57 0.66 -2.13
CA ALA B 583 0.71 0.84 -0.98
C ALA B 583 0.27 2.30 -0.89
N GLN B 584 1.24 3.20 -0.94
CA GLN B 584 0.97 4.64 -0.86
C GLN B 584 -0.01 5.07 -1.94
N ALA B 585 0.14 4.49 -3.13
CA ALA B 585 -0.72 4.75 -4.27
C ALA B 585 -2.14 4.30 -4.00
N MET B 586 -2.28 3.18 -3.28
CA MET B 586 -3.60 2.66 -2.90
C MET B 586 -4.31 3.65 -2.01
N LEU B 587 -3.59 4.19 -1.04
CA LEU B 587 -4.10 5.23 -0.13
C LEU B 587 -4.57 6.47 -0.90
N ASN B 588 -3.71 7.00 -1.77
CA ASN B 588 -4.09 8.12 -2.61
C ASN B 588 -5.37 7.84 -3.41
N ASN B 589 -5.46 6.64 -3.97
CA ASN B 589 -6.67 6.20 -4.69
C ASN B 589 -7.90 6.03 -3.80
N ALA B 590 -7.69 5.50 -2.60
CA ALA B 590 -8.78 5.37 -1.63
C ALA B 590 -9.31 6.74 -1.23
N GLN B 591 -8.40 7.66 -0.89
CA GLN B 591 -8.79 9.00 -0.43
C GLN B 591 -7.68 10.03 -0.62
N PRO B 592 -7.79 10.86 -1.68
CA PRO B 592 -6.79 11.89 -2.01
C PRO B 592 -6.56 12.92 -0.89
N ASP B 593 -7.66 13.51 -0.39
CA ASP B 593 -7.67 14.55 0.67
C ASP B 593 -6.68 14.32 1.81
N GLN B 594 -6.41 13.06 2.12
CA GLN B 594 -5.67 12.70 3.33
C GLN B 594 -4.27 12.15 3.05
N TYR B 595 -4.09 11.51 1.88
CA TYR B 595 -2.82 10.86 1.52
C TYR B 595 -2.21 11.36 0.23
N GLU B 596 -0.93 11.72 0.30
CA GLU B 596 -0.17 12.21 -0.85
C GLU B 596 0.13 11.10 -1.86
N ALA B 597 0.06 11.44 -3.15
CA ALA B 597 0.41 10.48 -4.21
C ALA B 597 1.91 10.22 -4.20
N PRO B 598 2.32 8.97 -4.52
CA PRO B 598 3.74 8.65 -4.49
C PRO B 598 4.46 9.09 -5.74
N ASP B 599 5.78 9.09 -5.68
CA ASP B 599 6.60 9.36 -6.84
C ASP B 599 6.98 8.03 -7.44
N LYS B 600 6.27 7.65 -8.51
CA LYS B 600 6.40 6.34 -9.09
C LYS B 600 7.82 6.03 -9.56
N ASP B 601 8.56 7.08 -9.93
CA ASP B 601 9.98 6.97 -10.31
C ASP B 601 10.80 6.06 -9.40
N PHE B 602 10.38 5.94 -8.15
CA PHE B 602 11.07 5.08 -7.21
C PHE B 602 10.91 3.62 -7.55
N MET B 603 9.74 3.27 -8.09
CA MET B 603 9.48 1.88 -8.42
C MET B 603 9.97 1.50 -9.81
N ILE B 604 9.87 2.42 -10.76
CA ILE B 604 10.53 2.28 -12.05
C ILE B 604 12.00 1.93 -11.85
N VAL B 605 12.67 2.77 -11.08
CA VAL B 605 14.09 2.62 -10.78
C VAL B 605 14.38 1.29 -10.06
N ALA B 606 13.49 0.87 -9.17
CA ALA B 606 13.67 -0.40 -8.46
C ALA B 606 13.36 -1.61 -9.33
N LEU B 607 12.30 -1.52 -10.14
CA LEU B 607 11.93 -2.60 -11.05
C LEU B 607 13.05 -2.85 -12.04
N ASP B 608 13.60 -1.80 -12.61
CA ASP B 608 14.72 -1.88 -13.54
C ASP B 608 16.01 -2.42 -12.93
N LEU B 609 16.22 -2.20 -11.64
CA LEU B 609 17.37 -2.76 -10.93
C LEU B 609 17.22 -4.28 -10.67
N LEU B 610 16.04 -4.72 -10.23
CA LEU B 610 15.76 -6.15 -10.13
C LEU B 610 15.87 -6.78 -11.53
N SER B 611 15.20 -6.17 -12.50
CA SER B 611 15.26 -6.56 -13.90
C SER B 611 16.70 -6.64 -14.44
N GLY B 612 17.67 -6.13 -13.67
CA GLY B 612 19.06 -6.14 -14.08
C GLY B 612 19.85 -7.08 -13.21
N LEU B 613 19.39 -7.23 -11.97
CA LEU B 613 19.97 -8.15 -11.03
C LEU B 613 19.68 -9.57 -11.52
N ALA B 614 18.46 -9.79 -12.00
CA ALA B 614 18.02 -11.07 -12.52
C ALA B 614 18.76 -11.47 -13.78
N GLU B 615 19.05 -10.50 -14.63
CA GLU B 615 19.80 -10.77 -15.86
C GLU B 615 21.23 -11.17 -15.57
N GLY B 616 21.76 -10.62 -14.48
CA GLY B 616 23.13 -10.89 -14.09
C GLY B 616 23.26 -12.19 -13.33
N LEU B 617 22.34 -12.43 -12.39
CA LEU B 617 22.39 -13.60 -11.53
C LEU B 617 21.74 -14.84 -12.13
N GLY B 618 21.01 -14.66 -13.23
CA GLY B 618 20.27 -15.74 -13.89
C GLY B 618 19.61 -16.68 -12.90
N GLY B 619 20.10 -17.92 -12.85
CA GLY B 619 19.56 -18.95 -11.95
C GLY B 619 19.65 -18.61 -10.48
N ASN B 620 20.67 -17.88 -10.07
CA ASN B 620 20.94 -17.63 -8.65
C ASN B 620 19.91 -16.75 -7.94
N ILE B 621 19.15 -15.97 -8.71
CA ILE B 621 18.13 -15.13 -8.11
C ILE B 621 16.97 -15.94 -7.55
N GLU B 622 16.79 -17.15 -8.07
CA GLU B 622 15.56 -17.92 -7.82
C GLU B 622 15.18 -18.01 -6.35
N GLN B 623 16.16 -18.28 -5.50
CA GLN B 623 15.88 -18.43 -4.08
C GLN B 623 15.34 -17.11 -3.50
N LEU B 624 15.97 -16.00 -3.91
CA LEU B 624 15.51 -14.67 -3.50
C LEU B 624 14.10 -14.41 -3.98
N VAL B 625 13.81 -14.86 -5.20
CA VAL B 625 12.48 -14.70 -5.78
C VAL B 625 11.48 -15.53 -4.99
N ALA B 626 11.87 -16.77 -4.67
CA ALA B 626 11.00 -17.72 -3.97
C ALA B 626 10.38 -17.11 -2.72
N ARG B 627 11.23 -16.72 -1.78
CA ARG B 627 10.78 -16.14 -0.53
C ARG B 627 10.65 -14.62 -0.64
N SER B 628 9.75 -14.18 -1.51
CA SER B 628 9.45 -12.76 -1.69
C SER B 628 8.16 -12.64 -2.43
N ASN B 629 7.54 -11.47 -2.38
CA ASN B 629 6.27 -11.28 -3.07
C ASN B 629 6.45 -10.44 -4.33
N ILE B 630 7.63 -10.53 -4.92
CA ILE B 630 7.95 -9.79 -6.15
C ILE B 630 6.96 -10.11 -7.27
N LEU B 631 6.49 -11.36 -7.30
CA LEU B 631 5.59 -11.81 -8.34
C LEU B 631 4.21 -11.20 -8.23
N THR B 632 3.62 -11.29 -7.03
CA THR B 632 2.36 -10.60 -6.71
C THR B 632 2.48 -9.12 -7.02
N LEU B 633 3.62 -8.54 -6.65
CA LEU B 633 3.85 -7.10 -6.80
C LEU B 633 3.90 -6.69 -8.26
N MET B 634 4.61 -7.47 -9.06
CA MET B 634 4.74 -7.21 -10.50
C MET B 634 3.36 -7.15 -11.15
N TYR B 635 2.48 -8.07 -10.72
CA TYR B 635 1.12 -8.13 -11.23
C TYR B 635 0.38 -6.80 -11.09
N GLN B 636 0.51 -6.18 -9.91
CA GLN B 636 -0.10 -4.88 -9.68
C GLN B 636 0.57 -3.82 -10.51
N CYS B 637 1.88 -3.93 -10.66
CA CYS B 637 2.66 -2.97 -11.43
C CYS B 637 2.29 -3.01 -12.90
N MET B 638 2.00 -4.21 -13.39
CA MET B 638 1.57 -4.41 -14.76
C MET B 638 0.24 -3.70 -15.02
N GLN B 639 -0.53 -3.48 -13.96
CA GLN B 639 -1.83 -2.84 -14.08
C GLN B 639 -1.76 -1.33 -13.95
N ASP B 640 -0.63 -0.82 -13.47
CA ASP B 640 -0.49 0.60 -13.15
C ASP B 640 -0.88 1.52 -14.30
N LYS B 641 -1.43 2.69 -13.97
CA LYS B 641 -1.91 3.63 -14.99
C LYS B 641 -0.75 4.25 -15.79
N MET B 642 0.48 4.06 -15.29
CA MET B 642 1.66 4.67 -15.88
C MET B 642 2.43 3.73 -16.81
N PRO B 643 2.52 4.11 -18.10
CA PRO B 643 3.20 3.30 -19.10
C PRO B 643 4.56 2.80 -18.60
N GLU B 644 5.32 3.68 -17.96
CA GLU B 644 6.65 3.35 -17.47
C GLU B 644 6.65 2.23 -16.45
N VAL B 645 5.76 2.30 -15.46
CA VAL B 645 5.69 1.25 -14.46
C VAL B 645 5.39 -0.05 -15.18
N ARG B 646 4.42 -0.02 -16.09
CA ARG B 646 4.06 -1.19 -16.86
C ARG B 646 5.26 -1.74 -17.64
N GLN B 647 5.80 -0.92 -18.54
CA GLN B 647 6.92 -1.31 -19.39
C GLN B 647 8.11 -1.82 -18.62
N SER B 648 8.24 -1.43 -17.36
CA SER B 648 9.38 -1.85 -16.55
C SER B 648 9.17 -3.24 -16.02
N SER B 649 7.98 -3.49 -15.47
CA SER B 649 7.67 -4.80 -14.90
C SER B 649 7.53 -5.86 -15.99
N PHE B 650 7.10 -5.48 -17.19
CA PHE B 650 7.11 -6.43 -18.31
C PHE B 650 8.52 -6.89 -18.62
N ALA B 651 9.44 -5.93 -18.68
CA ALA B 651 10.86 -6.20 -18.84
C ALA B 651 11.36 -7.13 -17.75
N LEU B 652 10.91 -6.89 -16.52
CA LEU B 652 11.23 -7.76 -15.40
C LEU B 652 10.65 -9.16 -15.57
N LEU B 653 9.45 -9.27 -16.14
CA LEU B 653 8.81 -10.58 -16.38
C LEU B 653 9.67 -11.39 -17.34
N GLY B 654 10.01 -10.80 -18.47
CA GLY B 654 10.88 -11.47 -19.43
C GLY B 654 12.15 -12.00 -18.78
N ASP B 655 12.73 -11.21 -17.90
CA ASP B 655 14.01 -11.56 -17.31
C ASP B 655 13.94 -12.69 -16.28
N LEU B 656 12.82 -12.78 -15.58
CA LEU B 656 12.64 -13.84 -14.61
C LEU B 656 12.23 -15.12 -15.33
N THR B 657 11.44 -14.98 -16.39
CA THR B 657 11.09 -16.08 -17.27
C THR B 657 12.35 -16.81 -17.73
N LYS B 658 13.36 -16.04 -18.13
CA LYS B 658 14.64 -16.57 -18.52
C LYS B 658 15.37 -17.13 -17.32
N ALA B 659 15.32 -16.40 -16.21
CA ALA B 659 16.20 -16.66 -15.07
C ALA B 659 15.81 -17.91 -14.28
N CYS B 660 14.53 -17.98 -13.90
CA CYS B 660 14.06 -19.01 -12.99
C CYS B 660 12.56 -19.19 -13.20
N PHE B 661 12.23 -19.88 -14.29
CA PHE B 661 10.84 -19.99 -14.71
C PHE B 661 10.01 -20.82 -13.72
N GLN B 662 10.68 -21.61 -12.89
CA GLN B 662 10.00 -22.44 -11.89
C GLN B 662 8.91 -21.64 -11.21
N HIS B 663 9.32 -20.53 -10.58
CA HIS B 663 8.43 -19.67 -9.82
C HIS B 663 7.55 -18.80 -10.73
N VAL B 664 7.97 -18.57 -11.97
CA VAL B 664 7.18 -17.72 -12.87
C VAL B 664 5.95 -18.48 -13.36
N LYS B 665 6.14 -19.76 -13.66
CA LYS B 665 5.09 -20.60 -14.24
C LYS B 665 3.70 -20.55 -13.55
N PRO B 666 3.64 -20.75 -12.20
CA PRO B 666 2.37 -20.83 -11.48
C PRO B 666 1.42 -19.67 -11.73
N CYS B 667 1.95 -18.55 -12.22
CA CYS B 667 1.11 -17.37 -12.43
C CYS B 667 1.05 -16.94 -13.89
N ILE B 668 1.47 -17.81 -14.79
CA ILE B 668 1.41 -17.52 -16.23
C ILE B 668 -0.02 -17.27 -16.68
N ALA B 669 -0.96 -18.04 -16.15
CA ALA B 669 -2.37 -17.84 -16.43
C ALA B 669 -2.81 -16.42 -16.10
N ASP B 670 -2.19 -15.82 -15.08
CA ASP B 670 -2.55 -14.48 -14.60
C ASP B 670 -1.91 -13.38 -15.43
N PHE B 671 -0.68 -13.63 -15.88
CA PHE B 671 0.12 -12.66 -16.60
C PHE B 671 -0.32 -12.50 -18.04
N MET B 672 -0.65 -13.62 -18.67
CA MET B 672 -0.92 -13.64 -20.09
C MET B 672 -2.10 -12.75 -20.53
N PRO B 673 -3.25 -12.83 -19.83
CA PRO B 673 -4.37 -11.97 -20.22
C PRO B 673 -4.03 -10.50 -20.13
N ILE B 674 -3.12 -10.14 -19.23
CA ILE B 674 -2.67 -8.75 -19.10
C ILE B 674 -1.61 -8.39 -20.12
N LEU B 675 -0.71 -9.35 -20.40
CA LEU B 675 0.22 -9.23 -21.51
C LEU B 675 -0.57 -8.95 -22.80
N GLY B 676 -1.65 -9.71 -23.00
CA GLY B 676 -2.58 -9.47 -24.09
C GLY B 676 -3.09 -8.04 -24.14
N THR B 677 -3.76 -7.59 -23.08
CA THR B 677 -4.37 -6.25 -23.08
C THR B 677 -3.36 -5.13 -23.22
N ASN B 678 -2.09 -5.47 -23.00
CA ASN B 678 -1.01 -4.51 -23.15
C ASN B 678 -0.32 -4.57 -24.50
N LEU B 679 -0.79 -5.46 -25.37
CA LEU B 679 -0.32 -5.47 -26.76
C LEU B 679 -1.00 -4.34 -27.52
N ASN B 680 -0.81 -3.13 -27.01
CA ASN B 680 -1.40 -1.92 -27.57
C ASN B 680 -0.33 -1.00 -28.12
N PRO B 681 -0.30 -0.84 -29.45
CA PRO B 681 0.73 -0.13 -30.22
C PRO B 681 0.92 1.34 -29.86
N GLU B 682 -0.04 1.96 -29.19
CA GLU B 682 0.08 3.39 -28.86
C GLU B 682 1.29 3.65 -27.97
N PHE B 683 1.35 3.00 -26.81
CA PHE B 683 2.55 3.05 -25.97
C PHE B 683 3.52 2.00 -26.51
N ILE B 684 4.51 2.45 -27.27
CA ILE B 684 5.50 1.57 -27.94
C ILE B 684 6.24 0.66 -26.96
N SER B 685 7.02 1.24 -26.06
CA SER B 685 7.85 0.48 -25.11
C SER B 685 7.10 -0.56 -24.29
N VAL B 686 5.81 -0.31 -24.05
CA VAL B 686 5.01 -1.24 -23.30
C VAL B 686 4.71 -2.42 -24.21
N CYS B 687 4.19 -2.11 -25.41
CA CYS B 687 3.97 -3.09 -26.47
C CYS B 687 5.23 -3.91 -26.76
N ASN B 688 6.36 -3.23 -26.87
CA ASN B 688 7.64 -3.87 -27.13
C ASN B 688 8.05 -4.88 -26.08
N ASN B 689 7.90 -4.52 -24.81
CA ASN B 689 8.30 -5.41 -23.72
C ASN B 689 7.26 -6.47 -23.49
N ALA B 690 6.00 -6.12 -23.72
CA ALA B 690 4.91 -7.08 -23.67
C ALA B 690 5.21 -8.18 -24.66
N THR B 691 5.39 -7.77 -25.92
CA THR B 691 5.76 -8.66 -27.00
C THR B 691 6.98 -9.48 -26.63
N TRP B 692 8.07 -8.81 -26.26
CA TRP B 692 9.29 -9.51 -25.87
C TRP B 692 9.05 -10.60 -24.83
N ALA B 693 8.25 -10.29 -23.81
CA ALA B 693 8.02 -11.24 -22.73
C ALA B 693 7.27 -12.47 -23.23
N ILE B 694 6.14 -12.27 -23.91
CA ILE B 694 5.37 -13.37 -24.50
C ILE B 694 6.33 -14.32 -25.20
N GLY B 695 7.02 -13.81 -26.22
CA GLY B 695 8.07 -14.56 -26.90
C GLY B 695 8.87 -15.42 -25.94
N GLU B 696 9.45 -14.79 -24.92
CA GLU B 696 10.36 -15.47 -24.01
C GLU B 696 9.66 -16.51 -23.13
N ILE B 697 8.37 -16.32 -22.91
CA ILE B 697 7.59 -17.28 -22.11
C ILE B 697 7.42 -18.58 -22.89
N SER B 698 7.04 -18.47 -24.16
CA SER B 698 7.00 -19.61 -25.09
C SER B 698 8.17 -20.56 -24.93
N ILE B 699 9.38 -20.07 -25.22
CA ILE B 699 10.58 -20.87 -25.08
C ILE B 699 10.43 -21.83 -23.92
N GLN B 700 10.17 -21.29 -22.72
CA GLN B 700 10.11 -22.07 -21.49
C GLN B 700 8.89 -22.99 -21.41
N MET B 701 7.74 -22.50 -21.88
CA MET B 701 6.46 -23.23 -21.77
C MET B 701 6.20 -24.31 -22.82
N GLY B 702 7.02 -24.33 -23.88
CA GLY B 702 6.83 -25.27 -24.97
C GLY B 702 5.37 -25.35 -25.40
N ILE B 703 4.83 -26.57 -25.41
CA ILE B 703 3.51 -26.85 -25.98
C ILE B 703 2.34 -26.37 -25.11
N GLU B 704 2.63 -26.13 -23.83
CA GLU B 704 1.64 -25.61 -22.87
C GLU B 704 1.19 -24.18 -23.16
N MET B 705 1.93 -23.48 -24.01
CA MET B 705 1.65 -22.09 -24.37
C MET B 705 0.33 -21.98 -25.13
N GLN B 706 -0.14 -23.11 -25.63
CA GLN B 706 -1.26 -23.16 -26.55
C GLN B 706 -2.55 -22.45 -26.11
N PRO B 707 -3.07 -22.77 -24.90
CA PRO B 707 -4.34 -22.18 -24.47
C PRO B 707 -4.29 -20.66 -24.45
N TYR B 708 -3.08 -20.11 -24.41
CA TYR B 708 -2.87 -18.66 -24.24
C TYR B 708 -2.65 -17.92 -25.54
N ILE B 709 -2.49 -18.66 -26.64
CA ILE B 709 -2.24 -18.04 -27.95
C ILE B 709 -3.41 -17.19 -28.51
N PRO B 710 -4.67 -17.64 -28.35
CA PRO B 710 -5.80 -16.81 -28.84
C PRO B 710 -5.90 -15.43 -28.17
N MET B 711 -5.43 -15.32 -26.93
CA MET B 711 -5.35 -14.05 -26.20
C MET B 711 -4.41 -13.04 -26.86
N VAL B 712 -3.28 -13.54 -27.36
CA VAL B 712 -2.24 -12.68 -27.85
C VAL B 712 -2.18 -12.55 -29.36
N LEU B 713 -2.45 -13.65 -30.07
CA LEU B 713 -2.16 -13.74 -31.51
C LEU B 713 -2.70 -12.62 -32.38
N HIS B 714 -4.01 -12.39 -32.30
CA HIS B 714 -4.61 -11.37 -33.16
C HIS B 714 -4.05 -9.96 -33.03
N GLN B 715 -3.65 -9.58 -31.82
CA GLN B 715 -3.06 -8.25 -31.61
C GLN B 715 -1.71 -8.17 -32.31
N LEU B 716 -0.87 -9.19 -32.10
CA LEU B 716 0.43 -9.30 -32.76
C LEU B 716 0.32 -9.22 -34.30
N VAL B 717 -0.62 -9.99 -34.85
CA VAL B 717 -0.85 -10.04 -36.30
C VAL B 717 -1.34 -8.70 -36.85
N GLU B 718 -2.08 -7.96 -36.02
CA GLU B 718 -2.58 -6.65 -36.39
C GLU B 718 -1.49 -5.59 -36.29
N ILE B 719 -0.56 -5.81 -35.36
CA ILE B 719 0.53 -4.88 -35.10
C ILE B 719 1.63 -4.96 -36.17
N ILE B 720 1.88 -6.18 -36.65
CA ILE B 720 2.88 -6.38 -37.71
C ILE B 720 2.38 -5.85 -39.06
N ASN B 721 1.06 -5.87 -39.24
CA ASN B 721 0.39 -5.27 -40.40
C ASN B 721 0.09 -3.77 -40.26
N ARG B 722 0.13 -3.25 -39.04
CA ARG B 722 -0.05 -1.82 -38.79
C ARG B 722 1.05 -0.99 -39.46
N PRO B 723 0.67 0.01 -40.28
CA PRO B 723 1.63 0.86 -40.98
C PRO B 723 2.31 1.89 -40.07
N ASN B 724 3.42 2.46 -40.52
CA ASN B 724 4.17 3.51 -39.81
C ASN B 724 4.63 3.17 -38.38
N THR B 725 4.84 1.88 -38.09
CA THR B 725 5.30 1.47 -36.76
C THR B 725 6.80 1.21 -36.76
N PRO B 726 7.49 1.54 -35.66
CA PRO B 726 8.97 1.51 -35.66
C PRO B 726 9.55 0.14 -35.97
N LYS B 727 10.77 0.11 -36.50
CA LYS B 727 11.44 -1.16 -36.85
C LYS B 727 11.61 -2.06 -35.63
N THR B 728 12.09 -1.49 -34.51
CA THR B 728 12.38 -2.26 -33.31
C THR B 728 11.20 -3.11 -32.83
N LEU B 729 10.00 -2.53 -32.91
CA LEU B 729 8.81 -3.25 -32.45
C LEU B 729 8.33 -4.24 -33.49
N LEU B 730 8.45 -3.88 -34.77
CA LEU B 730 8.12 -4.83 -35.83
C LEU B 730 9.02 -6.05 -35.76
N GLU B 731 10.33 -5.80 -35.65
CA GLU B 731 11.32 -6.85 -35.46
C GLU B 731 10.94 -7.81 -34.31
N ASN B 732 10.66 -7.26 -33.13
CA ASN B 732 10.22 -8.06 -31.98
C ASN B 732 8.95 -8.85 -32.21
N THR B 733 7.97 -8.20 -32.84
CA THR B 733 6.68 -8.83 -33.15
C THR B 733 6.90 -10.06 -34.01
N ALA B 734 7.75 -9.92 -35.02
CA ALA B 734 8.07 -11.01 -35.90
C ALA B 734 8.70 -12.16 -35.11
N ILE B 735 9.78 -11.87 -34.39
CA ILE B 735 10.47 -12.89 -33.59
C ILE B 735 9.48 -13.67 -32.71
N THR B 736 8.52 -12.95 -32.13
CA THR B 736 7.58 -13.52 -31.16
C THR B 736 6.55 -14.44 -31.83
N ILE B 737 6.02 -14.03 -32.97
CA ILE B 737 5.17 -14.88 -33.80
C ILE B 737 5.91 -16.17 -34.20
N GLY B 738 7.16 -16.03 -34.62
CA GLY B 738 8.02 -17.19 -34.89
C GLY B 738 8.09 -18.13 -33.70
N ARG B 739 8.48 -17.58 -32.55
CA ARG B 739 8.59 -18.35 -31.32
C ARG B 739 7.28 -19.06 -30.93
N LEU B 740 6.18 -18.33 -31.03
CA LEU B 740 4.85 -18.88 -30.81
C LEU B 740 4.55 -19.96 -31.83
N GLY B 741 4.90 -19.70 -33.08
CA GLY B 741 4.77 -20.68 -34.16
C GLY B 741 5.54 -21.96 -33.93
N TYR B 742 6.74 -21.83 -33.37
CA TYR B 742 7.64 -22.96 -33.19
C TYR B 742 7.12 -24.00 -32.20
N VAL B 743 6.42 -23.53 -31.18
CA VAL B 743 5.94 -24.41 -30.10
C VAL B 743 4.49 -24.85 -30.30
N CYS B 744 3.74 -24.05 -31.06
CA CYS B 744 2.34 -24.34 -31.33
C CYS B 744 1.95 -24.00 -32.77
N PRO B 745 2.43 -24.81 -33.73
CA PRO B 745 2.19 -24.48 -35.14
C PRO B 745 0.71 -24.59 -35.47
N GLN B 746 0.00 -25.45 -34.75
CA GLN B 746 -1.40 -25.72 -35.05
C GLN B 746 -2.31 -24.51 -34.79
N GLU B 747 -1.87 -23.61 -33.92
CA GLU B 747 -2.65 -22.41 -33.57
C GLU B 747 -2.20 -21.19 -34.37
N VAL B 748 -0.91 -21.11 -34.65
CA VAL B 748 -0.36 -19.97 -35.35
C VAL B 748 -0.44 -20.11 -36.88
N ALA B 749 -0.07 -21.29 -37.40
CA ALA B 749 -0.02 -21.53 -38.85
C ALA B 749 -1.30 -21.18 -39.64
N PRO B 750 -2.50 -21.48 -39.08
CA PRO B 750 -3.72 -21.05 -39.76
C PRO B 750 -3.72 -19.60 -40.25
N MET B 751 -2.89 -18.74 -39.65
CA MET B 751 -2.87 -17.33 -40.02
C MET B 751 -1.63 -16.91 -40.77
N LEU B 752 -0.84 -17.91 -41.19
CA LEU B 752 0.44 -17.70 -41.89
C LEU B 752 0.32 -16.71 -43.04
N GLN B 753 -0.78 -16.80 -43.78
CA GLN B 753 -1.01 -15.95 -44.94
C GLN B 753 -1.05 -14.45 -44.64
N GLN B 754 -1.61 -14.07 -43.49
CA GLN B 754 -1.86 -12.65 -43.19
C GLN B 754 -0.64 -11.91 -42.67
N PHE B 755 0.43 -12.65 -42.37
CA PHE B 755 1.63 -12.04 -41.79
C PHE B 755 3.01 -12.36 -42.39
N ILE B 756 3.08 -13.14 -43.48
CA ILE B 756 4.40 -13.44 -44.05
C ILE B 756 4.94 -12.18 -44.71
N ARG B 757 4.04 -11.44 -45.32
CA ARG B 757 4.36 -10.18 -45.97
C ARG B 757 5.34 -9.35 -45.12
N PRO B 758 4.89 -8.86 -43.94
CA PRO B 758 5.77 -7.94 -43.25
C PRO B 758 6.80 -8.65 -42.41
N TRP B 759 6.47 -9.86 -41.95
CA TRP B 759 7.40 -10.73 -41.22
C TRP B 759 8.72 -10.82 -42.00
N CYS B 760 8.62 -11.23 -43.25
CA CYS B 760 9.80 -11.38 -44.10
C CYS B 760 10.49 -10.06 -44.40
N THR B 761 9.70 -9.01 -44.65
CA THR B 761 10.23 -7.66 -44.88
C THR B 761 11.08 -7.19 -43.70
N SER B 762 10.69 -7.58 -42.49
CA SER B 762 11.31 -7.07 -41.27
C SER B 762 12.46 -7.92 -40.77
N LEU B 763 12.28 -9.24 -40.76
CA LEU B 763 13.32 -10.13 -40.23
C LEU B 763 14.47 -10.38 -41.20
N ARG B 764 14.23 -10.12 -42.48
CA ARG B 764 15.30 -10.20 -43.48
C ARG B 764 16.39 -9.16 -43.24
N ASN B 765 16.13 -8.20 -42.35
CA ASN B 765 17.05 -7.09 -42.08
C ASN B 765 17.95 -7.23 -40.84
N ILE B 766 17.87 -8.35 -40.12
CA ILE B 766 18.69 -8.51 -38.91
C ILE B 766 19.76 -9.58 -38.97
N ARG B 767 20.86 -9.33 -38.26
CA ARG B 767 22.00 -10.24 -38.18
C ARG B 767 21.60 -11.68 -37.78
N ASP B 768 22.46 -12.64 -38.11
CA ASP B 768 22.18 -14.07 -37.91
C ASP B 768 22.40 -14.50 -36.46
N ASN B 769 21.46 -14.17 -35.58
CA ASN B 769 21.61 -14.50 -34.17
C ASN B 769 20.63 -15.55 -33.69
N GLU B 770 20.73 -15.87 -32.40
CA GLU B 770 19.92 -16.92 -31.77
C GLU B 770 18.44 -16.65 -31.95
N GLU B 771 18.02 -15.40 -31.80
CA GLU B 771 16.59 -15.10 -31.92
C GLU B 771 16.05 -15.31 -33.34
N LYS B 772 16.82 -14.89 -34.34
CA LYS B 772 16.45 -15.09 -35.75
C LYS B 772 16.32 -16.56 -36.10
N ASP B 773 17.30 -17.36 -35.67
CA ASP B 773 17.23 -18.82 -35.77
C ASP B 773 15.88 -19.29 -35.23
N SER B 774 15.67 -19.03 -33.95
CA SER B 774 14.45 -19.41 -33.26
C SER B 774 13.17 -18.91 -33.91
N ALA B 775 13.25 -17.77 -34.61
CA ALA B 775 12.08 -17.23 -35.29
C ALA B 775 11.80 -17.98 -36.58
N PHE B 776 12.86 -18.25 -37.33
CA PHE B 776 12.75 -18.91 -38.64
C PHE B 776 12.39 -20.38 -38.55
N ARG B 777 12.77 -21.02 -37.45
CA ARG B 777 12.29 -22.37 -37.18
C ARG B 777 10.78 -22.34 -37.01
N GLY B 778 10.29 -21.25 -36.46
CA GLY B 778 8.87 -21.00 -36.31
C GLY B 778 8.05 -21.01 -37.58
N ILE B 779 8.51 -20.30 -38.63
CA ILE B 779 7.77 -20.34 -39.90
C ILE B 779 7.90 -21.69 -40.57
N CYS B 780 9.08 -22.29 -40.54
CA CYS B 780 9.31 -23.59 -41.19
C CYS B 780 8.39 -24.68 -40.62
N THR B 781 8.30 -24.75 -39.29
CA THR B 781 7.39 -25.67 -38.60
C THR B 781 5.94 -25.30 -38.91
N MET B 782 5.69 -24.02 -39.17
CA MET B 782 4.36 -23.57 -39.54
C MET B 782 4.06 -23.82 -41.01
N ILE B 783 5.06 -23.65 -41.88
CA ILE B 783 4.88 -23.87 -43.32
C ILE B 783 4.64 -25.33 -43.61
N SER B 784 5.43 -26.20 -43.00
CA SER B 784 5.25 -27.62 -43.20
C SER B 784 4.02 -28.12 -42.44
N VAL B 785 3.11 -27.18 -42.16
CA VAL B 785 1.78 -27.51 -41.61
C VAL B 785 0.68 -26.84 -42.44
N ASN B 786 0.94 -25.64 -42.91
CA ASN B 786 0.04 -24.95 -43.81
C ASN B 786 0.78 -24.28 -44.98
N PRO B 787 1.19 -25.10 -45.99
CA PRO B 787 1.95 -24.54 -47.13
C PRO B 787 1.14 -23.53 -47.91
N SER B 788 -0.18 -23.64 -47.80
CA SER B 788 -1.14 -22.75 -48.48
C SER B 788 -0.97 -21.28 -48.07
N GLY B 789 -0.56 -21.06 -46.83
CA GLY B 789 -0.27 -19.72 -46.30
C GLY B 789 0.83 -19.00 -47.06
N VAL B 790 1.83 -19.77 -47.49
CA VAL B 790 3.05 -19.21 -48.08
C VAL B 790 3.01 -19.06 -49.61
N ILE B 791 2.41 -20.03 -50.30
CA ILE B 791 2.50 -20.09 -51.78
C ILE B 791 2.19 -18.76 -52.45
N GLN B 792 1.01 -18.20 -52.19
CA GLN B 792 0.59 -16.92 -52.77
C GLN B 792 1.62 -15.79 -52.62
N ASP B 793 2.41 -15.85 -51.55
CA ASP B 793 3.38 -14.80 -51.20
C ASP B 793 4.81 -15.32 -51.12
N PHE B 794 5.09 -16.42 -51.83
CA PHE B 794 6.36 -17.15 -51.67
C PHE B 794 7.62 -16.32 -51.94
N ILE B 795 7.49 -15.26 -52.72
CA ILE B 795 8.62 -14.41 -53.09
C ILE B 795 9.35 -13.89 -51.85
N PHE B 796 8.57 -13.48 -50.84
CA PHE B 796 9.10 -12.83 -49.63
C PHE B 796 9.93 -13.78 -48.77
N PHE B 797 9.49 -15.05 -48.73
CA PHE B 797 10.17 -16.09 -47.97
C PHE B 797 11.57 -16.34 -48.51
N CYS B 798 11.68 -16.35 -49.84
CA CYS B 798 12.95 -16.58 -50.52
C CYS B 798 13.97 -15.50 -50.17
N ASP B 799 13.54 -14.25 -50.27
CA ASP B 799 14.36 -13.11 -49.86
C ASP B 799 14.78 -13.23 -48.40
N ALA B 800 13.87 -13.68 -47.56
CA ALA B 800 14.15 -13.90 -46.15
C ALA B 800 15.24 -14.95 -45.94
N VAL B 801 15.10 -16.08 -46.63
CA VAL B 801 16.08 -17.16 -46.59
C VAL B 801 17.40 -16.68 -47.19
N ALA B 802 17.32 -16.02 -48.34
CA ALA B 802 18.49 -15.47 -49.00
C ALA B 802 19.22 -14.41 -48.16
N SER B 803 18.58 -13.92 -47.10
CA SER B 803 19.20 -12.92 -46.22
C SER B 803 20.22 -13.58 -45.30
N TRP B 804 19.93 -14.81 -44.88
CA TRP B 804 20.86 -15.62 -44.09
C TRP B 804 22.17 -15.84 -44.83
N ILE B 805 23.27 -15.49 -44.17
CA ILE B 805 24.61 -15.81 -44.63
C ILE B 805 24.95 -17.21 -44.13
N ASN B 806 25.15 -17.34 -42.82
CA ASN B 806 25.48 -18.62 -42.22
C ASN B 806 24.45 -19.07 -41.17
N PRO B 807 23.49 -19.92 -41.60
CA PRO B 807 22.55 -20.57 -40.69
C PRO B 807 23.11 -21.85 -40.09
N LYS B 808 22.61 -22.22 -38.91
CA LYS B 808 22.95 -23.50 -38.29
C LYS B 808 22.48 -24.58 -39.26
N ASP B 809 23.25 -25.67 -39.37
CA ASP B 809 23.03 -26.61 -40.47
C ASP B 809 21.66 -27.30 -40.49
N ASP B 810 21.07 -27.54 -39.33
CA ASP B 810 19.73 -28.13 -39.30
C ASP B 810 18.66 -27.16 -39.81
N LEU B 811 18.94 -25.86 -39.76
CA LEU B 811 18.04 -24.83 -40.28
C LEU B 811 18.15 -24.72 -41.79
N ARG B 812 19.38 -24.82 -42.30
CA ARG B 812 19.63 -24.81 -43.74
C ARG B 812 18.84 -25.92 -44.42
N ASP B 813 18.72 -27.05 -43.74
CA ASP B 813 17.97 -28.19 -44.25
C ASP B 813 16.51 -27.86 -44.38
N MET B 814 15.92 -27.32 -43.33
CA MET B 814 14.51 -26.97 -43.33
C MET B 814 14.25 -26.04 -44.51
N PHE B 815 15.10 -25.01 -44.64
CA PHE B 815 14.99 -24.06 -45.75
C PHE B 815 15.02 -24.79 -47.07
N CYS B 816 15.94 -25.74 -47.16
CA CYS B 816 16.14 -26.51 -48.37
C CYS B 816 14.86 -27.26 -48.73
N LYS B 817 14.41 -28.15 -47.85
CA LYS B 817 13.21 -28.95 -48.04
C LYS B 817 12.00 -28.13 -48.50
N ILE B 818 11.83 -26.93 -47.93
CA ILE B 818 10.79 -25.99 -48.34
C ILE B 818 10.99 -25.58 -49.80
N LEU B 819 12.18 -25.05 -50.12
CA LEU B 819 12.46 -24.50 -51.46
C LEU B 819 12.35 -25.54 -52.58
N HIS B 820 12.91 -26.73 -52.36
CA HIS B 820 12.80 -27.81 -53.33
C HIS B 820 11.37 -28.27 -53.44
N GLY B 821 10.72 -28.44 -52.30
CA GLY B 821 9.31 -28.80 -52.27
C GLY B 821 8.47 -27.84 -53.09
N PHE B 822 8.93 -26.59 -53.22
CA PHE B 822 8.22 -25.61 -54.02
C PHE B 822 8.54 -25.75 -55.50
N LYS B 823 9.81 -25.70 -55.86
CA LYS B 823 10.26 -26.00 -57.23
C LYS B 823 9.66 -27.31 -57.75
N ASN B 824 9.62 -28.34 -56.90
CA ASN B 824 9.00 -29.59 -57.25
C ASN B 824 7.51 -29.45 -57.52
N GLN B 825 6.83 -28.72 -56.64
CA GLN B 825 5.38 -28.52 -56.74
C GLN B 825 5.03 -27.76 -58.00
N VAL B 826 5.75 -26.67 -58.22
CA VAL B 826 5.57 -25.80 -59.37
C VAL B 826 6.11 -26.43 -60.68
N GLY B 827 7.34 -26.97 -60.61
CA GLY B 827 8.00 -27.57 -61.76
C GLY B 827 9.01 -26.64 -62.40
N ASP B 828 10.13 -27.21 -62.89
CA ASP B 828 11.26 -26.45 -63.48
C ASP B 828 10.84 -25.33 -64.44
N GLU B 829 9.70 -25.54 -65.09
CA GLU B 829 9.16 -24.61 -66.07
C GLU B 829 8.83 -23.25 -65.45
N ASN B 830 7.87 -23.22 -64.52
CA ASN B 830 7.43 -21.96 -63.92
C ASN B 830 8.47 -21.44 -62.95
N TRP B 831 9.21 -22.37 -62.31
CA TRP B 831 10.30 -22.02 -61.42
C TRP B 831 11.35 -21.16 -62.12
N ARG B 832 11.53 -21.39 -63.42
CA ARG B 832 12.46 -20.63 -64.23
C ARG B 832 12.05 -19.16 -64.29
N ARG B 833 10.78 -18.91 -64.61
CA ARG B 833 10.30 -17.52 -64.71
C ARG B 833 10.12 -16.86 -63.34
N PHE B 834 9.80 -17.67 -62.34
CA PHE B 834 9.69 -17.21 -60.95
C PHE B 834 11.02 -16.68 -60.41
N SER B 835 12.12 -17.33 -60.80
CA SER B 835 13.47 -16.95 -60.36
C SER B 835 14.06 -15.74 -61.10
N ASP B 836 13.35 -15.25 -62.10
CA ASP B 836 13.76 -14.07 -62.86
C ASP B 836 13.34 -12.77 -62.21
N GLN B 837 12.40 -12.87 -61.26
CA GLN B 837 11.99 -11.73 -60.42
C GLN B 837 13.16 -11.24 -59.58
N PHE B 838 13.90 -12.20 -59.01
CA PHE B 838 14.97 -11.93 -58.03
C PHE B 838 16.07 -11.00 -58.53
N PRO B 839 16.63 -10.17 -57.62
CA PRO B 839 17.92 -9.55 -57.90
C PRO B 839 18.97 -10.64 -58.02
N LEU B 840 20.01 -10.40 -58.80
CA LEU B 840 21.00 -11.42 -59.09
C LEU B 840 21.55 -12.11 -57.84
N PRO B 841 22.00 -11.33 -56.83
CA PRO B 841 22.54 -11.97 -55.63
C PRO B 841 21.57 -12.94 -54.95
N LEU B 842 20.28 -12.62 -54.97
CA LEU B 842 19.27 -13.47 -54.36
C LEU B 842 19.09 -14.75 -55.16
N LYS B 843 18.96 -14.63 -56.48
CA LYS B 843 18.88 -15.79 -57.37
C LYS B 843 20.17 -16.63 -57.32
N GLU B 844 21.30 -15.98 -57.01
CA GLU B 844 22.60 -16.66 -56.95
C GLU B 844 22.82 -17.43 -55.67
N ARG B 845 22.52 -16.81 -54.52
CA ARG B 845 22.68 -17.48 -53.23
C ARG B 845 21.75 -18.68 -53.10
N LEU B 846 20.50 -18.53 -53.51
CA LEU B 846 19.55 -19.64 -53.45
C LEU B 846 20.04 -20.82 -54.28
N ALA B 847 20.58 -20.51 -55.46
CA ALA B 847 21.17 -21.51 -56.35
C ALA B 847 22.41 -22.21 -55.79
N ALA B 848 23.40 -21.43 -55.37
CA ALA B 848 24.62 -21.98 -54.81
C ALA B 848 24.36 -22.76 -53.53
N PHE B 849 23.73 -22.09 -52.57
CA PHE B 849 23.62 -22.53 -51.18
C PHE B 849 22.57 -23.62 -50.95
N TYR B 850 21.48 -23.59 -51.73
CA TYR B 850 20.38 -24.56 -51.55
C TYR B 850 20.17 -25.46 -52.77
N GLY B 851 20.90 -25.18 -53.86
CA GLY B 851 20.88 -26.01 -55.06
C GLY B 851 19.54 -25.96 -55.75
N VAL B 852 19.01 -24.77 -55.93
CA VAL B 852 17.65 -24.61 -56.43
C VAL B 852 17.63 -23.71 -57.66
N GLU C 11 -25.54 -21.04 4.71
CA GLU C 11 -24.84 -21.53 5.94
C GLU C 11 -23.46 -20.87 6.11
N LYS C 12 -23.40 -19.57 5.82
CA LYS C 12 -22.19 -18.78 6.01
C LYS C 12 -22.04 -18.34 7.47
N ASN C 13 -20.83 -18.00 7.88
CA ASN C 13 -20.54 -17.49 9.23
C ASN C 13 -19.22 -16.72 9.30
N LYS C 15 -20.43 -10.52 15.06
CA LYS C 15 -19.20 -11.20 15.51
C LYS C 15 -18.30 -10.32 16.41
N ARG C 16 -17.97 -9.10 15.92
CA ARG C 16 -16.99 -8.19 16.55
C ARG C 16 -17.30 -7.76 17.99
N GLY C 17 -18.57 -7.93 18.37
CA GLY C 17 -19.04 -7.53 19.69
C GLY C 17 -19.62 -8.66 20.54
N GLY C 18 -19.92 -8.30 21.78
CA GLY C 18 -20.50 -9.22 22.77
C GLY C 18 -20.59 -8.44 24.07
N ASN C 19 -20.78 -7.12 23.93
CA ASN C 19 -20.80 -6.17 25.05
C ASN C 19 -22.11 -6.18 25.83
N ARG C 20 -22.80 -7.30 25.81
CA ARG C 20 -24.03 -7.45 26.57
C ARG C 20 -23.77 -7.43 28.07
N PHE C 21 -24.85 -7.30 28.84
CA PHE C 21 -24.77 -7.10 30.27
C PHE C 21 -24.56 -8.42 30.98
N GLU C 22 -23.58 -8.46 31.89
CA GLU C 22 -23.39 -9.60 32.78
C GLU C 22 -23.20 -9.11 34.20
N PRO C 23 -23.79 -9.80 35.18
CA PRO C 23 -23.58 -9.45 36.58
C PRO C 23 -22.19 -9.86 37.07
N TYR C 24 -21.69 -11.00 36.61
CA TYR C 24 -20.43 -11.54 37.10
C TYR C 24 -19.45 -11.99 36.01
N ALA C 25 -18.96 -11.03 35.24
CA ALA C 25 -17.94 -11.31 34.24
C ALA C 25 -16.58 -11.24 34.91
N ASN C 26 -15.73 -12.22 34.58
CA ASN C 26 -14.40 -12.32 35.17
C ASN C 26 -13.35 -11.68 34.24
N PRO C 27 -12.67 -10.61 34.71
CA PRO C 27 -11.62 -9.97 33.90
C PRO C 27 -10.34 -10.84 33.74
N THR C 28 -10.27 -11.97 34.44
CA THR C 28 -9.25 -13.00 34.17
C THR C 28 -9.47 -13.59 32.78
N LYS D 10 19.37 -5.10 -25.89
CA LYS D 10 18.90 -5.83 -27.05
C LYS D 10 17.42 -6.21 -26.91
N GLU D 11 16.58 -5.60 -27.73
CA GLU D 11 15.18 -6.00 -27.82
C GLU D 11 14.47 -5.85 -26.48
N LYS D 12 14.76 -4.75 -25.79
CA LYS D 12 14.15 -4.48 -24.49
C LYS D 12 14.47 -3.08 -24.01
N ASN D 13 13.43 -2.36 -23.58
CA ASN D 13 13.55 -0.92 -23.32
C ASN D 13 13.58 -0.49 -21.84
N ILE D 14 13.62 0.82 -21.60
CA ILE D 14 13.79 1.48 -20.27
C ILE D 14 15.19 1.33 -19.62
N LYS D 15 15.86 2.48 -19.49
CA LYS D 15 17.26 2.62 -19.07
C LYS D 15 17.60 4.11 -19.23
N ARG D 16 17.13 4.92 -18.28
CA ARG D 16 17.20 6.39 -18.34
C ARG D 16 18.46 6.97 -19.03
N GLY D 17 18.23 7.74 -20.10
CA GLY D 17 19.30 8.29 -20.94
C GLY D 17 20.28 9.25 -20.27
N GLY D 18 21.30 9.67 -21.02
CA GLY D 18 22.38 10.49 -20.49
C GLY D 18 22.33 11.99 -20.76
N ASN D 19 22.03 12.76 -19.71
CA ASN D 19 22.19 14.22 -19.72
C ASN D 19 23.66 14.62 -19.45
N ARG D 20 24.44 14.60 -20.54
CA ARG D 20 25.87 14.85 -20.51
C ARG D 20 26.20 16.28 -20.95
N PHE D 21 27.48 16.62 -20.94
CA PHE D 21 27.90 17.95 -21.34
C PHE D 21 27.65 18.18 -22.81
N GLU D 22 26.97 19.28 -23.12
CA GLU D 22 26.85 19.78 -24.48
C GLU D 22 26.90 21.30 -24.44
N PRO D 23 27.60 21.92 -25.40
CA PRO D 23 27.82 23.35 -25.33
C PRO D 23 26.63 24.20 -25.83
N TYR D 24 25.93 23.73 -26.85
CA TYR D 24 24.84 24.50 -27.42
C TYR D 24 23.50 23.76 -27.40
N ALA D 25 23.10 23.34 -26.22
CA ALA D 25 21.82 22.67 -26.05
C ALA D 25 20.67 23.67 -26.09
N ASN D 26 19.67 23.36 -26.91
CA ASN D 26 18.48 24.20 -27.07
C ASN D 26 17.41 23.89 -26.02
N PRO D 27 17.09 24.88 -25.16
CA PRO D 27 16.21 24.64 -24.02
C PRO D 27 14.71 24.70 -24.38
N THR D 28 14.40 24.84 -25.66
CA THR D 28 13.01 24.75 -26.14
C THR D 28 12.69 23.33 -26.64
N LYS D 29 13.31 22.94 -27.76
CA LYS D 29 13.16 21.59 -28.37
C LYS D 29 11.69 21.13 -28.55
#